data_2V6Y
# 
_entry.id   2V6Y 
# 
_audit_conform.dict_name       mmcif_pdbx.dic 
_audit_conform.dict_version    5.391 
_audit_conform.dict_location   http://mmcif.pdb.org/dictionaries/ascii/mmcif_pdbx.dic 
# 
loop_
_database_2.database_id 
_database_2.database_code 
_database_2.pdbx_database_accession 
_database_2.pdbx_DOI 
PDB   2V6Y         pdb_00002v6y 10.2210/pdb2v6y/pdb 
PDBE  EBI-33264    ?            ?                   
WWPDB D_1290033264 ?            ?                   
# 
loop_
_pdbx_audit_revision_history.ordinal 
_pdbx_audit_revision_history.data_content_type 
_pdbx_audit_revision_history.major_revision 
_pdbx_audit_revision_history.minor_revision 
_pdbx_audit_revision_history.revision_date 
1 'Structure model' 1 0 2007-10-16 
2 'Structure model' 1 1 2011-07-13 
3 'Structure model' 1 2 2024-05-08 
# 
_pdbx_audit_revision_details.ordinal             1 
_pdbx_audit_revision_details.revision_ordinal    1 
_pdbx_audit_revision_details.data_content_type   'Structure model' 
_pdbx_audit_revision_details.provider            repository 
_pdbx_audit_revision_details.type                'Initial release' 
_pdbx_audit_revision_details.description         ? 
_pdbx_audit_revision_details.details             ? 
# 
loop_
_pdbx_audit_revision_group.ordinal 
_pdbx_audit_revision_group.revision_ordinal 
_pdbx_audit_revision_group.data_content_type 
_pdbx_audit_revision_group.group 
1 2 'Structure model' Advisory                    
2 2 'Structure model' 'Refinement description'    
3 2 'Structure model' 'Version format compliance' 
4 3 'Structure model' 'Data collection'           
5 3 'Structure model' 'Database references'       
6 3 'Structure model' Other                       
# 
loop_
_pdbx_audit_revision_category.ordinal 
_pdbx_audit_revision_category.revision_ordinal 
_pdbx_audit_revision_category.data_content_type 
_pdbx_audit_revision_category.category 
1 3 'Structure model' chem_comp_atom       
2 3 'Structure model' chem_comp_bond       
3 3 'Structure model' database_2           
4 3 'Structure model' pdbx_database_status 
# 
loop_
_pdbx_audit_revision_item.ordinal 
_pdbx_audit_revision_item.revision_ordinal 
_pdbx_audit_revision_item.data_content_type 
_pdbx_audit_revision_item.item 
1 3 'Structure model' '_database_2.pdbx_DOI'                 
2 3 'Structure model' '_database_2.pdbx_database_accession'  
3 3 'Structure model' '_pdbx_database_status.status_code_sf' 
# 
_pdbx_database_status.status_code                     REL 
_pdbx_database_status.entry_id                        2V6Y 
_pdbx_database_status.deposit_site                    PDBE 
_pdbx_database_status.process_site                    PDBE 
_pdbx_database_status.SG_entry                        . 
_pdbx_database_status.recvd_initial_deposition_date   2007-07-24 
_pdbx_database_status.pdb_format_compatible           Y 
_pdbx_database_status.status_code_sf                  REL 
_pdbx_database_status.status_code_mr                  ? 
_pdbx_database_status.status_code_cs                  ? 
_pdbx_database_status.methods_development_category    ? 
_pdbx_database_status.status_code_nmr_data            ? 
# 
loop_
_audit_author.name 
_audit_author.pdbx_ordinal 
'Obita, T.'           1 
'Saksena, S.'         2 
'Ghazi-Tabatabai, S.' 3 
'Gill, D.J.'          4 
'Perisic, O.'         5 
'Emr, S.D.'           6 
'Williams, R.L.'      7 
# 
_citation.id                        primary 
_citation.title                     'Structural Basis for Selective Recognition of Escrt-III by the Aaa ATPase Vps4' 
_citation.journal_abbrev            Nature 
_citation.journal_volume            449 
_citation.page_first                735 
_citation.page_last                 ? 
_citation.year                      2007 
_citation.journal_id_ASTM           NATUAS 
_citation.country                   UK 
_citation.journal_id_ISSN           0028-0836 
_citation.journal_id_CSD            0006 
_citation.book_publisher            ? 
_citation.pdbx_database_id_PubMed   17928861 
_citation.pdbx_database_id_DOI      10.1038/NATURE06171 
# 
loop_
_citation_author.citation_id 
_citation_author.name 
_citation_author.ordinal 
_citation_author.identifier_ORCID 
primary 'Obita, T.'           1 ? 
primary 'Saksena, S.'         2 ? 
primary 'Ghazi-Tabatabai, S.' 3 ? 
primary 'Gill, D.J.'          4 ? 
primary 'Perisic, O.'         5 ? 
primary 'Emr, S.D.'           6 ? 
primary 'Williams, R.L.'      7 ? 
# 
loop_
_entity.id 
_entity.type 
_entity.src_method 
_entity.pdbx_description 
_entity.formula_weight 
_entity.pdbx_number_of_molecules 
_entity.pdbx_ec 
_entity.pdbx_mutation 
_entity.pdbx_fragment 
_entity.details 
1 polymer     man 'AAA FAMILY ATPASE, P60 KATANIN' 9363.847 1 3.6.4.6 ? 'MIT DOMAIN, RESIDUES 1-83' ? 
2 polymer     man 'AAA FAMILY ATPASE, P60 KATANIN' 9349.820 1 3.6.4.6 ? 'MIT DOMAIN, RESIDUES 1-83' ? 
3 non-polymer syn 'S,R MESO-TARTARIC ACID'         150.087  2 ?       ? ?                           ? 
4 water       nat water                            18.015   8 ?       ? ?                           ? 
# 
loop_
_entity_name_com.entity_id 
_entity_name_com.name 
1 'VPS4-LIKE AAA-ATPASE' 
2 'VPS4-LIKE AAA-ATPASE' 
# 
loop_
_entity_poly.entity_id 
_entity_poly.type 
_entity_poly.nstd_linkage 
_entity_poly.nstd_monomer 
_entity_poly.pdbx_seq_one_letter_code 
_entity_poly.pdbx_seq_one_letter_code_can 
_entity_poly.pdbx_strand_id 
_entity_poly.pdbx_target_identifier 
1 'polypeptide(L)' no no 
;MSAQVMLEDMARKYAILAVKADKEGKVEDAITYYKKAIEVLSQIIVLYPESVARTAYEQMINEYKKRISYLEKVLPASSD
GSG
;
;MSAQVMLEDMARKYAILAVKADKEGKVEDAITYYKKAIEVLSQIIVLYPESVARTAYEQMINEYKKRISYLEKVLPASSD
GSG
;
A ? 
2 'polypeptide(L)' no no 
;MSAQVMLEDMARKYAILAVKADKEGKVDDAITYYKKAIEVLSQIIVLYPESVARTAYEQMINEYKKRISYLEKVLPASSD
GSG
;
;MSAQVMLEDMARKYAILAVKADKEGKVDDAITYYKKAIEVLSQIIVLYPESVARTAYEQMINEYKKRISYLEKVLPASSD
GSG
;
B ? 
# 
loop_
_pdbx_entity_nonpoly.entity_id 
_pdbx_entity_nonpoly.name 
_pdbx_entity_nonpoly.comp_id 
3 'S,R MESO-TARTARIC ACID' SRT 
4 water                    HOH 
# 
loop_
_entity_poly_seq.entity_id 
_entity_poly_seq.num 
_entity_poly_seq.mon_id 
_entity_poly_seq.hetero 
1 1  MET n 
1 2  SER n 
1 3  ALA n 
1 4  GLN n 
1 5  VAL n 
1 6  MET n 
1 7  LEU n 
1 8  GLU n 
1 9  ASP n 
1 10 MET n 
1 11 ALA n 
1 12 ARG n 
1 13 LYS n 
1 14 TYR n 
1 15 ALA n 
1 16 ILE n 
1 17 LEU n 
1 18 ALA n 
1 19 VAL n 
1 20 LYS n 
1 21 ALA n 
1 22 ASP n 
1 23 LYS n 
1 24 GLU n 
1 25 GLY n 
1 26 LYS n 
1 27 VAL n 
1 28 GLU n 
1 29 ASP n 
1 30 ALA n 
1 31 ILE n 
1 32 THR n 
1 33 TYR n 
1 34 TYR n 
1 35 LYS n 
1 36 LYS n 
1 37 ALA n 
1 38 ILE n 
1 39 GLU n 
1 40 VAL n 
1 41 LEU n 
1 42 SER n 
1 43 GLN n 
1 44 ILE n 
1 45 ILE n 
1 46 VAL n 
1 47 LEU n 
1 48 TYR n 
1 49 PRO n 
1 50 GLU n 
1 51 SER n 
1 52 VAL n 
1 53 ALA n 
1 54 ARG n 
1 55 THR n 
1 56 ALA n 
1 57 TYR n 
1 58 GLU n 
1 59 GLN n 
1 60 MET n 
1 61 ILE n 
1 62 ASN n 
1 63 GLU n 
1 64 TYR n 
1 65 LYS n 
1 66 LYS n 
1 67 ARG n 
1 68 ILE n 
1 69 SER n 
1 70 TYR n 
1 71 LEU n 
1 72 GLU n 
1 73 LYS n 
1 74 VAL n 
1 75 LEU n 
1 76 PRO n 
1 77 ALA n 
1 78 SER n 
1 79 SER n 
1 80 ASP n 
1 81 GLY n 
1 82 SER n 
1 83 GLY n 
2 1  MET n 
2 2  SER n 
2 3  ALA n 
2 4  GLN n 
2 5  VAL n 
2 6  MET n 
2 7  LEU n 
2 8  GLU n 
2 9  ASP n 
2 10 MET n 
2 11 ALA n 
2 12 ARG n 
2 13 LYS n 
2 14 TYR n 
2 15 ALA n 
2 16 ILE n 
2 17 LEU n 
2 18 ALA n 
2 19 VAL n 
2 20 LYS n 
2 21 ALA n 
2 22 ASP n 
2 23 LYS n 
2 24 GLU n 
2 25 GLY n 
2 26 LYS n 
2 27 VAL n 
2 28 ASP n 
2 29 ASP n 
2 30 ALA n 
2 31 ILE n 
2 32 THR n 
2 33 TYR n 
2 34 TYR n 
2 35 LYS n 
2 36 LYS n 
2 37 ALA n 
2 38 ILE n 
2 39 GLU n 
2 40 VAL n 
2 41 LEU n 
2 42 SER n 
2 43 GLN n 
2 44 ILE n 
2 45 ILE n 
2 46 VAL n 
2 47 LEU n 
2 48 TYR n 
2 49 PRO n 
2 50 GLU n 
2 51 SER n 
2 52 VAL n 
2 53 ALA n 
2 54 ARG n 
2 55 THR n 
2 56 ALA n 
2 57 TYR n 
2 58 GLU n 
2 59 GLN n 
2 60 MET n 
2 61 ILE n 
2 62 ASN n 
2 63 GLU n 
2 64 TYR n 
2 65 LYS n 
2 66 LYS n 
2 67 ARG n 
2 68 ILE n 
2 69 SER n 
2 70 TYR n 
2 71 LEU n 
2 72 GLU n 
2 73 LYS n 
2 74 VAL n 
2 75 LEU n 
2 76 PRO n 
2 77 ALA n 
2 78 SER n 
2 79 SER n 
2 80 ASP n 
2 81 GLY n 
2 82 SER n 
2 83 GLY n 
# 
loop_
_entity_src_gen.entity_id 
_entity_src_gen.pdbx_src_id 
_entity_src_gen.pdbx_alt_source_flag 
_entity_src_gen.pdbx_seq_type 
_entity_src_gen.pdbx_beg_seq_num 
_entity_src_gen.pdbx_end_seq_num 
_entity_src_gen.gene_src_common_name 
_entity_src_gen.gene_src_genus 
_entity_src_gen.pdbx_gene_src_gene 
_entity_src_gen.gene_src_species 
_entity_src_gen.gene_src_strain 
_entity_src_gen.gene_src_tissue 
_entity_src_gen.gene_src_tissue_fraction 
_entity_src_gen.gene_src_details 
_entity_src_gen.pdbx_gene_src_fragment 
_entity_src_gen.pdbx_gene_src_scientific_name 
_entity_src_gen.pdbx_gene_src_ncbi_taxonomy_id 
_entity_src_gen.pdbx_gene_src_variant 
_entity_src_gen.pdbx_gene_src_cell_line 
_entity_src_gen.pdbx_gene_src_atcc 
_entity_src_gen.pdbx_gene_src_organ 
_entity_src_gen.pdbx_gene_src_organelle 
_entity_src_gen.pdbx_gene_src_cell 
_entity_src_gen.pdbx_gene_src_cellular_location 
_entity_src_gen.host_org_common_name 
_entity_src_gen.pdbx_host_org_scientific_name 
_entity_src_gen.pdbx_host_org_ncbi_taxonomy_id 
_entity_src_gen.host_org_genus 
_entity_src_gen.pdbx_host_org_gene 
_entity_src_gen.pdbx_host_org_organ 
_entity_src_gen.host_org_species 
_entity_src_gen.pdbx_host_org_tissue 
_entity_src_gen.pdbx_host_org_tissue_fraction 
_entity_src_gen.pdbx_host_org_strain 
_entity_src_gen.pdbx_host_org_variant 
_entity_src_gen.pdbx_host_org_cell_line 
_entity_src_gen.pdbx_host_org_atcc 
_entity_src_gen.pdbx_host_org_culture_collection 
_entity_src_gen.pdbx_host_org_cell 
_entity_src_gen.pdbx_host_org_organelle 
_entity_src_gen.pdbx_host_org_cellular_location 
_entity_src_gen.pdbx_host_org_vector_type 
_entity_src_gen.pdbx_host_org_vector 
_entity_src_gen.host_org_details 
_entity_src_gen.expression_system_id 
_entity_src_gen.plasmid_name 
_entity_src_gen.plasmid_details 
_entity_src_gen.pdbx_description 
1 1 sample ? ? ? ? ? ? ? ? ? ? ? ? 'SULFOLOBUS SOLFATARICUS' 2287 ? ? ? ? ? ? ? ? 'ESCHERICHIA COLI' 562 ? ? ? ? ? ? 'B834(DE3)' ? 
? ? ? ? ? ? ? ? ? ? POPTH ? ? 
2 1 sample ? ? ? ? ? ? ? ? ? ? ? ? 'SULFOLOBUS SOLFATARICUS' 2287 ? ? ? ? ? ? ? ? 'ESCHERICHIA COLI' 562 ? ? ? ? ? ? 'B834(DE3)' ? 
? ? ? ? ? ? ? ? ? ? POPTH ? ? 
# 
loop_
_chem_comp.id 
_chem_comp.type 
_chem_comp.mon_nstd_flag 
_chem_comp.name 
_chem_comp.pdbx_synonyms 
_chem_comp.formula 
_chem_comp.formula_weight 
ALA 'L-peptide linking' y ALANINE                  ? 'C3 H7 N O2'     89.093  
ARG 'L-peptide linking' y ARGININE                 ? 'C6 H15 N4 O2 1' 175.209 
ASN 'L-peptide linking' y ASPARAGINE               ? 'C4 H8 N2 O3'    132.118 
ASP 'L-peptide linking' y 'ASPARTIC ACID'          ? 'C4 H7 N O4'     133.103 
GLN 'L-peptide linking' y GLUTAMINE                ? 'C5 H10 N2 O3'   146.144 
GLU 'L-peptide linking' y 'GLUTAMIC ACID'          ? 'C5 H9 N O4'     147.129 
GLY 'peptide linking'   y GLYCINE                  ? 'C2 H5 N O2'     75.067  
HOH non-polymer         . WATER                    ? 'H2 O'           18.015  
ILE 'L-peptide linking' y ISOLEUCINE               ? 'C6 H13 N O2'    131.173 
LEU 'L-peptide linking' y LEUCINE                  ? 'C6 H13 N O2'    131.173 
LYS 'L-peptide linking' y LYSINE                   ? 'C6 H15 N2 O2 1' 147.195 
MET 'L-peptide linking' y METHIONINE               ? 'C5 H11 N O2 S'  149.211 
PRO 'L-peptide linking' y PROLINE                  ? 'C5 H9 N O2'     115.130 
SER 'L-peptide linking' y SERINE                   ? 'C3 H7 N O3'     105.093 
SRT non-polymer         . 'S,R MESO-TARTARIC ACID' ? 'C4 H6 O6'       150.087 
THR 'L-peptide linking' y THREONINE                ? 'C4 H9 N O3'     119.119 
TYR 'L-peptide linking' y TYROSINE                 ? 'C9 H11 N O3'    181.189 
VAL 'L-peptide linking' y VALINE                   ? 'C5 H11 N O2'    117.146 
# 
loop_
_pdbx_poly_seq_scheme.asym_id 
_pdbx_poly_seq_scheme.entity_id 
_pdbx_poly_seq_scheme.seq_id 
_pdbx_poly_seq_scheme.mon_id 
_pdbx_poly_seq_scheme.ndb_seq_num 
_pdbx_poly_seq_scheme.pdb_seq_num 
_pdbx_poly_seq_scheme.auth_seq_num 
_pdbx_poly_seq_scheme.pdb_mon_id 
_pdbx_poly_seq_scheme.auth_mon_id 
_pdbx_poly_seq_scheme.pdb_strand_id 
_pdbx_poly_seq_scheme.pdb_ins_code 
_pdbx_poly_seq_scheme.hetero 
A 1 1  MET 1  1  1  MET MET A . n 
A 1 2  SER 2  2  2  SER SER A . n 
A 1 3  ALA 3  3  3  ALA ALA A . n 
A 1 4  GLN 4  4  4  GLN GLN A . n 
A 1 5  VAL 5  5  5  VAL VAL A . n 
A 1 6  MET 6  6  6  MET MET A . n 
A 1 7  LEU 7  7  7  LEU LEU A . n 
A 1 8  GLU 8  8  8  GLU GLU A . n 
A 1 9  ASP 9  9  9  ASP ASP A . n 
A 1 10 MET 10 10 10 MET MET A . n 
A 1 11 ALA 11 11 11 ALA ALA A . n 
A 1 12 ARG 12 12 12 ARG ARG A . n 
A 1 13 LYS 13 13 13 LYS LYS A . n 
A 1 14 TYR 14 14 14 TYR TYR A . n 
A 1 15 ALA 15 15 15 ALA ALA A . n 
A 1 16 ILE 16 16 16 ILE ILE A . n 
A 1 17 LEU 17 17 17 LEU LEU A . n 
A 1 18 ALA 18 18 18 ALA ALA A . n 
A 1 19 VAL 19 19 19 VAL VAL A . n 
A 1 20 LYS 20 20 20 LYS LYS A . n 
A 1 21 ALA 21 21 21 ALA ALA A . n 
A 1 22 ASP 22 22 22 ASP ASP A . n 
A 1 23 LYS 23 23 23 LYS LYS A . n 
A 1 24 GLU 24 24 24 GLU GLU A . n 
A 1 25 GLY 25 25 25 GLY GLY A . n 
A 1 26 LYS 26 26 26 LYS LYS A . n 
A 1 27 VAL 27 27 27 VAL VAL A . n 
A 1 28 GLU 28 28 28 GLU GLU A . n 
A 1 29 ASP 29 29 29 ASP ASP A . n 
A 1 30 ALA 30 30 30 ALA ALA A . n 
A 1 31 ILE 31 31 31 ILE ILE A . n 
A 1 32 THR 32 32 32 THR THR A . n 
A 1 33 TYR 33 33 33 TYR TYR A . n 
A 1 34 TYR 34 34 34 TYR TYR A . n 
A 1 35 LYS 35 35 35 LYS LYS A . n 
A 1 36 LYS 36 36 36 LYS LYS A . n 
A 1 37 ALA 37 37 37 ALA ALA A . n 
A 1 38 ILE 38 38 38 ILE ILE A . n 
A 1 39 GLU 39 39 39 GLU GLU A . n 
A 1 40 VAL 40 40 40 VAL VAL A . n 
A 1 41 LEU 41 41 41 LEU LEU A . n 
A 1 42 SER 42 42 42 SER SER A . n 
A 1 43 GLN 43 43 43 GLN GLN A . n 
A 1 44 ILE 44 44 44 ILE ILE A . n 
A 1 45 ILE 45 45 45 ILE ILE A . n 
A 1 46 VAL 46 46 46 VAL VAL A . n 
A 1 47 LEU 47 47 47 LEU LEU A . n 
A 1 48 TYR 48 48 48 TYR TYR A . n 
A 1 49 PRO 49 49 49 PRO PRO A . n 
A 1 50 GLU 50 50 50 GLU GLU A . n 
A 1 51 SER 51 51 51 SER SER A . n 
A 1 52 VAL 52 52 52 VAL VAL A . n 
A 1 53 ALA 53 53 53 ALA ALA A . n 
A 1 54 ARG 54 54 54 ARG ARG A . n 
A 1 55 THR 55 55 55 THR THR A . n 
A 1 56 ALA 56 56 56 ALA ALA A . n 
A 1 57 TYR 57 57 57 TYR TYR A . n 
A 1 58 GLU 58 58 58 GLU GLU A . n 
A 1 59 GLN 59 59 59 GLN GLN A . n 
A 1 60 MET 60 60 60 MET MET A . n 
A 1 61 ILE 61 61 61 ILE ILE A . n 
A 1 62 ASN 62 62 62 ASN ASN A . n 
A 1 63 GLU 63 63 63 GLU GLU A . n 
A 1 64 TYR 64 64 64 TYR TYR A . n 
A 1 65 LYS 65 65 65 LYS LYS A . n 
A 1 66 LYS 66 66 66 LYS LYS A . n 
A 1 67 ARG 67 67 67 ARG ARG A . n 
A 1 68 ILE 68 68 68 ILE ILE A . n 
A 1 69 SER 69 69 69 SER SER A . n 
A 1 70 TYR 70 70 70 TYR TYR A . n 
A 1 71 LEU 71 71 71 LEU LEU A . n 
A 1 72 GLU 72 72 72 GLU GLU A . n 
A 1 73 LYS 73 73 73 LYS LYS A . n 
A 1 74 VAL 74 74 74 VAL VAL A . n 
A 1 75 LEU 75 75 75 LEU LEU A . n 
A 1 76 PRO 76 76 ?  ?   ?   A . n 
A 1 77 ALA 77 77 ?  ?   ?   A . n 
A 1 78 SER 78 78 ?  ?   ?   A . n 
A 1 79 SER 79 79 ?  ?   ?   A . n 
A 1 80 ASP 80 80 ?  ?   ?   A . n 
A 1 81 GLY 81 81 ?  ?   ?   A . n 
A 1 82 SER 82 82 ?  ?   ?   A . n 
A 1 83 GLY 83 83 ?  ?   ?   A . n 
B 2 1  MET 1  1  ?  ?   ?   B . n 
B 2 2  SER 2  2  2  SER SER B . n 
B 2 3  ALA 3  3  3  ALA ALA B . n 
B 2 4  GLN 4  4  4  GLN GLN B . n 
B 2 5  VAL 5  5  5  VAL VAL B . n 
B 2 6  MET 6  6  6  MET MET B . n 
B 2 7  LEU 7  7  7  LEU LEU B . n 
B 2 8  GLU 8  8  8  GLU GLU B . n 
B 2 9  ASP 9  9  9  ASP ASP B . n 
B 2 10 MET 10 10 10 MET MET B . n 
B 2 11 ALA 11 11 11 ALA ALA B . n 
B 2 12 ARG 12 12 12 ARG ARG B . n 
B 2 13 LYS 13 13 13 LYS LYS B . n 
B 2 14 TYR 14 14 14 TYR TYR B . n 
B 2 15 ALA 15 15 15 ALA ALA B . n 
B 2 16 ILE 16 16 16 ILE ILE B . n 
B 2 17 LEU 17 17 17 LEU LEU B . n 
B 2 18 ALA 18 18 18 ALA ALA B . n 
B 2 19 VAL 19 19 19 VAL VAL B . n 
B 2 20 LYS 20 20 20 LYS LYS B . n 
B 2 21 ALA 21 21 21 ALA ALA B . n 
B 2 22 ASP 22 22 22 ASP ASP B . n 
B 2 23 LYS 23 23 23 LYS LYS B . n 
B 2 24 GLU 24 24 24 GLU GLU B . n 
B 2 25 GLY 25 25 25 GLY GLY B . n 
B 2 26 LYS 26 26 ?  ?   ?   B . n 
B 2 27 VAL 27 27 ?  ?   ?   B . n 
B 2 28 ASP 28 28 28 ASP ASP B . n 
B 2 29 ASP 29 29 29 ASP ASP B . n 
B 2 30 ALA 30 30 30 ALA ALA B . n 
B 2 31 ILE 31 31 31 ILE ILE B . n 
B 2 32 THR 32 32 32 THR THR B . n 
B 2 33 TYR 33 33 33 TYR TYR B . n 
B 2 34 TYR 34 34 34 TYR TYR B . n 
B 2 35 LYS 35 35 35 LYS LYS B . n 
B 2 36 LYS 36 36 36 LYS LYS B . n 
B 2 37 ALA 37 37 37 ALA ALA B . n 
B 2 38 ILE 38 38 38 ILE ILE B . n 
B 2 39 GLU 39 39 39 GLU GLU B . n 
B 2 40 VAL 40 40 40 VAL VAL B . n 
B 2 41 LEU 41 41 41 LEU LEU B . n 
B 2 42 SER 42 42 42 SER SER B . n 
B 2 43 GLN 43 43 43 GLN GLN B . n 
B 2 44 ILE 44 44 44 ILE ILE B . n 
B 2 45 ILE 45 45 45 ILE ILE B . n 
B 2 46 VAL 46 46 46 VAL VAL B . n 
B 2 47 LEU 47 47 47 LEU LEU B . n 
B 2 48 TYR 48 48 48 TYR TYR B . n 
B 2 49 PRO 49 49 49 PRO PRO B . n 
B 2 50 GLU 50 50 50 GLU GLU B . n 
B 2 51 SER 51 51 51 SER SER B . n 
B 2 52 VAL 52 52 52 VAL VAL B . n 
B 2 53 ALA 53 53 53 ALA ALA B . n 
B 2 54 ARG 54 54 54 ARG ARG B . n 
B 2 55 THR 55 55 55 THR THR B . n 
B 2 56 ALA 56 56 56 ALA ALA B . n 
B 2 57 TYR 57 57 57 TYR TYR B . n 
B 2 58 GLU 58 58 58 GLU GLU B . n 
B 2 59 GLN 59 59 59 GLN GLN B . n 
B 2 60 MET 60 60 60 MET MET B . n 
B 2 61 ILE 61 61 61 ILE ILE B . n 
B 2 62 ASN 62 62 62 ASN ASN B . n 
B 2 63 GLU 63 63 63 GLU GLU B . n 
B 2 64 TYR 64 64 64 TYR TYR B . n 
B 2 65 LYS 65 65 65 LYS LYS B . n 
B 2 66 LYS 66 66 66 LYS LYS B . n 
B 2 67 ARG 67 67 67 ARG ARG B . n 
B 2 68 ILE 68 68 68 ILE ILE B . n 
B 2 69 SER 69 69 69 SER SER B . n 
B 2 70 TYR 70 70 70 TYR TYR B . n 
B 2 71 LEU 71 71 71 LEU LEU B . n 
B 2 72 GLU 72 72 72 GLU GLU B . n 
B 2 73 LYS 73 73 73 LYS LYS B . n 
B 2 74 VAL 74 74 74 VAL VAL B . n 
B 2 75 LEU 75 75 75 LEU LEU B . n 
B 2 76 PRO 76 76 ?  ?   ?   B . n 
B 2 77 ALA 77 77 ?  ?   ?   B . n 
B 2 78 SER 78 78 ?  ?   ?   B . n 
B 2 79 SER 79 79 ?  ?   ?   B . n 
B 2 80 ASP 80 80 ?  ?   ?   B . n 
B 2 81 GLY 81 81 ?  ?   ?   B . n 
B 2 82 SER 82 82 ?  ?   ?   B . n 
B 2 83 GLY 83 83 ?  ?   ?   B . n 
# 
loop_
_pdbx_nonpoly_scheme.asym_id 
_pdbx_nonpoly_scheme.entity_id 
_pdbx_nonpoly_scheme.mon_id 
_pdbx_nonpoly_scheme.ndb_seq_num 
_pdbx_nonpoly_scheme.pdb_seq_num 
_pdbx_nonpoly_scheme.auth_seq_num 
_pdbx_nonpoly_scheme.pdb_mon_id 
_pdbx_nonpoly_scheme.auth_mon_id 
_pdbx_nonpoly_scheme.pdb_strand_id 
_pdbx_nonpoly_scheme.pdb_ins_code 
C 3 SRT 1 1076 1076 SRT SRT A . 
D 3 SRT 1 1076 1076 SRT SRT B . 
E 4 HOH 1 2001 2001 HOH HOH A . 
E 4 HOH 2 2002 2002 HOH HOH A . 
E 4 HOH 3 2003 2003 HOH HOH A . 
F 4 HOH 1 2001 2001 HOH HOH B . 
F 4 HOH 2 2002 2002 HOH HOH B . 
F 4 HOH 3 2003 2003 HOH HOH B . 
F 4 HOH 4 2004 2004 HOH HOH B . 
F 4 HOH 5 2005 2005 HOH HOH B . 
# 
loop_
_pdbx_unobs_or_zero_occ_atoms.id 
_pdbx_unobs_or_zero_occ_atoms.PDB_model_num 
_pdbx_unobs_or_zero_occ_atoms.polymer_flag 
_pdbx_unobs_or_zero_occ_atoms.occupancy_flag 
_pdbx_unobs_or_zero_occ_atoms.auth_asym_id 
_pdbx_unobs_or_zero_occ_atoms.auth_comp_id 
_pdbx_unobs_or_zero_occ_atoms.auth_seq_id 
_pdbx_unobs_or_zero_occ_atoms.PDB_ins_code 
_pdbx_unobs_or_zero_occ_atoms.auth_atom_id 
_pdbx_unobs_or_zero_occ_atoms.label_alt_id 
_pdbx_unobs_or_zero_occ_atoms.label_asym_id 
_pdbx_unobs_or_zero_occ_atoms.label_comp_id 
_pdbx_unobs_or_zero_occ_atoms.label_seq_id 
_pdbx_unobs_or_zero_occ_atoms.label_atom_id 
1 1 Y 1 A LEU 75 ? CG  ? A LEU 75 CG  
2 1 Y 1 A LEU 75 ? CD1 ? A LEU 75 CD1 
3 1 Y 1 A LEU 75 ? CD2 ? A LEU 75 CD2 
4 1 Y 1 B LEU 75 ? CG  ? B LEU 75 CG  
5 1 Y 1 B LEU 75 ? CD1 ? B LEU 75 CD1 
6 1 Y 1 B LEU 75 ? CD2 ? B LEU 75 CD2 
# 
loop_
_software.name 
_software.classification 
_software.version 
_software.citation_id 
_software.pdbx_ordinal 
MOSFLM    'data reduction' .        ? 1 
SCALA     'data scaling'   .        ? 2 
SnB       phasing          .        ? 3 
autoSHARP phasing          .        ? 4 
REFMAC    refinement       5.2.0019 ? 5 
# 
_cell.entry_id           2V6Y 
_cell.length_a           56.178 
_cell.length_b           69.267 
_cell.length_c           123.184 
_cell.angle_alpha        90.00 
_cell.angle_beta         90.00 
_cell.angle_gamma        90.00 
_cell.Z_PDB              8 
_cell.pdbx_unique_axis   ? 
# 
_symmetry.entry_id                         2V6Y 
_symmetry.space_group_name_H-M             'I 21 21 21' 
_symmetry.pdbx_full_space_group_name_H-M   ? 
_symmetry.cell_setting                     ? 
_symmetry.Int_Tables_number                24 
# 
_exptl.entry_id          2V6Y 
_exptl.method            'X-RAY DIFFRACTION' 
_exptl.crystals_number   1 
# 
_exptl_crystal.id                    1 
_exptl_crystal.density_meas          ? 
_exptl_crystal.density_Matthews      3.1 
_exptl_crystal.density_percent_sol   60.8 
_exptl_crystal.description           NONE 
# 
_exptl_crystal_grow.crystal_id      1 
_exptl_crystal_grow.method          ? 
_exptl_crystal_grow.temp            ? 
_exptl_crystal_grow.temp_details    ? 
_exptl_crystal_grow.pH              8 
_exptl_crystal_grow.pdbx_pH_range   ? 
_exptl_crystal_grow.pdbx_details    
'RESERVOIR: 0.6 M AMMONIUM TARTRATE AND 2% PEG4K PROTEIN SOLUTION: 9 MG/ML IN 20 MM TRIS PH 8, 100 MM NACL, 2MM DTT' 
# 
_diffrn.id                     1 
_diffrn.ambient_temp           100 
_diffrn.ambient_temp_details   ? 
_diffrn.crystal_id             1 
# 
_diffrn_detector.diffrn_id              1 
_diffrn_detector.detector               CCD 
_diffrn_detector.type                   'ADSC CCD' 
_diffrn_detector.pdbx_collection_date   ? 
_diffrn_detector.details                'TORROIDAL MIRROR' 
# 
_diffrn_radiation.diffrn_id                        1 
_diffrn_radiation.wavelength_id                    1 
_diffrn_radiation.pdbx_monochromatic_or_laue_m_l   M 
_diffrn_radiation.monochromator                    'SI(111)' 
_diffrn_radiation.pdbx_diffrn_protocol             MAD 
_diffrn_radiation.pdbx_scattering_type             x-ray 
# 
_diffrn_radiation_wavelength.id           1 
_diffrn_radiation_wavelength.wavelength   0.91840 
_diffrn_radiation_wavelength.wt           1.0 
# 
_diffrn_source.diffrn_id                   1 
_diffrn_source.source                      SYNCHROTRON 
_diffrn_source.type                        'ESRF BEAMLINE ID23-1' 
_diffrn_source.pdbx_synchrotron_site       ESRF 
_diffrn_source.pdbx_synchrotron_beamline   ID23-1 
_diffrn_source.pdbx_wavelength             0.91840 
_diffrn_source.pdbx_wavelength_list        ? 
# 
_reflns.pdbx_diffrn_id               1 
_reflns.pdbx_ordinal                 1 
_reflns.entry_id                     2V6Y 
_reflns.observed_criterion_sigma_I   0.0 
_reflns.observed_criterion_sigma_F   ? 
_reflns.d_resolution_low             61.50 
_reflns.d_resolution_high            2.40 
_reflns.number_obs                   27901 
_reflns.number_all                   ? 
_reflns.percent_possible_obs         99.0 
_reflns.pdbx_Rmerge_I_obs            0.07 
_reflns.pdbx_Rsym_value              ? 
_reflns.pdbx_netI_over_sigmaI        10.30 
_reflns.B_iso_Wilson_estimate        ? 
_reflns.pdbx_redundancy              3.6 
# 
_reflns_shell.pdbx_diffrn_id         1 
_reflns_shell.pdbx_ordinal           1 
_reflns_shell.d_res_high             2.40 
_reflns_shell.d_res_low              2.53 
_reflns_shell.percent_possible_all   99.0 
_reflns_shell.Rmerge_I_obs           0.37 
_reflns_shell.pdbx_Rsym_value        ? 
_reflns_shell.meanI_over_sigI_obs    1.90 
_reflns_shell.pdbx_redundancy        3.6 
# 
_refine.pdbx_refine_id                           'X-RAY DIFFRACTION' 
_refine.entry_id                                 2V6Y 
_refine.pdbx_diffrn_id                           1 
_refine.pdbx_TLS_residual_ADP_flag               'LIKELY RESIDUAL' 
_refine.ls_number_reflns_obs                     9131 
_refine.ls_number_reflns_all                     ? 
_refine.pdbx_ls_sigma_I                          ? 
_refine.pdbx_ls_sigma_F                          ? 
_refine.pdbx_data_cutoff_high_absF               ? 
_refine.pdbx_data_cutoff_low_absF                ? 
_refine.pdbx_data_cutoff_high_rms_absF           ? 
_refine.ls_d_res_low                             61.66 
_refine.ls_d_res_high                            2.40 
_refine.ls_percent_reflns_obs                    98.3 
_refine.ls_R_factor_obs                          0.253 
_refine.ls_R_factor_all                          ? 
_refine.ls_R_factor_R_work                       0.252 
_refine.ls_R_factor_R_free                       0.277 
_refine.ls_R_factor_R_free_error                 ? 
_refine.ls_R_factor_R_free_error_details         ? 
_refine.ls_percent_reflns_R_free                 4.800 
_refine.ls_number_reflns_R_free                  463 
_refine.ls_number_parameters                     ? 
_refine.ls_number_restraints                     ? 
_refine.occupancy_min                            ? 
_refine.occupancy_max                            ? 
_refine.correlation_coeff_Fo_to_Fc               0.910 
_refine.correlation_coeff_Fo_to_Fc_free          0.901 
_refine.B_iso_mean                               50.46 
_refine.aniso_B[1][1]                            -0.76000 
_refine.aniso_B[2][2]                            2.19000 
_refine.aniso_B[3][3]                            -1.43000 
_refine.aniso_B[1][2]                            -0.00000 
_refine.aniso_B[1][3]                            0.00000 
_refine.aniso_B[2][3]                            0.00000 
_refine.solvent_model_details                    MASK 
_refine.solvent_model_param_ksol                 ? 
_refine.solvent_model_param_bsol                 ? 
_refine.pdbx_solvent_vdw_probe_radii             1.20 
_refine.pdbx_solvent_ion_probe_radii             0.80 
_refine.pdbx_solvent_shrinkage_radii             0.80 
_refine.pdbx_ls_cross_valid_method               THROUGHOUT 
_refine.details                                  'HYDROGENS HAVE BEEN ADDED IN THE RIDING POSITIONS.' 
_refine.pdbx_starting_model                      NONE 
_refine.pdbx_method_to_determine_struct          MAD 
_refine.pdbx_isotropic_thermal_model             ? 
_refine.pdbx_stereochemistry_target_values       'MAXIMUM LIKELIHOODWITH PHASES' 
_refine.pdbx_stereochem_target_val_spec_case     ? 
_refine.pdbx_R_Free_selection_details            RANDOM 
_refine.pdbx_overall_ESU_R                       0.330 
_refine.pdbx_overall_ESU_R_Free                  0.248 
_refine.overall_SU_ML                            0.198 
_refine.pdbx_overall_phase_error                 ? 
_refine.overall_SU_B                             18.134 
_refine.overall_SU_R_Cruickshank_DPI             ? 
_refine.pdbx_overall_SU_R_free_Cruickshank_DPI   ? 
_refine.pdbx_overall_SU_R_Blow_DPI               ? 
_refine.pdbx_overall_SU_R_free_Blow_DPI          ? 
# 
_refine_hist.pdbx_refine_id                   'X-RAY DIFFRACTION' 
_refine_hist.cycle_id                         LAST 
_refine_hist.pdbx_number_atoms_protein        1185 
_refine_hist.pdbx_number_atoms_nucleic_acid   0 
_refine_hist.pdbx_number_atoms_ligand         20 
_refine_hist.number_atoms_solvent             8 
_refine_hist.number_atoms_total               1213 
_refine_hist.d_res_high                       2.40 
_refine_hist.d_res_low                        61.66 
# 
loop_
_refine_ls_restr.type 
_refine_ls_restr.dev_ideal 
_refine_ls_restr.dev_ideal_target 
_refine_ls_restr.weight 
_refine_ls_restr.number 
_refine_ls_restr.pdbx_refine_id 
_refine_ls_restr.pdbx_restraint_function 
r_bond_refined_d             0.012  0.022  ? 1216 'X-RAY DIFFRACTION' ? 
r_bond_other_d               0.003  0.020  ? 8    'X-RAY DIFFRACTION' ? 
r_angle_refined_deg          1.333  2.006  ? 1631 'X-RAY DIFFRACTION' ? 
r_angle_other_deg            0.952  3.000  ? 16   'X-RAY DIFFRACTION' ? 
r_dihedral_angle_1_deg       7.866  5.000  ? 144  'X-RAY DIFFRACTION' ? 
r_dihedral_angle_2_deg       37.005 24.800 ? 50   'X-RAY DIFFRACTION' ? 
r_dihedral_angle_3_deg       18.856 15.000 ? 245  'X-RAY DIFFRACTION' ? 
r_dihedral_angle_4_deg       20.959 15.000 ? 6    'X-RAY DIFFRACTION' ? 
r_chiral_restr               0.113  0.200  ? 190  'X-RAY DIFFRACTION' ? 
r_gen_planes_refined         0.005  0.020  ? 862  'X-RAY DIFFRACTION' ? 
r_gen_planes_other           ?      ?      ? ?    'X-RAY DIFFRACTION' ? 
r_nbd_refined                0.211  0.200  ? 527  'X-RAY DIFFRACTION' ? 
r_nbd_other                  0.345  0.200  ? 7    'X-RAY DIFFRACTION' ? 
r_nbtor_refined              0.301  0.200  ? 849  'X-RAY DIFFRACTION' ? 
r_nbtor_other                0.033  0.200  ? 4    'X-RAY DIFFRACTION' ? 
r_xyhbond_nbd_refined        0.182  0.200  ? 19   'X-RAY DIFFRACTION' ? 
r_xyhbond_nbd_other          ?      ?      ? ?    'X-RAY DIFFRACTION' ? 
r_metal_ion_refined          ?      ?      ? ?    'X-RAY DIFFRACTION' ? 
r_metal_ion_other            ?      ?      ? ?    'X-RAY DIFFRACTION' ? 
r_symmetry_vdw_refined       0.261  0.200  ? 41   'X-RAY DIFFRACTION' ? 
r_symmetry_vdw_other         0.001  0.200  ? 1    'X-RAY DIFFRACTION' ? 
r_symmetry_hbond_refined     0.259  0.200  ? 5    'X-RAY DIFFRACTION' ? 
r_symmetry_hbond_other       ?      ?      ? ?    'X-RAY DIFFRACTION' ? 
r_symmetry_metal_ion_refined ?      ?      ? ?    'X-RAY DIFFRACTION' ? 
r_symmetry_metal_ion_other   ?      ?      ? ?    'X-RAY DIFFRACTION' ? 
r_mcbond_it                  0.689  1.500  ? 756  'X-RAY DIFFRACTION' ? 
r_mcbond_other               ?      ?      ? ?    'X-RAY DIFFRACTION' ? 
r_mcangle_it                 0.915  2.000  ? 1178 'X-RAY DIFFRACTION' ? 
r_mcangle_other              ?      ?      ? ?    'X-RAY DIFFRACTION' ? 
r_scbond_it                  1.679  3.000  ? 532  'X-RAY DIFFRACTION' ? 
r_scbond_other               ?      ?      ? ?    'X-RAY DIFFRACTION' ? 
r_scangle_it                 2.686  4.500  ? 453  'X-RAY DIFFRACTION' ? 
r_scangle_other              ?      ?      ? ?    'X-RAY DIFFRACTION' ? 
r_long_range_B_refined       ?      ?      ? ?    'X-RAY DIFFRACTION' ? 
r_long_range_B_other         ?      ?      ? ?    'X-RAY DIFFRACTION' ? 
r_rigid_bond_restr           ?      ?      ? ?    'X-RAY DIFFRACTION' ? 
r_sphericity_free            ?      ?      ? ?    'X-RAY DIFFRACTION' ? 
r_sphericity_bonded          ?      ?      ? ?    'X-RAY DIFFRACTION' ? 
# 
loop_
_refine_ls_restr_ncs.dom_id 
_refine_ls_restr_ncs.pdbx_auth_asym_id 
_refine_ls_restr_ncs.pdbx_number 
_refine_ls_restr_ncs.rms_dev_position 
_refine_ls_restr_ncs.weight_position 
_refine_ls_restr_ncs.pdbx_type 
_refine_ls_restr_ncs.pdbx_ens_id 
_refine_ls_restr_ncs.pdbx_ordinal 
_refine_ls_restr_ncs.pdbx_refine_id 
_refine_ls_restr_ncs.ncs_model_details 
_refine_ls_restr_ncs.rms_dev_B_iso 
_refine_ls_restr_ncs.weight_B_iso 
_refine_ls_restr_ncs.pdbx_asym_id 
_refine_ls_restr_ncs.pdbx_rms 
_refine_ls_restr_ncs.pdbx_weight 
1 A 284 .07  .05   'tight positional' 1 1 'X-RAY DIFFRACTION' ? ? ? ? ? ? 
1 A 288 .54  5.00  'loose positional' 1 2 'X-RAY DIFFRACTION' ? ? ? ? ? ? 
1 A 284 .09  .50   'tight thermal'    1 3 'X-RAY DIFFRACTION' ? ? ? ? ? ? 
1 A 288 1.45 10.00 'loose thermal'    1 4 'X-RAY DIFFRACTION' ? ? ? ? ? ? 
# 
_refine_ls_shell.pdbx_refine_id                   'X-RAY DIFFRACTION' 
_refine_ls_shell.pdbx_total_number_of_bins_used   20 
_refine_ls_shell.d_res_high                       2.40 
_refine_ls_shell.d_res_low                        2.46 
_refine_ls_shell.number_reflns_R_work             675 
_refine_ls_shell.R_factor_R_work                  0.3140 
_refine_ls_shell.percent_reflns_obs               ? 
_refine_ls_shell.R_factor_R_free                  0.4400 
_refine_ls_shell.R_factor_R_free_error            ? 
_refine_ls_shell.percent_reflns_R_free            ? 
_refine_ls_shell.number_reflns_R_free             37 
_refine_ls_shell.number_reflns_all                ? 
_refine_ls_shell.R_factor_all                     ? 
# 
_struct_ncs_oper.id             1 
_struct_ncs_oper.code           given 
_struct_ncs_oper.details        ? 
_struct_ncs_oper.matrix[1][1]   0.77177022 
_struct_ncs_oper.matrix[1][2]   0.62084701 
_struct_ncs_oper.matrix[1][3]   -0.13754920 
_struct_ncs_oper.matrix[2][1]   -0.20876166 
_struct_ncs_oper.matrix[2][2]   0.04305030 
_struct_ncs_oper.matrix[2][3]   -0.97701858 
_struct_ncs_oper.matrix[3][1]   -0.60065768 
_struct_ncs_oper.matrix[3][2]   0.78274873 
_struct_ncs_oper.matrix[3][3]   0.16283348 
_struct_ncs_oper.vector[1]      -23.91519 
_struct_ncs_oper.vector[2]      13.08236 
_struct_ncs_oper.vector[3]      1.02795 
# 
loop_
_struct_ncs_dom.id 
_struct_ncs_dom.details 
_struct_ncs_dom.pdbx_ens_id 
1 A 1 
2 B 1 
# 
loop_
_struct_ncs_dom_lim.dom_id 
_struct_ncs_dom_lim.beg_auth_asym_id 
_struct_ncs_dom_lim.beg_auth_seq_id 
_struct_ncs_dom_lim.end_auth_asym_id 
_struct_ncs_dom_lim.end_auth_seq_id 
_struct_ncs_dom_lim.pdbx_component_id 
_struct_ncs_dom_lim.pdbx_refine_code 
_struct_ncs_dom_lim.beg_label_asym_id 
_struct_ncs_dom_lim.beg_label_comp_id 
_struct_ncs_dom_lim.beg_label_seq_id 
_struct_ncs_dom_lim.beg_label_alt_id 
_struct_ncs_dom_lim.end_label_asym_id 
_struct_ncs_dom_lim.end_label_comp_id 
_struct_ncs_dom_lim.end_label_seq_id 
_struct_ncs_dom_lim.end_label_alt_id 
_struct_ncs_dom_lim.pdbx_ens_id 
_struct_ncs_dom_lim.selection_details 
_struct_ncs_dom_lim.beg_auth_comp_id 
_struct_ncs_dom_lim.end_auth_comp_id 
1 A 1 A 1000 1 3 ? ? ? ? ? ? ? ? 1 ? ? ? 
2 B 1 B 1000 1 3 ? ? ? ? ? ? ? ? 1 ? ? ? 
# 
_struct_ncs_ens.id        1 
_struct_ncs_ens.details   ? 
# 
_struct.entry_id                  2V6Y 
_struct.title                     'Structure of the MIT domain from a S. solfataricus Vps4-like ATPase' 
_struct.pdbx_model_details        ? 
_struct.pdbx_CASP_flag            ? 
_struct.pdbx_model_type_details   ? 
# 
_struct_keywords.entry_id        2V6Y 
_struct_keywords.pdbx_keywords   HYDROLASE 
_struct_keywords.text            
'MIT, VPS4, ARCHAEA, AAA-ATPASE, ATP-BINDING, MICROTUBULE INTERACTING AND TRAFFICKING DOMAIN, NUCLEOTIDE-BINDING, HYDROLASE' 
# 
loop_
_struct_asym.id 
_struct_asym.pdbx_blank_PDB_chainid_flag 
_struct_asym.pdbx_modified 
_struct_asym.entity_id 
_struct_asym.details 
A N N 1 ? 
B N N 2 ? 
C N N 3 ? 
D N N 3 ? 
E N N 4 ? 
F N N 4 ? 
# 
loop_
_struct_ref.id 
_struct_ref.db_name 
_struct_ref.db_code 
_struct_ref.entity_id 
_struct_ref.pdbx_seq_one_letter_code 
_struct_ref.pdbx_align_begin 
_struct_ref.pdbx_db_accession 
_struct_ref.pdbx_db_isoform 
1 UNP Q97ZJ7_SULSO 1 ? ? Q97ZJ7 ? 
2 UNP Q97ZJ7_SULSO 2 ? ? Q97ZJ7 ? 
# 
loop_
_struct_ref_seq.align_id 
_struct_ref_seq.ref_id 
_struct_ref_seq.pdbx_PDB_id_code 
_struct_ref_seq.pdbx_strand_id 
_struct_ref_seq.seq_align_beg 
_struct_ref_seq.pdbx_seq_align_beg_ins_code 
_struct_ref_seq.seq_align_end 
_struct_ref_seq.pdbx_seq_align_end_ins_code 
_struct_ref_seq.pdbx_db_accession 
_struct_ref_seq.db_align_beg 
_struct_ref_seq.pdbx_db_align_beg_ins_code 
_struct_ref_seq.db_align_end 
_struct_ref_seq.pdbx_db_align_end_ins_code 
_struct_ref_seq.pdbx_auth_seq_align_beg 
_struct_ref_seq.pdbx_auth_seq_align_end 
1 1 2V6Y A 1 ? 83 ? Q97ZJ7 1 ? 83 ? 1 83 
2 2 2V6Y B 1 ? 83 ? Q97ZJ7 1 ? 83 ? 1 83 
# 
_struct_ref_seq_dif.align_id                     2 
_struct_ref_seq_dif.pdbx_pdb_id_code             2V6Y 
_struct_ref_seq_dif.mon_id                       ASP 
_struct_ref_seq_dif.pdbx_pdb_strand_id           B 
_struct_ref_seq_dif.seq_num                      28 
_struct_ref_seq_dif.pdbx_pdb_ins_code            ? 
_struct_ref_seq_dif.pdbx_seq_db_name             UNP 
_struct_ref_seq_dif.pdbx_seq_db_accession_code   Q97ZJ7 
_struct_ref_seq_dif.db_mon_id                    GLU 
_struct_ref_seq_dif.pdbx_seq_db_seq_num          28 
_struct_ref_seq_dif.details                      conflict 
_struct_ref_seq_dif.pdbx_auth_seq_num            28 
_struct_ref_seq_dif.pdbx_ordinal                 1 
# 
loop_
_pdbx_struct_assembly.id 
_pdbx_struct_assembly.details 
_pdbx_struct_assembly.method_details 
_pdbx_struct_assembly.oligomeric_details 
_pdbx_struct_assembly.oligomeric_count 
1 author_and_software_defined_assembly PQS monomeric 1 
2 author_and_software_defined_assembly PQS monomeric 1 
# 
loop_
_pdbx_struct_assembly_gen.assembly_id 
_pdbx_struct_assembly_gen.oper_expression 
_pdbx_struct_assembly_gen.asym_id_list 
1 1 A,C,E 
2 1 B,D,F 
# 
_pdbx_struct_oper_list.id                   1 
_pdbx_struct_oper_list.type                 'identity operation' 
_pdbx_struct_oper_list.name                 1_555 
_pdbx_struct_oper_list.symmetry_operation   x,y,z 
_pdbx_struct_oper_list.matrix[1][1]         1.0000000000 
_pdbx_struct_oper_list.matrix[1][2]         0.0000000000 
_pdbx_struct_oper_list.matrix[1][3]         0.0000000000 
_pdbx_struct_oper_list.vector[1]            0.0000000000 
_pdbx_struct_oper_list.matrix[2][1]         0.0000000000 
_pdbx_struct_oper_list.matrix[2][2]         1.0000000000 
_pdbx_struct_oper_list.matrix[2][3]         0.0000000000 
_pdbx_struct_oper_list.vector[2]            0.0000000000 
_pdbx_struct_oper_list.matrix[3][1]         0.0000000000 
_pdbx_struct_oper_list.matrix[3][2]         0.0000000000 
_pdbx_struct_oper_list.matrix[3][3]         1.0000000000 
_pdbx_struct_oper_list.vector[3]            0.0000000000 
# 
_struct_biol.id   1 
# 
loop_
_struct_conf.conf_type_id 
_struct_conf.id 
_struct_conf.pdbx_PDB_helix_id 
_struct_conf.beg_label_comp_id 
_struct_conf.beg_label_asym_id 
_struct_conf.beg_label_seq_id 
_struct_conf.pdbx_beg_PDB_ins_code 
_struct_conf.end_label_comp_id 
_struct_conf.end_label_asym_id 
_struct_conf.end_label_seq_id 
_struct_conf.pdbx_end_PDB_ins_code 
_struct_conf.beg_auth_comp_id 
_struct_conf.beg_auth_asym_id 
_struct_conf.beg_auth_seq_id 
_struct_conf.end_auth_comp_id 
_struct_conf.end_auth_asym_id 
_struct_conf.end_auth_seq_id 
_struct_conf.pdbx_PDB_helix_class 
_struct_conf.details 
_struct_conf.pdbx_PDB_helix_length 
HELX_P HELX_P1 1 SER A 2  ? GLU A 24 ? SER A 2  GLU A 24 1 ? 23 
HELX_P HELX_P2 2 LYS A 26 ? TYR A 48 ? LYS A 26 TYR A 48 1 ? 23 
HELX_P HELX_P3 3 ALA A 53 ? GLU A 72 ? ALA A 53 GLU A 72 1 ? 20 
HELX_P HELX_P4 4 SER B 2  ? GLU B 24 ? SER B 2  GLU B 24 1 ? 23 
HELX_P HELX_P5 5 ASP B 28 ? TYR B 48 ? ASP B 28 TYR B 48 1 ? 21 
HELX_P HELX_P6 6 ALA B 53 ? GLU B 72 ? ALA B 53 GLU B 72 1 ? 20 
# 
_struct_conf_type.id          HELX_P 
_struct_conf_type.criteria    ? 
_struct_conf_type.reference   ? 
# 
_struct_mon_prot_cis.pdbx_id                1 
_struct_mon_prot_cis.label_comp_id          MET 
_struct_mon_prot_cis.label_seq_id           1 
_struct_mon_prot_cis.label_asym_id          A 
_struct_mon_prot_cis.label_alt_id           . 
_struct_mon_prot_cis.pdbx_PDB_ins_code      ? 
_struct_mon_prot_cis.auth_comp_id           MET 
_struct_mon_prot_cis.auth_seq_id            1 
_struct_mon_prot_cis.auth_asym_id           A 
_struct_mon_prot_cis.pdbx_label_comp_id_2   SER 
_struct_mon_prot_cis.pdbx_label_seq_id_2    2 
_struct_mon_prot_cis.pdbx_label_asym_id_2   A 
_struct_mon_prot_cis.pdbx_PDB_ins_code_2    ? 
_struct_mon_prot_cis.pdbx_auth_comp_id_2    SER 
_struct_mon_prot_cis.pdbx_auth_seq_id_2     2 
_struct_mon_prot_cis.pdbx_auth_asym_id_2    A 
_struct_mon_prot_cis.pdbx_PDB_model_num     1 
_struct_mon_prot_cis.pdbx_omega_angle       -3.69 
# 
loop_
_struct_site.id 
_struct_site.pdbx_evidence_code 
_struct_site.pdbx_auth_asym_id 
_struct_site.pdbx_auth_comp_id 
_struct_site.pdbx_auth_seq_id 
_struct_site.pdbx_auth_ins_code 
_struct_site.pdbx_num_residues 
_struct_site.details 
AC1 Software ? ? ? ? 4 'BINDING SITE FOR RESIDUE SRT A1076' 
AC2 Software ? ? ? ? 5 'BINDING SITE FOR RESIDUE SRT B1076' 
# 
loop_
_struct_site_gen.id 
_struct_site_gen.site_id 
_struct_site_gen.pdbx_num_res 
_struct_site_gen.label_comp_id 
_struct_site_gen.label_asym_id 
_struct_site_gen.label_seq_id 
_struct_site_gen.pdbx_auth_ins_code 
_struct_site_gen.auth_comp_id 
_struct_site_gen.auth_asym_id 
_struct_site_gen.auth_seq_id 
_struct_site_gen.label_atom_id 
_struct_site_gen.label_alt_id 
_struct_site_gen.symmetry 
_struct_site_gen.details 
1 AC1 4 GLN A 4  ? GLN A 4  . ? 1_555 ? 
2 AC1 4 TYR A 48 ? TYR A 48 . ? 1_555 ? 
3 AC1 4 SER A 51 ? SER A 51 . ? 1_555 ? 
4 AC1 4 VAL A 52 ? VAL A 52 . ? 1_555 ? 
5 AC2 5 ARG A 12 ? ARG A 12 . ? 1_555 ? 
6 AC2 5 GLN B 4  ? GLN B 4  . ? 1_555 ? 
7 AC2 5 TYR B 48 ? TYR B 48 . ? 1_555 ? 
8 AC2 5 SER B 51 ? SER B 51 . ? 1_555 ? 
9 AC2 5 VAL B 52 ? VAL B 52 . ? 1_555 ? 
# 
loop_
_pdbx_validate_torsion.id 
_pdbx_validate_torsion.PDB_model_num 
_pdbx_validate_torsion.auth_comp_id 
_pdbx_validate_torsion.auth_asym_id 
_pdbx_validate_torsion.auth_seq_id 
_pdbx_validate_torsion.PDB_ins_code 
_pdbx_validate_torsion.label_alt_id 
_pdbx_validate_torsion.phi 
_pdbx_validate_torsion.psi 
1 1 VAL A 74 ? ? -152.39 62.63 
2 1 VAL B 74 ? ? 153.70  27.55 
# 
_pdbx_validate_peptide_omega.id               1 
_pdbx_validate_peptide_omega.PDB_model_num    1 
_pdbx_validate_peptide_omega.auth_comp_id_1   LYS 
_pdbx_validate_peptide_omega.auth_asym_id_1   B 
_pdbx_validate_peptide_omega.auth_seq_id_1    73 
_pdbx_validate_peptide_omega.PDB_ins_code_1   ? 
_pdbx_validate_peptide_omega.label_alt_id_1   ? 
_pdbx_validate_peptide_omega.auth_comp_id_2   VAL 
_pdbx_validate_peptide_omega.auth_asym_id_2   B 
_pdbx_validate_peptide_omega.auth_seq_id_2    74 
_pdbx_validate_peptide_omega.PDB_ins_code_2   ? 
_pdbx_validate_peptide_omega.label_alt_id_2   ? 
_pdbx_validate_peptide_omega.omega            -74.16 
# 
loop_
_pdbx_refine_tls.pdbx_refine_id 
_pdbx_refine_tls.id 
_pdbx_refine_tls.details 
_pdbx_refine_tls.method 
_pdbx_refine_tls.origin_x 
_pdbx_refine_tls.origin_y 
_pdbx_refine_tls.origin_z 
_pdbx_refine_tls.T[1][1] 
_pdbx_refine_tls.T[2][2] 
_pdbx_refine_tls.T[3][3] 
_pdbx_refine_tls.T[1][2] 
_pdbx_refine_tls.T[1][3] 
_pdbx_refine_tls.T[2][3] 
_pdbx_refine_tls.L[1][1] 
_pdbx_refine_tls.L[2][2] 
_pdbx_refine_tls.L[3][3] 
_pdbx_refine_tls.L[1][2] 
_pdbx_refine_tls.L[1][3] 
_pdbx_refine_tls.L[2][3] 
_pdbx_refine_tls.S[1][1] 
_pdbx_refine_tls.S[1][2] 
_pdbx_refine_tls.S[1][3] 
_pdbx_refine_tls.S[2][1] 
_pdbx_refine_tls.S[2][2] 
_pdbx_refine_tls.S[2][3] 
_pdbx_refine_tls.S[3][1] 
_pdbx_refine_tls.S[3][2] 
_pdbx_refine_tls.S[3][3] 
'X-RAY DIFFRACTION' 1 ? refined -14.4499 1.7492  -7.7830 -0.3298 -0.1538 -0.0034 0.1189 -0.0406 -0.1428 2.1288 9.3920 4.7361  0.7802  -0.7558 -0.2139 -0.0583 0.1397  -0.4877 0.0737 -0.2784 0.5463 -0.1579 -0.0819 0.3366 
'X-RAY DIFFRACTION' 2 ? refined 15.1529  -1.7381 8.1710  -0.2243 -0.1894 -0.0640 0.0713 -0.0603 0.1525  5.2501 8.8976 13.3950 -1.8111 -0.5319 1.2610  -0.3672 -0.4358 -0.7377 1.0212 0.3393  0.1189 0.2759  -0.0366 0.0279  
# 
loop_
_pdbx_refine_tls_group.pdbx_refine_id 
_pdbx_refine_tls_group.id 
_pdbx_refine_tls_group.refine_tls_id 
_pdbx_refine_tls_group.beg_auth_asym_id 
_pdbx_refine_tls_group.beg_auth_seq_id 
_pdbx_refine_tls_group.beg_label_asym_id 
_pdbx_refine_tls_group.beg_label_seq_id 
_pdbx_refine_tls_group.end_auth_asym_id 
_pdbx_refine_tls_group.end_auth_seq_id 
_pdbx_refine_tls_group.end_label_asym_id 
_pdbx_refine_tls_group.end_label_seq_id 
_pdbx_refine_tls_group.selection 
_pdbx_refine_tls_group.selection_details 
'X-RAY DIFFRACTION' 1 1 A 1    ? ? A 75   ? ? ? ? 
'X-RAY DIFFRACTION' 2 1 A 1076 ? ? A 1076 ? ? ? ? 
'X-RAY DIFFRACTION' 3 2 B 2    ? ? B 75   ? ? ? ? 
'X-RAY DIFFRACTION' 4 2 B 1076 ? ? B 1076 ? ? ? ? 
# 
_pdbx_entry_details.entry_id                 2V6Y 
_pdbx_entry_details.compound_details         ? 
_pdbx_entry_details.source_details           ? 
_pdbx_entry_details.nonpolymer_details       ? 
_pdbx_entry_details.sequence_details         'SSO0909 MIT DOMAIN' 
_pdbx_entry_details.has_ligand_of_interest   ? 
# 
loop_
_pdbx_unobs_or_zero_occ_residues.id 
_pdbx_unobs_or_zero_occ_residues.PDB_model_num 
_pdbx_unobs_or_zero_occ_residues.polymer_flag 
_pdbx_unobs_or_zero_occ_residues.occupancy_flag 
_pdbx_unobs_or_zero_occ_residues.auth_asym_id 
_pdbx_unobs_or_zero_occ_residues.auth_comp_id 
_pdbx_unobs_or_zero_occ_residues.auth_seq_id 
_pdbx_unobs_or_zero_occ_residues.PDB_ins_code 
_pdbx_unobs_or_zero_occ_residues.label_asym_id 
_pdbx_unobs_or_zero_occ_residues.label_comp_id 
_pdbx_unobs_or_zero_occ_residues.label_seq_id 
1  1 Y 1 A PRO 76 ? A PRO 76 
2  1 Y 1 A ALA 77 ? A ALA 77 
3  1 Y 1 A SER 78 ? A SER 78 
4  1 Y 1 A SER 79 ? A SER 79 
5  1 Y 1 A ASP 80 ? A ASP 80 
6  1 Y 1 A GLY 81 ? A GLY 81 
7  1 Y 1 A SER 82 ? A SER 82 
8  1 Y 1 A GLY 83 ? A GLY 83 
9  1 Y 1 B MET 1  ? B MET 1  
10 1 Y 1 B LYS 26 ? B LYS 26 
11 1 Y 1 B VAL 27 ? B VAL 27 
12 1 Y 1 B PRO 76 ? B PRO 76 
13 1 Y 1 B ALA 77 ? B ALA 77 
14 1 Y 1 B SER 78 ? B SER 78 
15 1 Y 1 B SER 79 ? B SER 79 
16 1 Y 1 B ASP 80 ? B ASP 80 
17 1 Y 1 B GLY 81 ? B GLY 81 
18 1 Y 1 B SER 82 ? B SER 82 
19 1 Y 1 B GLY 83 ? B GLY 83 
# 
loop_
_chem_comp_atom.comp_id 
_chem_comp_atom.atom_id 
_chem_comp_atom.type_symbol 
_chem_comp_atom.pdbx_aromatic_flag 
_chem_comp_atom.pdbx_stereo_config 
_chem_comp_atom.pdbx_ordinal 
ALA N    N N N 1   
ALA CA   C N S 2   
ALA C    C N N 3   
ALA O    O N N 4   
ALA CB   C N N 5   
ALA OXT  O N N 6   
ALA H    H N N 7   
ALA H2   H N N 8   
ALA HA   H N N 9   
ALA HB1  H N N 10  
ALA HB2  H N N 11  
ALA HB3  H N N 12  
ALA HXT  H N N 13  
ARG N    N N N 14  
ARG CA   C N S 15  
ARG C    C N N 16  
ARG O    O N N 17  
ARG CB   C N N 18  
ARG CG   C N N 19  
ARG CD   C N N 20  
ARG NE   N N N 21  
ARG CZ   C N N 22  
ARG NH1  N N N 23  
ARG NH2  N N N 24  
ARG OXT  O N N 25  
ARG H    H N N 26  
ARG H2   H N N 27  
ARG HA   H N N 28  
ARG HB2  H N N 29  
ARG HB3  H N N 30  
ARG HG2  H N N 31  
ARG HG3  H N N 32  
ARG HD2  H N N 33  
ARG HD3  H N N 34  
ARG HE   H N N 35  
ARG HH11 H N N 36  
ARG HH12 H N N 37  
ARG HH21 H N N 38  
ARG HH22 H N N 39  
ARG HXT  H N N 40  
ASN N    N N N 41  
ASN CA   C N S 42  
ASN C    C N N 43  
ASN O    O N N 44  
ASN CB   C N N 45  
ASN CG   C N N 46  
ASN OD1  O N N 47  
ASN ND2  N N N 48  
ASN OXT  O N N 49  
ASN H    H N N 50  
ASN H2   H N N 51  
ASN HA   H N N 52  
ASN HB2  H N N 53  
ASN HB3  H N N 54  
ASN HD21 H N N 55  
ASN HD22 H N N 56  
ASN HXT  H N N 57  
ASP N    N N N 58  
ASP CA   C N S 59  
ASP C    C N N 60  
ASP O    O N N 61  
ASP CB   C N N 62  
ASP CG   C N N 63  
ASP OD1  O N N 64  
ASP OD2  O N N 65  
ASP OXT  O N N 66  
ASP H    H N N 67  
ASP H2   H N N 68  
ASP HA   H N N 69  
ASP HB2  H N N 70  
ASP HB3  H N N 71  
ASP HD2  H N N 72  
ASP HXT  H N N 73  
GLN N    N N N 74  
GLN CA   C N S 75  
GLN C    C N N 76  
GLN O    O N N 77  
GLN CB   C N N 78  
GLN CG   C N N 79  
GLN CD   C N N 80  
GLN OE1  O N N 81  
GLN NE2  N N N 82  
GLN OXT  O N N 83  
GLN H    H N N 84  
GLN H2   H N N 85  
GLN HA   H N N 86  
GLN HB2  H N N 87  
GLN HB3  H N N 88  
GLN HG2  H N N 89  
GLN HG3  H N N 90  
GLN HE21 H N N 91  
GLN HE22 H N N 92  
GLN HXT  H N N 93  
GLU N    N N N 94  
GLU CA   C N S 95  
GLU C    C N N 96  
GLU O    O N N 97  
GLU CB   C N N 98  
GLU CG   C N N 99  
GLU CD   C N N 100 
GLU OE1  O N N 101 
GLU OE2  O N N 102 
GLU OXT  O N N 103 
GLU H    H N N 104 
GLU H2   H N N 105 
GLU HA   H N N 106 
GLU HB2  H N N 107 
GLU HB3  H N N 108 
GLU HG2  H N N 109 
GLU HG3  H N N 110 
GLU HE2  H N N 111 
GLU HXT  H N N 112 
GLY N    N N N 113 
GLY CA   C N N 114 
GLY C    C N N 115 
GLY O    O N N 116 
GLY OXT  O N N 117 
GLY H    H N N 118 
GLY H2   H N N 119 
GLY HA2  H N N 120 
GLY HA3  H N N 121 
GLY HXT  H N N 122 
HOH O    O N N 123 
HOH H1   H N N 124 
HOH H2   H N N 125 
ILE N    N N N 126 
ILE CA   C N S 127 
ILE C    C N N 128 
ILE O    O N N 129 
ILE CB   C N S 130 
ILE CG1  C N N 131 
ILE CG2  C N N 132 
ILE CD1  C N N 133 
ILE OXT  O N N 134 
ILE H    H N N 135 
ILE H2   H N N 136 
ILE HA   H N N 137 
ILE HB   H N N 138 
ILE HG12 H N N 139 
ILE HG13 H N N 140 
ILE HG21 H N N 141 
ILE HG22 H N N 142 
ILE HG23 H N N 143 
ILE HD11 H N N 144 
ILE HD12 H N N 145 
ILE HD13 H N N 146 
ILE HXT  H N N 147 
LEU N    N N N 148 
LEU CA   C N S 149 
LEU C    C N N 150 
LEU O    O N N 151 
LEU CB   C N N 152 
LEU CG   C N N 153 
LEU CD1  C N N 154 
LEU CD2  C N N 155 
LEU OXT  O N N 156 
LEU H    H N N 157 
LEU H2   H N N 158 
LEU HA   H N N 159 
LEU HB2  H N N 160 
LEU HB3  H N N 161 
LEU HG   H N N 162 
LEU HD11 H N N 163 
LEU HD12 H N N 164 
LEU HD13 H N N 165 
LEU HD21 H N N 166 
LEU HD22 H N N 167 
LEU HD23 H N N 168 
LEU HXT  H N N 169 
LYS N    N N N 170 
LYS CA   C N S 171 
LYS C    C N N 172 
LYS O    O N N 173 
LYS CB   C N N 174 
LYS CG   C N N 175 
LYS CD   C N N 176 
LYS CE   C N N 177 
LYS NZ   N N N 178 
LYS OXT  O N N 179 
LYS H    H N N 180 
LYS H2   H N N 181 
LYS HA   H N N 182 
LYS HB2  H N N 183 
LYS HB3  H N N 184 
LYS HG2  H N N 185 
LYS HG3  H N N 186 
LYS HD2  H N N 187 
LYS HD3  H N N 188 
LYS HE2  H N N 189 
LYS HE3  H N N 190 
LYS HZ1  H N N 191 
LYS HZ2  H N N 192 
LYS HZ3  H N N 193 
LYS HXT  H N N 194 
MET N    N N N 195 
MET CA   C N S 196 
MET C    C N N 197 
MET O    O N N 198 
MET CB   C N N 199 
MET CG   C N N 200 
MET SD   S N N 201 
MET CE   C N N 202 
MET OXT  O N N 203 
MET H    H N N 204 
MET H2   H N N 205 
MET HA   H N N 206 
MET HB2  H N N 207 
MET HB3  H N N 208 
MET HG2  H N N 209 
MET HG3  H N N 210 
MET HE1  H N N 211 
MET HE2  H N N 212 
MET HE3  H N N 213 
MET HXT  H N N 214 
PRO N    N N N 215 
PRO CA   C N S 216 
PRO C    C N N 217 
PRO O    O N N 218 
PRO CB   C N N 219 
PRO CG   C N N 220 
PRO CD   C N N 221 
PRO OXT  O N N 222 
PRO H    H N N 223 
PRO HA   H N N 224 
PRO HB2  H N N 225 
PRO HB3  H N N 226 
PRO HG2  H N N 227 
PRO HG3  H N N 228 
PRO HD2  H N N 229 
PRO HD3  H N N 230 
PRO HXT  H N N 231 
SER N    N N N 232 
SER CA   C N S 233 
SER C    C N N 234 
SER O    O N N 235 
SER CB   C N N 236 
SER OG   O N N 237 
SER OXT  O N N 238 
SER H    H N N 239 
SER H2   H N N 240 
SER HA   H N N 241 
SER HB2  H N N 242 
SER HB3  H N N 243 
SER HG   H N N 244 
SER HXT  H N N 245 
SRT O1   O N N 246 
SRT O11  O N N 247 
SRT C1   C N N 248 
SRT C2   C N S 249 
SRT O2   O N N 250 
SRT C3   C N R 251 
SRT O3   O N N 252 
SRT C4   C N N 253 
SRT O4   O N N 254 
SRT O41  O N N 255 
SRT H1   H N N 256 
SRT H2   H N N 257 
SRT HA   H N N 258 
SRT H3   H N N 259 
SRT HB   H N N 260 
SRT H41  H N N 261 
THR N    N N N 262 
THR CA   C N S 263 
THR C    C N N 264 
THR O    O N N 265 
THR CB   C N R 266 
THR OG1  O N N 267 
THR CG2  C N N 268 
THR OXT  O N N 269 
THR H    H N N 270 
THR H2   H N N 271 
THR HA   H N N 272 
THR HB   H N N 273 
THR HG1  H N N 274 
THR HG21 H N N 275 
THR HG22 H N N 276 
THR HG23 H N N 277 
THR HXT  H N N 278 
TYR N    N N N 279 
TYR CA   C N S 280 
TYR C    C N N 281 
TYR O    O N N 282 
TYR CB   C N N 283 
TYR CG   C Y N 284 
TYR CD1  C Y N 285 
TYR CD2  C Y N 286 
TYR CE1  C Y N 287 
TYR CE2  C Y N 288 
TYR CZ   C Y N 289 
TYR OH   O N N 290 
TYR OXT  O N N 291 
TYR H    H N N 292 
TYR H2   H N N 293 
TYR HA   H N N 294 
TYR HB2  H N N 295 
TYR HB3  H N N 296 
TYR HD1  H N N 297 
TYR HD2  H N N 298 
TYR HE1  H N N 299 
TYR HE2  H N N 300 
TYR HH   H N N 301 
TYR HXT  H N N 302 
VAL N    N N N 303 
VAL CA   C N S 304 
VAL C    C N N 305 
VAL O    O N N 306 
VAL CB   C N N 307 
VAL CG1  C N N 308 
VAL CG2  C N N 309 
VAL OXT  O N N 310 
VAL H    H N N 311 
VAL H2   H N N 312 
VAL HA   H N N 313 
VAL HB   H N N 314 
VAL HG11 H N N 315 
VAL HG12 H N N 316 
VAL HG13 H N N 317 
VAL HG21 H N N 318 
VAL HG22 H N N 319 
VAL HG23 H N N 320 
VAL HXT  H N N 321 
# 
loop_
_chem_comp_bond.comp_id 
_chem_comp_bond.atom_id_1 
_chem_comp_bond.atom_id_2 
_chem_comp_bond.value_order 
_chem_comp_bond.pdbx_aromatic_flag 
_chem_comp_bond.pdbx_stereo_config 
_chem_comp_bond.pdbx_ordinal 
ALA N   CA   sing N N 1   
ALA N   H    sing N N 2   
ALA N   H2   sing N N 3   
ALA CA  C    sing N N 4   
ALA CA  CB   sing N N 5   
ALA CA  HA   sing N N 6   
ALA C   O    doub N N 7   
ALA C   OXT  sing N N 8   
ALA CB  HB1  sing N N 9   
ALA CB  HB2  sing N N 10  
ALA CB  HB3  sing N N 11  
ALA OXT HXT  sing N N 12  
ARG N   CA   sing N N 13  
ARG N   H    sing N N 14  
ARG N   H2   sing N N 15  
ARG CA  C    sing N N 16  
ARG CA  CB   sing N N 17  
ARG CA  HA   sing N N 18  
ARG C   O    doub N N 19  
ARG C   OXT  sing N N 20  
ARG CB  CG   sing N N 21  
ARG CB  HB2  sing N N 22  
ARG CB  HB3  sing N N 23  
ARG CG  CD   sing N N 24  
ARG CG  HG2  sing N N 25  
ARG CG  HG3  sing N N 26  
ARG CD  NE   sing N N 27  
ARG CD  HD2  sing N N 28  
ARG CD  HD3  sing N N 29  
ARG NE  CZ   sing N N 30  
ARG NE  HE   sing N N 31  
ARG CZ  NH1  sing N N 32  
ARG CZ  NH2  doub N N 33  
ARG NH1 HH11 sing N N 34  
ARG NH1 HH12 sing N N 35  
ARG NH2 HH21 sing N N 36  
ARG NH2 HH22 sing N N 37  
ARG OXT HXT  sing N N 38  
ASN N   CA   sing N N 39  
ASN N   H    sing N N 40  
ASN N   H2   sing N N 41  
ASN CA  C    sing N N 42  
ASN CA  CB   sing N N 43  
ASN CA  HA   sing N N 44  
ASN C   O    doub N N 45  
ASN C   OXT  sing N N 46  
ASN CB  CG   sing N N 47  
ASN CB  HB2  sing N N 48  
ASN CB  HB3  sing N N 49  
ASN CG  OD1  doub N N 50  
ASN CG  ND2  sing N N 51  
ASN ND2 HD21 sing N N 52  
ASN ND2 HD22 sing N N 53  
ASN OXT HXT  sing N N 54  
ASP N   CA   sing N N 55  
ASP N   H    sing N N 56  
ASP N   H2   sing N N 57  
ASP CA  C    sing N N 58  
ASP CA  CB   sing N N 59  
ASP CA  HA   sing N N 60  
ASP C   O    doub N N 61  
ASP C   OXT  sing N N 62  
ASP CB  CG   sing N N 63  
ASP CB  HB2  sing N N 64  
ASP CB  HB3  sing N N 65  
ASP CG  OD1  doub N N 66  
ASP CG  OD2  sing N N 67  
ASP OD2 HD2  sing N N 68  
ASP OXT HXT  sing N N 69  
GLN N   CA   sing N N 70  
GLN N   H    sing N N 71  
GLN N   H2   sing N N 72  
GLN CA  C    sing N N 73  
GLN CA  CB   sing N N 74  
GLN CA  HA   sing N N 75  
GLN C   O    doub N N 76  
GLN C   OXT  sing N N 77  
GLN CB  CG   sing N N 78  
GLN CB  HB2  sing N N 79  
GLN CB  HB3  sing N N 80  
GLN CG  CD   sing N N 81  
GLN CG  HG2  sing N N 82  
GLN CG  HG3  sing N N 83  
GLN CD  OE1  doub N N 84  
GLN CD  NE2  sing N N 85  
GLN NE2 HE21 sing N N 86  
GLN NE2 HE22 sing N N 87  
GLN OXT HXT  sing N N 88  
GLU N   CA   sing N N 89  
GLU N   H    sing N N 90  
GLU N   H2   sing N N 91  
GLU CA  C    sing N N 92  
GLU CA  CB   sing N N 93  
GLU CA  HA   sing N N 94  
GLU C   O    doub N N 95  
GLU C   OXT  sing N N 96  
GLU CB  CG   sing N N 97  
GLU CB  HB2  sing N N 98  
GLU CB  HB3  sing N N 99  
GLU CG  CD   sing N N 100 
GLU CG  HG2  sing N N 101 
GLU CG  HG3  sing N N 102 
GLU CD  OE1  doub N N 103 
GLU CD  OE2  sing N N 104 
GLU OE2 HE2  sing N N 105 
GLU OXT HXT  sing N N 106 
GLY N   CA   sing N N 107 
GLY N   H    sing N N 108 
GLY N   H2   sing N N 109 
GLY CA  C    sing N N 110 
GLY CA  HA2  sing N N 111 
GLY CA  HA3  sing N N 112 
GLY C   O    doub N N 113 
GLY C   OXT  sing N N 114 
GLY OXT HXT  sing N N 115 
HOH O   H1   sing N N 116 
HOH O   H2   sing N N 117 
ILE N   CA   sing N N 118 
ILE N   H    sing N N 119 
ILE N   H2   sing N N 120 
ILE CA  C    sing N N 121 
ILE CA  CB   sing N N 122 
ILE CA  HA   sing N N 123 
ILE C   O    doub N N 124 
ILE C   OXT  sing N N 125 
ILE CB  CG1  sing N N 126 
ILE CB  CG2  sing N N 127 
ILE CB  HB   sing N N 128 
ILE CG1 CD1  sing N N 129 
ILE CG1 HG12 sing N N 130 
ILE CG1 HG13 sing N N 131 
ILE CG2 HG21 sing N N 132 
ILE CG2 HG22 sing N N 133 
ILE CG2 HG23 sing N N 134 
ILE CD1 HD11 sing N N 135 
ILE CD1 HD12 sing N N 136 
ILE CD1 HD13 sing N N 137 
ILE OXT HXT  sing N N 138 
LEU N   CA   sing N N 139 
LEU N   H    sing N N 140 
LEU N   H2   sing N N 141 
LEU CA  C    sing N N 142 
LEU CA  CB   sing N N 143 
LEU CA  HA   sing N N 144 
LEU C   O    doub N N 145 
LEU C   OXT  sing N N 146 
LEU CB  CG   sing N N 147 
LEU CB  HB2  sing N N 148 
LEU CB  HB3  sing N N 149 
LEU CG  CD1  sing N N 150 
LEU CG  CD2  sing N N 151 
LEU CG  HG   sing N N 152 
LEU CD1 HD11 sing N N 153 
LEU CD1 HD12 sing N N 154 
LEU CD1 HD13 sing N N 155 
LEU CD2 HD21 sing N N 156 
LEU CD2 HD22 sing N N 157 
LEU CD2 HD23 sing N N 158 
LEU OXT HXT  sing N N 159 
LYS N   CA   sing N N 160 
LYS N   H    sing N N 161 
LYS N   H2   sing N N 162 
LYS CA  C    sing N N 163 
LYS CA  CB   sing N N 164 
LYS CA  HA   sing N N 165 
LYS C   O    doub N N 166 
LYS C   OXT  sing N N 167 
LYS CB  CG   sing N N 168 
LYS CB  HB2  sing N N 169 
LYS CB  HB3  sing N N 170 
LYS CG  CD   sing N N 171 
LYS CG  HG2  sing N N 172 
LYS CG  HG3  sing N N 173 
LYS CD  CE   sing N N 174 
LYS CD  HD2  sing N N 175 
LYS CD  HD3  sing N N 176 
LYS CE  NZ   sing N N 177 
LYS CE  HE2  sing N N 178 
LYS CE  HE3  sing N N 179 
LYS NZ  HZ1  sing N N 180 
LYS NZ  HZ2  sing N N 181 
LYS NZ  HZ3  sing N N 182 
LYS OXT HXT  sing N N 183 
MET N   CA   sing N N 184 
MET N   H    sing N N 185 
MET N   H2   sing N N 186 
MET CA  C    sing N N 187 
MET CA  CB   sing N N 188 
MET CA  HA   sing N N 189 
MET C   O    doub N N 190 
MET C   OXT  sing N N 191 
MET CB  CG   sing N N 192 
MET CB  HB2  sing N N 193 
MET CB  HB3  sing N N 194 
MET CG  SD   sing N N 195 
MET CG  HG2  sing N N 196 
MET CG  HG3  sing N N 197 
MET SD  CE   sing N N 198 
MET CE  HE1  sing N N 199 
MET CE  HE2  sing N N 200 
MET CE  HE3  sing N N 201 
MET OXT HXT  sing N N 202 
PRO N   CA   sing N N 203 
PRO N   CD   sing N N 204 
PRO N   H    sing N N 205 
PRO CA  C    sing N N 206 
PRO CA  CB   sing N N 207 
PRO CA  HA   sing N N 208 
PRO C   O    doub N N 209 
PRO C   OXT  sing N N 210 
PRO CB  CG   sing N N 211 
PRO CB  HB2  sing N N 212 
PRO CB  HB3  sing N N 213 
PRO CG  CD   sing N N 214 
PRO CG  HG2  sing N N 215 
PRO CG  HG3  sing N N 216 
PRO CD  HD2  sing N N 217 
PRO CD  HD3  sing N N 218 
PRO OXT HXT  sing N N 219 
SER N   CA   sing N N 220 
SER N   H    sing N N 221 
SER N   H2   sing N N 222 
SER CA  C    sing N N 223 
SER CA  CB   sing N N 224 
SER CA  HA   sing N N 225 
SER C   O    doub N N 226 
SER C   OXT  sing N N 227 
SER CB  OG   sing N N 228 
SER CB  HB2  sing N N 229 
SER CB  HB3  sing N N 230 
SER OG  HG   sing N N 231 
SER OXT HXT  sing N N 232 
SRT O1  C1   sing N N 233 
SRT O1  H1   sing N N 234 
SRT O11 C1   doub N N 235 
SRT C1  C2   sing N N 236 
SRT C2  O2   sing N N 237 
SRT C2  C3   sing N N 238 
SRT C2  H2   sing N N 239 
SRT O2  HA   sing N N 240 
SRT C3  O3   sing N N 241 
SRT C3  C4   sing N N 242 
SRT C3  H3   sing N N 243 
SRT O3  HB   sing N N 244 
SRT C4  O4   doub N N 245 
SRT C4  O41  sing N N 246 
SRT O41 H41  sing N N 247 
THR N   CA   sing N N 248 
THR N   H    sing N N 249 
THR N   H2   sing N N 250 
THR CA  C    sing N N 251 
THR CA  CB   sing N N 252 
THR CA  HA   sing N N 253 
THR C   O    doub N N 254 
THR C   OXT  sing N N 255 
THR CB  OG1  sing N N 256 
THR CB  CG2  sing N N 257 
THR CB  HB   sing N N 258 
THR OG1 HG1  sing N N 259 
THR CG2 HG21 sing N N 260 
THR CG2 HG22 sing N N 261 
THR CG2 HG23 sing N N 262 
THR OXT HXT  sing N N 263 
TYR N   CA   sing N N 264 
TYR N   H    sing N N 265 
TYR N   H2   sing N N 266 
TYR CA  C    sing N N 267 
TYR CA  CB   sing N N 268 
TYR CA  HA   sing N N 269 
TYR C   O    doub N N 270 
TYR C   OXT  sing N N 271 
TYR CB  CG   sing N N 272 
TYR CB  HB2  sing N N 273 
TYR CB  HB3  sing N N 274 
TYR CG  CD1  doub Y N 275 
TYR CG  CD2  sing Y N 276 
TYR CD1 CE1  sing Y N 277 
TYR CD1 HD1  sing N N 278 
TYR CD2 CE2  doub Y N 279 
TYR CD2 HD2  sing N N 280 
TYR CE1 CZ   doub Y N 281 
TYR CE1 HE1  sing N N 282 
TYR CE2 CZ   sing Y N 283 
TYR CE2 HE2  sing N N 284 
TYR CZ  OH   sing N N 285 
TYR OH  HH   sing N N 286 
TYR OXT HXT  sing N N 287 
VAL N   CA   sing N N 288 
VAL N   H    sing N N 289 
VAL N   H2   sing N N 290 
VAL CA  C    sing N N 291 
VAL CA  CB   sing N N 292 
VAL CA  HA   sing N N 293 
VAL C   O    doub N N 294 
VAL C   OXT  sing N N 295 
VAL CB  CG1  sing N N 296 
VAL CB  CG2  sing N N 297 
VAL CB  HB   sing N N 298 
VAL CG1 HG11 sing N N 299 
VAL CG1 HG12 sing N N 300 
VAL CG1 HG13 sing N N 301 
VAL CG2 HG21 sing N N 302 
VAL CG2 HG22 sing N N 303 
VAL CG2 HG23 sing N N 304 
VAL OXT HXT  sing N N 305 
# 
_atom_sites.entry_id                    2V6Y 
_atom_sites.fract_transf_matrix[1][1]   0.00964367 
_atom_sites.fract_transf_matrix[1][2]   -0.00460411 
_atom_sites.fract_transf_matrix[1][3]   0.01423648 
_atom_sites.fract_transf_matrix[2][1]   0.01210650 
_atom_sites.fract_transf_matrix[2][2]   0.00333996 
_atom_sites.fract_transf_matrix[2][3]   -0.00712069 
_atom_sites.fract_transf_matrix[3][1]   -0.00046640 
_atom_sites.fract_transf_matrix[3][2]   0.00761355 
_atom_sites.fract_transf_matrix[3][3]   0.00277817 
_atom_sites.fract_transf_vector[1]      -0.016209 
_atom_sites.fract_transf_vector[2]      0.090817 
_atom_sites.fract_transf_vector[3]      0.133231 
# 
loop_
_atom_type.symbol 
C 
H 
N 
O 
S 
# 
loop_
_atom_site.group_PDB 
_atom_site.id 
_atom_site.type_symbol 
_atom_site.label_atom_id 
_atom_site.label_alt_id 
_atom_site.label_comp_id 
_atom_site.label_asym_id 
_atom_site.label_entity_id 
_atom_site.label_seq_id 
_atom_site.pdbx_PDB_ins_code 
_atom_site.Cartn_x 
_atom_site.Cartn_y 
_atom_site.Cartn_z 
_atom_site.occupancy 
_atom_site.B_iso_or_equiv 
_atom_site.pdbx_formal_charge 
_atom_site.auth_seq_id 
_atom_site.auth_comp_id 
_atom_site.auth_asym_id 
_atom_site.auth_atom_id 
_atom_site.pdbx_PDB_model_num 
ATOM   1    N N   . MET A 1 1  ? -5.141  20.473  -1.426  1.00 55.25 ? 1    MET A N   1 
ATOM   2    C CA  . MET A 1 1  ? -4.583  19.806  -0.199  1.00 55.59 ? 1    MET A CA  1 
ATOM   3    C C   . MET A 1 1  ? -4.275  18.293  -0.303  1.00 54.96 ? 1    MET A C   1 
ATOM   4    O O   . MET A 1 1  ? -3.646  17.740  0.612   1.00 55.94 ? 1    MET A O   1 
ATOM   5    C CB  . MET A 1 1  ? -5.458  20.077  1.051   1.00 55.97 ? 1    MET A CB  1 
ATOM   6    C CG  . MET A 1 1  ? -5.210  21.423  1.733   1.00 56.37 ? 1    MET A CG  1 
ATOM   7    S SD  . MET A 1 1  ? -6.020  21.625  3.350   1.00 55.41 ? 1    MET A SD  1 
ATOM   8    C CE  . MET A 1 1  ? -5.601  23.332  3.679   1.00 56.09 ? 1    MET A CE  1 
ATOM   9    N N   . SER A 1 2  ? -4.688  17.596  -1.358  1.00 53.52 ? 2    SER A N   1 
ATOM   10   C CA  . SER A 1 2  ? -5.503  18.082  -2.465  1.00 52.58 ? 2    SER A CA  1 
ATOM   11   C C   . SER A 1 2  ? -6.751  17.209  -2.586  1.00 51.40 ? 2    SER A C   1 
ATOM   12   O O   . SER A 1 2  ? -6.749  16.057  -2.171  1.00 51.04 ? 2    SER A O   1 
ATOM   13   C CB  . SER A 1 2  ? -4.716  18.057  -3.779  1.00 52.73 ? 2    SER A CB  1 
ATOM   14   O OG  . SER A 1 2  ? -4.821  16.798  -4.428  1.00 53.89 ? 2    SER A OG  1 
ATOM   15   N N   . ALA A 1 3  ? -7.808  17.776  -3.157  1.00 50.55 ? 3    ALA A N   1 
ATOM   16   C CA  . ALA A 1 3  ? -9.099  17.119  -3.259  1.00 49.90 ? 3    ALA A CA  1 
ATOM   17   C C   . ALA A 1 3  ? -9.004  15.858  -4.110  1.00 50.10 ? 3    ALA A C   1 
ATOM   18   O O   . ALA A 1 3  ? -9.688  14.867  -3.840  1.00 50.09 ? 3    ALA A O   1 
ATOM   19   C CB  . ALA A 1 3  ? -10.107 18.066  -3.848  1.00 49.70 ? 3    ALA A CB  1 
ATOM   20   N N   . GLN A 1 4  ? -8.158  15.901  -5.145  1.00 50.02 ? 4    GLN A N   1 
ATOM   21   C CA  . GLN A 1 4  ? -8.010  14.780  -6.081  1.00 49.74 ? 4    GLN A CA  1 
ATOM   22   C C   . GLN A 1 4  ? -7.389  13.564  -5.406  1.00 49.94 ? 4    GLN A C   1 
ATOM   23   O O   . GLN A 1 4  ? -7.853  12.440  -5.591  1.00 50.09 ? 4    GLN A O   1 
ATOM   24   C CB  . GLN A 1 4  ? -7.183  15.182  -7.304  1.00 49.24 ? 4    GLN A CB  1 
ATOM   25   C CG  . GLN A 1 4  ? -6.924  14.043  -8.286  1.00 49.50 ? 4    GLN A CG  1 
ATOM   26   C CD  . GLN A 1 4  ? -6.255  14.498  -9.568  1.00 49.50 ? 4    GLN A CD  1 
ATOM   27   O OE1 . GLN A 1 4  ? -5.484  15.458  -9.572  1.00 50.70 ? 4    GLN A OE1 1 
ATOM   28   N NE2 . GLN A 1 4  ? -6.542  13.805  -10.664 1.00 48.07 ? 4    GLN A NE2 1 
ATOM   29   N N   . VAL A 1 5  ? -6.336  13.789  -4.632  1.00 50.32 ? 5    VAL A N   1 
ATOM   30   C CA  . VAL A 1 5  ? -5.622  12.706  -3.948  1.00 50.87 ? 5    VAL A CA  1 
ATOM   31   C C   . VAL A 1 5  ? -6.476  12.088  -2.830  1.00 50.84 ? 5    VAL A C   1 
ATOM   32   O O   . VAL A 1 5  ? -6.519  10.872  -2.696  1.00 50.99 ? 5    VAL A O   1 
ATOM   33   C CB  . VAL A 1 5  ? -4.226  13.170  -3.432  1.00 51.14 ? 5    VAL A CB  1 
ATOM   34   C CG1 . VAL A 1 5  ? -3.510  12.060  -2.676  1.00 51.58 ? 5    VAL A CG1 1 
ATOM   35   C CG2 . VAL A 1 5  ? -3.360  13.638  -4.604  1.00 51.82 ? 5    VAL A CG2 1 
ATOM   36   N N   . MET A 1 6  ? -7.174  12.919  -2.057  1.00 50.45 ? 6    MET A N   1 
ATOM   37   C CA  . MET A 1 6  ? -8.073  12.412  -1.025  1.00 50.24 ? 6    MET A CA  1 
ATOM   38   C C   . MET A 1 6  ? -9.183  11.525  -1.624  1.00 49.55 ? 6    MET A C   1 
ATOM   39   O O   . MET A 1 6  ? -9.511  10.480  -1.074  1.00 49.11 ? 6    MET A O   1 
ATOM   40   C CB  . MET A 1 6  ? -8.651  13.561  -0.184  1.00 50.69 ? 6    MET A CB  1 
ATOM   41   C CG  . MET A 1 6  ? -7.599  14.403  0.639   1.00 52.88 ? 6    MET A CG  1 
ATOM   42   S SD  . MET A 1 6  ? -6.522  13.500  1.821   1.00 55.67 ? 6    MET A SD  1 
ATOM   43   C CE  . MET A 1 6  ? -4.884  13.723  1.105   1.00 53.71 ? 6    MET A CE  1 
ATOM   44   N N   . LEU A 1 7  ? -9.756  11.953  -2.744  1.00 48.98 ? 7    LEU A N   1 
ATOM   45   C CA  . LEU A 1 7  ? -10.789 11.191  -3.425  1.00 48.80 ? 7    LEU A CA  1 
ATOM   46   C C   . LEU A 1 7  ? -10.240 9.899   -4.039  1.00 48.85 ? 7    LEU A C   1 
ATOM   47   O O   . LEU A 1 7  ? -10.889 8.860   -3.980  1.00 49.03 ? 7    LEU A O   1 
ATOM   48   C CB  . LEU A 1 7  ? -11.443 12.043  -4.513  1.00 48.95 ? 7    LEU A CB  1 
ATOM   49   C CG  . LEU A 1 7  ? -12.398 13.164  -4.109  1.00 47.75 ? 7    LEU A CG  1 
ATOM   50   C CD1 . LEU A 1 7  ? -12.795 13.969  -5.344  1.00 46.41 ? 7    LEU A CD1 1 
ATOM   51   C CD2 . LEU A 1 7  ? -13.617 12.602  -3.401  1.00 44.78 ? 7    LEU A CD2 1 
ATOM   52   N N   . GLU A 1 8  ? -9.051  9.966   -4.633  1.00 49.02 ? 8    GLU A N   1 
ATOM   53   C CA  . GLU A 1 8  ? -8.364  8.760   -5.104  1.00 49.55 ? 8    GLU A CA  1 
ATOM   54   C C   . GLU A 1 8  ? -8.169  7.755   -3.987  1.00 49.36 ? 8    GLU A C   1 
ATOM   55   O O   . GLU A 1 8  ? -8.341  6.561   -4.209  1.00 49.48 ? 8    GLU A O   1 
ATOM   56   C CB  . GLU A 1 8  ? -7.000  9.095   -5.680  1.00 49.52 ? 8    GLU A CB  1 
ATOM   57   C CG  . GLU A 1 8  ? -7.044  9.552   -7.099  1.00 51.89 ? 8    GLU A CG  1 
ATOM   58   C CD  . GLU A 1 8  ? -5.699  10.054  -7.597  1.00 55.64 ? 8    GLU A CD  1 
ATOM   59   O OE1 . GLU A 1 8  ? -4.674  9.934   -6.878  1.00 55.49 ? 8    GLU A OE1 1 
ATOM   60   O OE2 . GLU A 1 8  ? -5.671  10.579  -8.730  1.00 57.92 ? 8    GLU A OE2 1 
ATOM   61   N N   . ASP A 1 9  ? -7.792  8.247   -2.802  1.00 48.81 ? 9    ASP A N   1 
ATOM   62   C CA  . ASP A 1 9  ? -7.640  7.415   -1.614  1.00 48.76 ? 9    ASP A CA  1 
ATOM   63   C C   . ASP A 1 9  ? -8.944  6.779   -1.143  1.00 47.71 ? 9    ASP A C   1 
ATOM   64   O O   . ASP A 1 9  ? -8.944  5.613   -0.749  1.00 48.09 ? 9    ASP A O   1 
ATOM   65   C CB  . ASP A 1 9  ? -6.958  8.185   -0.477  1.00 49.69 ? 9    ASP A CB  1 
ATOM   66   C CG  . ASP A 1 9  ? -5.513  8.600   -0.825  1.00 53.70 ? 9    ASP A CG  1 
ATOM   67   O OD1 . ASP A 1 9  ? -4.999  8.210   -1.923  1.00 57.39 ? 9    ASP A OD1 1 
ATOM   68   O OD2 . ASP A 1 9  ? -4.898  9.336   -0.004  1.00 56.70 ? 9    ASP A OD2 1 
ATOM   69   N N   . MET A 1 10 ? -10.046 7.527   -1.191  1.00 46.46 ? 10   MET A N   1 
ATOM   70   C CA  . MET A 1 10 ? -11.378 6.973   -0.944  1.00 44.54 ? 10   MET A CA  1 
ATOM   71   C C   . MET A 1 10 ? -11.720 5.857   -1.909  1.00 45.73 ? 10   MET A C   1 
ATOM   72   O O   . MET A 1 10 ? -12.182 4.806   -1.485  1.00 45.60 ? 10   MET A O   1 
ATOM   73   C CB  . MET A 1 10 ? -12.451 8.034   -1.058  1.00 45.14 ? 10   MET A CB  1 
ATOM   74   C CG  . MET A 1 10 ? -12.607 8.900   0.170   1.00 44.25 ? 10   MET A CG  1 
ATOM   75   S SD  . MET A 1 10 ? -14.045 9.952   0.020   1.00 37.30 ? 10   MET A SD  1 
ATOM   76   C CE  . MET A 1 10 ? -15.255 8.755   -0.287  1.00 36.63 ? 10   MET A CE  1 
ATOM   77   N N   . ALA A 1 11 ? -11.508 6.108   -3.203  1.00 46.58 ? 11   ALA A N   1 
ATOM   78   C CA  . ALA A 1 11 ? -11.809 5.138   -4.277  1.00 46.97 ? 11   ALA A CA  1 
ATOM   79   C C   . ALA A 1 11 ? -10.959 3.883   -4.167  1.00 47.34 ? 11   ALA A C   1 
ATOM   80   O O   . ALA A 1 11 ? -11.463 2.777   -4.352  1.00 47.98 ? 11   ALA A O   1 
ATOM   81   C CB  . ALA A 1 11 ? -11.626 5.760   -5.659  1.00 47.14 ? 11   ALA A CB  1 
ATOM   82   N N   . ARG A 1 12 ? -9.675  4.055   -3.880  1.00 47.79 ? 12   ARG A N   1 
ATOM   83   C CA  . ARG A 1 12 ? -8.788  2.921   -3.651  1.00 48.53 ? 12   ARG A CA  1 
ATOM   84   C C   . ARG A 1 12 ? -9.220  2.068   -2.451  1.00 48.17 ? 12   ARG A C   1 
ATOM   85   O O   . ARG A 1 12 ? -9.279  0.845   -2.550  1.00 48.34 ? 12   ARG A O   1 
ATOM   86   C CB  . ARG A 1 12 ? -7.336  3.359   -3.477  1.00 48.60 ? 12   ARG A CB  1 
ATOM   87   C CG  . ARG A 1 12 ? -6.454  2.228   -2.987  1.00 50.24 ? 12   ARG A CG  1 
ATOM   88   C CD  . ARG A 1 12 ? -5.130  2.740   -2.498  1.00 55.06 ? 12   ARG A CD  1 
ATOM   89   N NE  . ARG A 1 12 ? -4.162  2.604   -3.574  1.00 60.34 ? 12   ARG A NE  1 
ATOM   90   C CZ  . ARG A 1 12 ? -3.601  3.607   -4.237  1.00 62.41 ? 12   ARG A CZ  1 
ATOM   91   N NH1 . ARG A 1 12 ? -3.875  4.881   -3.936  1.00 63.46 ? 12   ARG A NH1 1 
ATOM   92   N NH2 . ARG A 1 12 ? -2.744  3.322   -5.201  1.00 62.89 ? 12   ARG A NH2 1 
ATOM   93   N N   . LYS A 1 13 ? -9.512  2.711   -1.330  1.00 47.89 ? 13   LYS A N   1 
ATOM   94   C CA  . LYS A 1 13 ? -10.011 2.001   -0.157  1.00 48.33 ? 13   LYS A CA  1 
ATOM   95   C C   . LYS A 1 13 ? -11.276 1.176   -0.452  1.00 47.78 ? 13   LYS A C   1 
ATOM   96   O O   . LYS A 1 13 ? -11.378 0.042   -0.003  1.00 48.02 ? 13   LYS A O   1 
ATOM   97   C CB  . LYS A 1 13 ? -10.238 2.952   1.021   1.00 47.91 ? 13   LYS A CB  1 
ATOM   98   C CG  . LYS A 1 13 ? -8.968  3.350   1.764   1.00 50.02 ? 13   LYS A CG  1 
ATOM   99   C CD  . LYS A 1 13 ? -9.250  4.406   2.833   1.00 50.47 ? 13   LYS A CD  1 
ATOM   100  C CE  . LYS A 1 13 ? -8.164  5.510   2.855   1.00 55.32 ? 13   LYS A CE  1 
ATOM   101  N NZ  . LYS A 1 13 ? -6.809  5.051   3.340   1.00 54.74 ? 13   LYS A NZ  1 
ATOM   102  N N   . TYR A 1 14 ? -12.217 1.742   -1.209  1.00 47.35 ? 14   TYR A N   1 
ATOM   103  C CA  . TYR A 1 14 ? -13.464 1.052   -1.557  1.00 46.89 ? 14   TYR A CA  1 
ATOM   104  C C   . TYR A 1 14 ? -13.243 -0.123  -2.481  1.00 46.43 ? 14   TYR A C   1 
ATOM   105  O O   . TYR A 1 14 ? -13.879 -1.151  -2.318  1.00 46.78 ? 14   TYR A O   1 
ATOM   106  C CB  . TYR A 1 14 ? -14.503 2.013   -2.174  1.00 46.79 ? 14   TYR A CB  1 
ATOM   107  C CG  . TYR A 1 14 ? -15.240 2.832   -1.160  1.00 45.91 ? 14   TYR A CG  1 
ATOM   108  C CD1 . TYR A 1 14 ? -15.777 2.237   -0.018  1.00 45.52 ? 14   TYR A CD1 1 
ATOM   109  C CD2 . TYR A 1 14 ? -15.404 4.211   -1.329  1.00 46.85 ? 14   TYR A CD2 1 
ATOM   110  C CE1 . TYR A 1 14 ? -16.446 2.987   0.938   1.00 44.67 ? 14   TYR A CE1 1 
ATOM   111  C CE2 . TYR A 1 14 ? -16.088 4.978   -0.369  1.00 44.73 ? 14   TYR A CE2 1 
ATOM   112  C CZ  . TYR A 1 14 ? -16.603 4.353   0.753   1.00 45.23 ? 14   TYR A CZ  1 
ATOM   113  O OH  . TYR A 1 14 ? -17.276 5.089   1.708   1.00 47.32 ? 14   TYR A OH  1 
ATOM   114  N N   . ALA A 1 15 ? -12.337 0.039   -3.440  1.00 46.05 ? 15   ALA A N   1 
ATOM   115  C CA  . ALA A 1 15 ? -11.954 -1.033  -4.354  1.00 45.45 ? 15   ALA A CA  1 
ATOM   116  C C   . ALA A 1 15 ? -11.290 -2.178  -3.602  1.00 44.80 ? 15   ALA A C   1 
ATOM   117  O O   . ALA A 1 15 ? -11.554 -3.333  -3.896  1.00 44.91 ? 15   ALA A O   1 
ATOM   118  C CB  . ALA A 1 15 ? -11.038 -0.506  -5.430  1.00 45.83 ? 15   ALA A CB  1 
ATOM   119  N N   . ILE A 1 16 ? -10.433 -1.854  -2.634  1.00 44.54 ? 16   ILE A N   1 
ATOM   120  C CA  . ILE A 1 16 ? -9.762  -2.873  -1.808  1.00 43.89 ? 16   ILE A CA  1 
ATOM   121  C C   . ILE A 1 16 ? -10.816 -3.677  -1.049  1.00 44.46 ? 16   ILE A C   1 
ATOM   122  O O   . ILE A 1 16 ? -10.761 -4.906  -1.011  1.00 44.61 ? 16   ILE A O   1 
ATOM   123  C CB  . ILE A 1 16 ? -8.724  -2.237  -0.836  1.00 44.10 ? 16   ILE A CB  1 
ATOM   124  C CG1 . ILE A 1 16 ? -7.525  -1.695  -1.612  1.00 42.69 ? 16   ILE A CG1 1 
ATOM   125  C CG2 . ILE A 1 16 ? -8.265  -3.217  0.243   1.00 41.86 ? 16   ILE A CG2 1 
ATOM   126  C CD1 . ILE A 1 16 ? -6.566  -0.936  -0.754  1.00 42.56 ? 16   ILE A CD1 1 
ATOM   127  N N   . LEU A 1 17 ? -11.794 -2.973  -0.480  1.00 44.59 ? 17   LEU A N   1 
ATOM   128  C CA  . LEU A 1 17 ? -12.927 -3.596  0.226   1.00 44.95 ? 17   LEU A CA  1 
ATOM   129  C C   . LEU A 1 17 ? -13.800 -4.467  -0.685  1.00 45.08 ? 17   LEU A C   1 
ATOM   130  O O   . LEU A 1 17 ? -14.255 -5.534  -0.271  1.00 45.42 ? 17   LEU A O   1 
ATOM   131  C CB  . LEU A 1 17 ? -13.823 -2.530  0.892   1.00 44.54 ? 17   LEU A CB  1 
ATOM   132  C CG  . LEU A 1 17 ? -13.322 -1.788  2.146   1.00 44.90 ? 17   LEU A CG  1 
ATOM   133  C CD1 . LEU A 1 17 ? -14.275 -0.664  2.562   1.00 43.72 ? 17   LEU A CD1 1 
ATOM   134  C CD2 . LEU A 1 17 ? -13.044 -2.720  3.329   1.00 43.05 ? 17   LEU A CD2 1 
ATOM   135  N N   . ALA A 1 18 ? -14.057 -3.977  -1.902  1.00 45.13 ? 18   ALA A N   1 
ATOM   136  C CA  . ALA A 1 18 ? -14.816 -4.703  -2.916  1.00 44.69 ? 18   ALA A CA  1 
ATOM   137  C C   . ALA A 1 18 ? -14.128 -5.985  -3.342  1.00 44.78 ? 18   ALA A C   1 
ATOM   138  O O   . ALA A 1 18 ? -14.794 -6.991  -3.486  1.00 45.34 ? 18   ALA A O   1 
ATOM   139  C CB  . ALA A 1 18 ? -15.064 -3.827  -4.118  1.00 44.36 ? 18   ALA A CB  1 
ATOM   140  N N   . VAL A 1 19 ? -12.807 -5.942  -3.538  1.00 45.02 ? 19   VAL A N   1 
ATOM   141  C CA  . VAL A 1 19 ? -12.043 -7.093  -4.002  1.00 45.48 ? 19   VAL A CA  1 
ATOM   142  C C   . VAL A 1 19 ? -11.984 -8.152  -2.907  1.00 46.42 ? 19   VAL A C   1 
ATOM   143  O O   . VAL A 1 19 ? -12.061 -9.346  -3.176  1.00 46.79 ? 19   VAL A O   1 
ATOM   144  C CB  . VAL A 1 19 ? -10.595 -6.707  -4.431  1.00 45.26 ? 19   VAL A CB  1 
ATOM   145  C CG1 . VAL A 1 19 ? -9.738  -7.951  -4.642  1.00 42.36 ? 19   VAL A CG1 1 
ATOM   146  C CG2 . VAL A 1 19 ? -10.611 -5.863  -5.681  1.00 45.29 ? 19   VAL A CG2 1 
ATOM   147  N N   . LYS A 1 20 ? -11.840 -7.695  -1.670  1.00 47.37 ? 20   LYS A N   1 
ATOM   148  C CA  . LYS A 1 20 ? -11.809 -8.571  -0.501  1.00 48.29 ? 20   LYS A CA  1 
ATOM   149  C C   . LYS A 1 20 ? -13.135 -9.312  -0.339  1.00 48.47 ? 20   LYS A C   1 
ATOM   150  O O   . LYS A 1 20 ? -13.146 -10.527 -0.193  1.00 48.73 ? 20   LYS A O   1 
ATOM   151  C CB  . LYS A 1 20 ? -11.515 -7.761  0.767   1.00 48.48 ? 20   LYS A CB  1 
ATOM   152  C CG  . LYS A 1 20 ? -11.187 -8.608  1.966   1.00 49.46 ? 20   LYS A CG  1 
ATOM   153  C CD  . LYS A 1 20 ? -11.173 -7.808  3.260   1.00 52.01 ? 20   LYS A CD  1 
ATOM   154  C CE  . LYS A 1 20 ? -10.760 -8.743  4.414   1.00 54.04 ? 20   LYS A CE  1 
ATOM   155  N NZ  . LYS A 1 20 ? -11.034 -8.176  5.766   1.00 54.92 ? 20   LYS A NZ  1 
ATOM   156  N N   . ALA A 1 21 ? -14.243 -8.575  -0.380  1.00 48.83 ? 21   ALA A N   1 
ATOM   157  C CA  . ALA A 1 21 ? -15.578 -9.171  -0.285  1.00 49.12 ? 21   ALA A CA  1 
ATOM   158  C C   . ALA A 1 21 ? -15.887 -10.070 -1.469  1.00 49.53 ? 21   ALA A C   1 
ATOM   159  O O   . ALA A 1 21 ? -16.545 -11.092 -1.312  1.00 49.71 ? 21   ALA A O   1 
ATOM   160  C CB  . ALA A 1 21 ? -16.653 -8.097  -0.143  1.00 48.79 ? 21   ALA A CB  1 
ATOM   161  N N   . ASP A 1 22 ? -15.424 -9.673  -2.651  1.00 50.26 ? 22   ASP A N   1 
ATOM   162  C CA  . ASP A 1 22 ? -15.530 -10.482 -3.861  1.00 51.05 ? 22   ASP A CA  1 
ATOM   163  C C   . ASP A 1 22 ? -14.880 -11.870 -3.649  1.00 51.47 ? 22   ASP A C   1 
ATOM   164  O O   . ASP A 1 22 ? -15.545 -12.886 -3.810  1.00 51.51 ? 22   ASP A O   1 
ATOM   165  C CB  . ASP A 1 22 ? -14.882 -9.731  -5.029  1.00 51.09 ? 22   ASP A CB  1 
ATOM   166  C CG  . ASP A 1 22 ? -15.445 -10.122 -6.377  1.00 51.30 ? 22   ASP A CG  1 
ATOM   167  O OD1 . ASP A 1 22 ? -16.071 -11.195 -6.506  1.00 52.36 ? 22   ASP A OD1 1 
ATOM   168  O OD2 . ASP A 1 22 ? -15.245 -9.340  -7.325  1.00 52.16 ? 22   ASP A OD2 1 
ATOM   169  N N   . LYS A 1 23 ? -13.606 -11.891 -3.252  1.00 52.16 ? 23   LYS A N   1 
ATOM   170  C CA  . LYS A 1 23 ? -12.873 -13.127 -2.959  1.00 53.20 ? 23   LYS A CA  1 
ATOM   171  C C   . LYS A 1 23 ? -13.539 -14.020 -1.912  1.00 53.52 ? 23   LYS A C   1 
ATOM   172  O O   . LYS A 1 23 ? -13.589 -15.233 -2.069  1.00 53.57 ? 23   LYS A O   1 
ATOM   173  C CB  . LYS A 1 23 ? -11.439 -12.796 -2.537  1.00 53.29 ? 23   LYS A CB  1 
ATOM   174  C CG  . LYS A 1 23 ? -10.468 -12.784 -3.700  1.00 54.36 ? 23   LYS A CG  1 
ATOM   175  C CD  . LYS A 1 23 ? -9.236  -11.955 -3.416  1.00 56.03 ? 23   LYS A CD  1 
ATOM   176  C CE  . LYS A 1 23 ? -8.571  -11.573 -4.727  1.00 57.92 ? 23   LYS A CE  1 
ATOM   177  N NZ  . LYS A 1 23 ? -7.440  -10.619 -4.512  1.00 61.60 ? 23   LYS A NZ  1 
ATOM   178  N N   . GLU A 1 24 ? -14.046 -13.407 -0.850  1.00 54.22 ? 24   GLU A N   1 
ATOM   179  C CA  . GLU A 1 24 ? -14.738 -14.121 0.225   1.00 54.77 ? 24   GLU A CA  1 
ATOM   180  C C   . GLU A 1 24 ? -16.117 -14.634 -0.201  1.00 54.89 ? 24   GLU A C   1 
ATOM   181  O O   . GLU A 1 24 ? -16.778 -15.362 0.536   1.00 54.80 ? 24   GLU A O   1 
ATOM   182  C CB  . GLU A 1 24 ? -14.865 -13.221 1.462   1.00 54.73 ? 24   GLU A CB  1 
ATOM   183  C CG  . GLU A 1 24 ? -13.634 -13.244 2.353   1.00 56.08 ? 24   GLU A CG  1 
ATOM   184  C CD  . GLU A 1 24 ? -13.396 -11.941 3.100   1.00 58.19 ? 24   GLU A CD  1 
ATOM   185  O OE1 . GLU A 1 24 ? -14.372 -11.195 3.356   1.00 58.72 ? 24   GLU A OE1 1 
ATOM   186  O OE2 . GLU A 1 24 ? -12.217 -11.663 3.432   1.00 59.35 ? 24   GLU A OE2 1 
ATOM   187  N N   . GLY A 1 25 ? -16.553 -14.242 -1.389  1.00 55.17 ? 25   GLY A N   1 
ATOM   188  C CA  . GLY A 1 25 ? -17.850 -14.652 -1.887  1.00 55.19 ? 25   GLY A CA  1 
ATOM   189  C C   . GLY A 1 25 ? -19.022 -13.903 -1.287  1.00 55.37 ? 25   GLY A C   1 
ATOM   190  O O   . GLY A 1 25 ? -20.165 -14.235 -1.566  1.00 55.39 ? 25   GLY A O   1 
ATOM   191  N N   . LYS A 1 26 ? -18.755 -12.898 -0.459  1.00 55.50 ? 26   LYS A N   1 
ATOM   192  C CA  . LYS A 1 26 ? -19.820 -12.037 0.051   1.00 55.53 ? 26   LYS A CA  1 
ATOM   193  C C   . LYS A 1 26 ? -20.256 -11.126 -1.091  1.00 55.49 ? 26   LYS A C   1 
ATOM   194  O O   . LYS A 1 26 ? -19.804 -9.983  -1.203  1.00 55.46 ? 26   LYS A O   1 
ATOM   195  C CB  . LYS A 1 26 ? -19.335 -11.233 1.258   1.00 55.67 ? 26   LYS A CB  1 
ATOM   196  C CG  . LYS A 1 26 ? -18.862 -12.098 2.410   1.00 56.73 ? 26   LYS A CG  1 
ATOM   197  C CD  . LYS A 1 26 ? -18.239 -11.274 3.527   1.00 58.31 ? 26   LYS A CD  1 
ATOM   198  C CE  . LYS A 1 26 ? -17.834 -12.181 4.690   1.00 59.83 ? 26   LYS A CE  1 
ATOM   199  N NZ  . LYS A 1 26 ? -16.776 -11.557 5.534   1.00 60.46 ? 26   LYS A NZ  1 
ATOM   200  N N   . VAL A 1 27 ? -21.118 -11.662 -1.952  1.00 55.45 ? 27   VAL A N   1 
ATOM   201  C CA  . VAL A 1 27 ? -21.488 -11.021 -3.217  1.00 55.71 ? 27   VAL A CA  1 
ATOM   202  C C   . VAL A 1 27 ? -22.151 -9.660  -3.006  1.00 56.19 ? 27   VAL A C   1 
ATOM   203  O O   . VAL A 1 27 ? -21.925 -8.717  -3.765  1.00 56.34 ? 27   VAL A O   1 
ATOM   204  C CB  . VAL A 1 27 ? -22.430 -11.919 -4.050  1.00 55.53 ? 27   VAL A CB  1 
ATOM   205  C CG1 . VAL A 1 27 ? -22.794 -11.249 -5.362  1.00 55.42 ? 27   VAL A CG1 1 
ATOM   206  C CG2 . VAL A 1 27 ? -21.801 -13.271 -4.304  1.00 54.98 ? 27   VAL A CG2 1 
ATOM   207  N N   . GLU A 1 28 ? -22.955 -9.569  -1.958  1.00 56.68 ? 28   GLU A N   1 
ATOM   208  C CA  . GLU A 1 28 ? -23.729 -8.375  -1.686  1.00 57.35 ? 28   GLU A CA  1 
ATOM   209  C C   . GLU A 1 28 ? -22.861 -7.200  -1.278  1.00 57.12 ? 28   GLU A C   1 
ATOM   210  O O   . GLU A 1 28 ? -23.055 -6.094  -1.777  1.00 57.31 ? 28   GLU A O   1 
ATOM   211  C CB  . GLU A 1 28 ? -24.766 -8.669  -0.613  1.00 57.96 ? 28   GLU A CB  1 
ATOM   212  C CG  . GLU A 1 28 ? -25.539 -9.967  -0.866  1.00 59.88 ? 28   GLU A CG  1 
ATOM   213  C CD  . GLU A 1 28 ? -27.014 -9.791  -0.626  1.00 62.54 ? 28   GLU A CD  1 
ATOM   214  O OE1 . GLU A 1 28 ? -27.396 -8.720  -0.100  1.00 64.20 ? 28   GLU A OE1 1 
ATOM   215  O OE2 . GLU A 1 28 ? -27.792 -10.710 -0.964  1.00 63.54 ? 28   GLU A OE2 1 
ATOM   216  N N   . ASP A 1 29 ? -21.901 -7.447  -0.386  1.00 56.88 ? 29   ASP A N   1 
ATOM   217  C CA  . ASP A 1 29 ? -20.963 -6.414  0.040   1.00 56.46 ? 29   ASP A CA  1 
ATOM   218  C C   . ASP A 1 29 ? -20.081 -5.935  -1.115  1.00 56.36 ? 29   ASP A C   1 
ATOM   219  O O   . ASP A 1 29 ? -19.877 -4.722  -1.274  1.00 56.45 ? 29   ASP A O   1 
ATOM   220  C CB  . ASP A 1 29 ? -20.098 -6.902  1.198   1.00 56.39 ? 29   ASP A CB  1 
ATOM   221  C CG  . ASP A 1 29 ? -20.898 -7.190  2.453   1.00 56.70 ? 29   ASP A CG  1 
ATOM   222  O OD1 . ASP A 1 29 ? -22.108 -6.870  2.500   1.00 56.04 ? 29   ASP A OD1 1 
ATOM   223  O OD2 . ASP A 1 29 ? -20.301 -7.742  3.403   1.00 57.31 ? 29   ASP A OD2 1 
ATOM   224  N N   . ALA A 1 30 ? -19.582 -6.884  -1.920  1.00 55.71 ? 30   ALA A N   1 
ATOM   225  C CA  . ALA A 1 30 ? -18.727 -6.579  -3.063  1.00 55.09 ? 30   ALA A CA  1 
ATOM   226  C C   . ALA A 1 30 ? -19.422 -5.638  -4.033  1.00 54.72 ? 30   ALA A C   1 
ATOM   227  O O   . ALA A 1 30 ? -18.831 -4.641  -4.457  1.00 54.68 ? 30   ALA A O   1 
ATOM   228  C CB  . ALA A 1 30 ? -18.282 -7.857  -3.775  1.00 55.03 ? 30   ALA A CB  1 
ATOM   229  N N   . ILE A 1 31 ? -20.673 -5.951  -4.367  1.00 54.39 ? 31   ILE A N   1 
ATOM   230  C CA  . ILE A 1 31 ? -21.482 -5.113  -5.258  1.00 53.87 ? 31   ILE A CA  1 
ATOM   231  C C   . ILE A 1 31 ? -21.574 -3.684  -4.731  1.00 53.93 ? 31   ILE A C   1 
ATOM   232  O O   . ILE A 1 31 ? -21.297 -2.731  -5.465  1.00 53.81 ? 31   ILE A O   1 
ATOM   233  C CB  . ILE A 1 31 ? -22.892 -5.728  -5.508  1.00 53.83 ? 31   ILE A CB  1 
ATOM   234  C CG1 . ILE A 1 31 ? -22.782 -6.908  -6.481  1.00 53.61 ? 31   ILE A CG1 1 
ATOM   235  C CG2 . ILE A 1 31 ? -23.891 -4.673  -6.041  1.00 52.70 ? 31   ILE A CG2 1 
ATOM   236  C CD1 . ILE A 1 31 ? -24.062 -7.718  -6.646  1.00 53.47 ? 31   ILE A CD1 1 
ATOM   237  N N   . THR A 1 32 ? -21.931 -3.537  -3.456  1.00 53.78 ? 32   THR A N   1 
ATOM   238  C CA  . THR A 1 32 ? -22.070 -2.204  -2.884  1.00 54.01 ? 32   THR A CA  1 
ATOM   239  C C   . THR A 1 32 ? -20.751 -1.420  -2.829  1.00 53.24 ? 32   THR A C   1 
ATOM   240  O O   . THR A 1 32 ? -20.743 -0.232  -3.151  1.00 53.65 ? 32   THR A O   1 
ATOM   241  C CB  . THR A 1 32 ? -22.884 -2.184  -1.540  1.00 54.10 ? 32   THR A CB  1 
ATOM   242  O OG1 . THR A 1 32 ? -22.309 -3.094  -0.601  1.00 56.11 ? 32   THR A OG1 1 
ATOM   243  C CG2 . THR A 1 32 ? -24.326 -2.604  -1.791  1.00 54.60 ? 32   THR A CG2 1 
ATOM   244  N N   . TYR A 1 33 ? -19.647 -2.086  -2.499  1.00 52.47 ? 33   TYR A N   1 
ATOM   245  C CA  . TYR A 1 33 ? -18.327 -1.443  -2.483  1.00 51.47 ? 33   TYR A CA  1 
ATOM   246  C C   . TYR A 1 33 ? -17.804 -1.090  -3.864  1.00 51.22 ? 33   TYR A C   1 
ATOM   247  O O   . TYR A 1 33 ? -17.157 -0.060  -4.025  1.00 51.09 ? 33   TYR A O   1 
ATOM   248  C CB  . TYR A 1 33 ? -17.302 -2.292  -1.749  1.00 51.45 ? 33   TYR A CB  1 
ATOM   249  C CG  . TYR A 1 33 ? -17.500 -2.364  -0.257  1.00 51.39 ? 33   TYR A CG  1 
ATOM   250  C CD1 . TYR A 1 33 ? -17.678 -1.204  0.504   1.00 51.72 ? 33   TYR A CD1 1 
ATOM   251  C CD2 . TYR A 1 33 ? -17.491 -3.595  0.400   1.00 51.24 ? 33   TYR A CD2 1 
ATOM   252  C CE1 . TYR A 1 33 ? -17.863 -1.275  1.877   1.00 52.17 ? 33   TYR A CE1 1 
ATOM   253  C CE2 . TYR A 1 33 ? -17.667 -3.677  1.772   1.00 51.46 ? 33   TYR A CE2 1 
ATOM   254  C CZ  . TYR A 1 33 ? -17.853 -2.517  2.502   1.00 52.12 ? 33   TYR A CZ  1 
ATOM   255  O OH  . TYR A 1 33 ? -18.030 -2.597  3.859   1.00 52.54 ? 33   TYR A OH  1 
ATOM   256  N N   . TYR A 1 34 ? -18.064 -1.942  -4.856  1.00 50.67 ? 34   TYR A N   1 
ATOM   257  C CA  . TYR A 1 34 ? -17.729 -1.609  -6.240  1.00 50.28 ? 34   TYR A CA  1 
ATOM   258  C C   . TYR A 1 34 ? -18.477 -0.371  -6.728  1.00 50.61 ? 34   TYR A C   1 
ATOM   259  O O   . TYR A 1 34 ? -17.929 0.409   -7.508  1.00 50.71 ? 34   TYR A O   1 
ATOM   260  C CB  . TYR A 1 34 ? -18.012 -2.770  -7.202  1.00 49.57 ? 34   TYR A CB  1 
ATOM   261  C CG  . TYR A 1 34 ? -16.953 -3.841  -7.222  1.00 48.90 ? 34   TYR A CG  1 
ATOM   262  C CD1 . TYR A 1 34 ? -15.613 -3.531  -7.503  1.00 48.44 ? 34   TYR A CD1 1 
ATOM   263  C CD2 . TYR A 1 34 ? -17.284 -5.180  -6.973  1.00 48.71 ? 34   TYR A CD2 1 
ATOM   264  C CE1 . TYR A 1 34 ? -14.624 -4.525  -7.517  1.00 46.86 ? 34   TYR A CE1 1 
ATOM   265  C CE2 . TYR A 1 34 ? -16.299 -6.190  -6.981  1.00 47.99 ? 34   TYR A CE2 1 
ATOM   266  C CZ  . TYR A 1 34 ? -14.980 -5.854  -7.256  1.00 47.85 ? 34   TYR A CZ  1 
ATOM   267  O OH  . TYR A 1 34 ? -14.023 -6.838  -7.266  1.00 47.27 ? 34   TYR A OH  1 
ATOM   268  N N   . LYS A 1 35 ? -19.729 -0.211  -6.293  1.00 50.77 ? 35   LYS A N   1 
ATOM   269  C CA  . LYS A 1 35 ? -20.549 0.930   -6.685  1.00 51.09 ? 35   LYS A CA  1 
ATOM   270  C C   . LYS A 1 35 ? -20.051 2.219   -6.008  1.00 51.38 ? 35   LYS A C   1 
ATOM   271  O O   . LYS A 1 35 ? -20.024 3.281   -6.623  1.00 51.61 ? 35   LYS A O   1 
ATOM   272  C CB  . LYS A 1 35 ? -22.021 0.690   -6.347  1.00 51.28 ? 35   LYS A CB  1 
ATOM   273  C CG  . LYS A 1 35 ? -22.775 -0.244  -7.298  1.00 51.46 ? 35   LYS A CG  1 
ATOM   274  C CD  . LYS A 1 35 ? -24.252 -0.394  -6.871  1.00 51.00 ? 35   LYS A CD  1 
ATOM   275  C CE  . LYS A 1 35 ? -24.976 -1.488  -7.672  1.00 51.63 ? 35   LYS A CE  1 
ATOM   276  N NZ  . LYS A 1 35 ? -26.432 -1.620  -7.262  1.00 50.29 ? 35   LYS A NZ  1 
ATOM   277  N N   . LYS A 1 36 ? -19.663 2.115   -4.740  1.00 51.49 ? 36   LYS A N   1 
ATOM   278  C CA  . LYS A 1 36 ? -18.963 3.193   -4.043  1.00 51.66 ? 36   LYS A CA  1 
ATOM   279  C C   . LYS A 1 36 ? -17.652 3.614   -4.728  1.00 51.25 ? 36   LYS A C   1 
ATOM   280  O O   . LYS A 1 36 ? -17.379 4.805   -4.844  1.00 51.92 ? 36   LYS A O   1 
ATOM   281  C CB  . LYS A 1 36 ? -18.703 2.806   -2.590  1.00 51.70 ? 36   LYS A CB  1 
ATOM   282  C CG  . LYS A 1 36 ? -19.870 3.116   -1.691  1.00 54.96 ? 36   LYS A CG  1 
ATOM   283  C CD  . LYS A 1 36 ? -19.880 2.240   -0.458  1.00 58.58 ? 36   LYS A CD  1 
ATOM   284  C CE  . LYS A 1 36 ? -20.953 2.694   0.531   1.00 59.96 ? 36   LYS A CE  1 
ATOM   285  N NZ  . LYS A 1 36 ? -21.185 1.580   1.496   1.00 61.66 ? 36   LYS A NZ  1 
ATOM   286  N N   . ALA A 1 37 ? -16.848 2.652   -5.167  1.00 50.25 ? 37   ALA A N   1 
ATOM   287  C CA  . ALA A 1 37 ? -15.628 2.951   -5.898  1.00 50.11 ? 37   ALA A CA  1 
ATOM   288  C C   . ALA A 1 37 ? -15.921 3.680   -7.213  1.00 50.18 ? 37   ALA A C   1 
ATOM   289  O O   . ALA A 1 37 ? -15.262 4.659   -7.533  1.00 50.46 ? 37   ALA A O   1 
ATOM   290  C CB  . ALA A 1 37 ? -14.823 1.668   -6.154  1.00 49.78 ? 37   ALA A CB  1 
ATOM   291  N N   . ILE A 1 38 ? -16.896 3.188   -7.972  1.00 50.23 ? 38   ILE A N   1 
ATOM   292  C CA  . ILE A 1 38 ? -17.342 3.846   -9.197  1.00 50.17 ? 38   ILE A CA  1 
ATOM   293  C C   . ILE A 1 38 ? -17.834 5.278   -8.917  1.00 50.61 ? 38   ILE A C   1 
ATOM   294  O O   . ILE A 1 38 ? -17.474 6.211   -9.637  1.00 51.01 ? 38   ILE A O   1 
ATOM   295  C CB  . ILE A 1 38 ? -18.447 3.013   -9.910  1.00 50.19 ? 38   ILE A CB  1 
ATOM   296  C CG1 . ILE A 1 38 ? -17.811 1.794   -10.592 1.00 50.21 ? 38   ILE A CG1 1 
ATOM   297  C CG2 . ILE A 1 38 ? -19.258 3.872   -10.902 1.00 48.42 ? 38   ILE A CG2 1 
ATOM   298  C CD1 . ILE A 1 38 ? -18.805 0.705   -10.930 1.00 50.18 ? 38   ILE A CD1 1 
ATOM   299  N N   . GLU A 1 39 ? -18.641 5.432   -7.870  1.00 50.39 ? 39   GLU A N   1 
ATOM   300  C CA  . GLU A 1 39 ? -19.192 6.720   -7.476  1.00 50.99 ? 39   GLU A CA  1 
ATOM   301  C C   . GLU A 1 39 ? -18.084 7.755   -7.249  1.00 50.23 ? 39   GLU A C   1 
ATOM   302  O O   . GLU A 1 39 ? -18.123 8.847   -7.812  1.00 50.22 ? 39   GLU A O   1 
ATOM   303  C CB  . GLU A 1 39 ? -20.029 6.543   -6.215  1.00 50.77 ? 39   GLU A CB  1 
ATOM   304  C CG  . GLU A 1 39 ? -20.741 7.785   -5.737  1.00 53.12 ? 39   GLU A CG  1 
ATOM   305  C CD  . GLU A 1 39 ? -21.555 7.524   -4.470  1.00 54.10 ? 39   GLU A CD  1 
ATOM   306  O OE1 . GLU A 1 39 ? -20.941 7.448   -3.379  1.00 58.98 ? 39   GLU A OE1 1 
ATOM   307  O OE2 . GLU A 1 39 ? -22.807 7.402   -4.559  1.00 57.75 ? 39   GLU A OE2 1 
ATOM   308  N N   . VAL A 1 40 ? -17.089 7.389   -6.442  1.00 50.00 ? 40   VAL A N   1 
ATOM   309  C CA  . VAL A 1 40 ? -15.950 8.250   -6.145  1.00 49.64 ? 40   VAL A CA  1 
ATOM   310  C C   . VAL A 1 40 ? -15.085 8.547   -7.384  1.00 49.53 ? 40   VAL A C   1 
ATOM   311  O O   . VAL A 1 40 ? -14.686 9.693   -7.594  1.00 49.96 ? 40   VAL A O   1 
ATOM   312  C CB  . VAL A 1 40 ? -15.088 7.666   -5.005  1.00 49.89 ? 40   VAL A CB  1 
ATOM   313  C CG1 . VAL A 1 40 ? -13.835 8.479   -4.802  1.00 50.31 ? 40   VAL A CG1 1 
ATOM   314  C CG2 . VAL A 1 40 ? -15.877 7.627   -3.703  1.00 49.75 ? 40   VAL A CG2 1 
ATOM   315  N N   . LEU A 1 41 ? -14.803 7.535   -8.202  1.00 48.77 ? 41   LEU A N   1 
ATOM   316  C CA  . LEU A 1 41 ? -13.971 7.718   -9.404  1.00 48.12 ? 41   LEU A CA  1 
ATOM   317  C C   . LEU A 1 41 ? -14.653 8.630   -10.404 1.00 47.75 ? 41   LEU A C   1 
ATOM   318  O O   . LEU A 1 41 ? -14.008 9.418   -11.095 1.00 47.63 ? 41   LEU A O   1 
ATOM   319  C CB  . LEU A 1 41 ? -13.656 6.383   -10.091 1.00 47.95 ? 41   LEU A CB  1 
ATOM   320  C CG  . LEU A 1 41 ? -12.617 5.440   -9.483  1.00 48.30 ? 41   LEU A CG  1 
ATOM   321  C CD1 . LEU A 1 41 ? -12.695 4.089   -10.200 1.00 47.43 ? 41   LEU A CD1 1 
ATOM   322  C CD2 . LEU A 1 41 ? -11.202 6.008   -9.543  1.00 45.05 ? 41   LEU A CD2 1 
ATOM   323  N N   . SER A 1 42 ? -15.969 8.523   -10.473 1.00 47.51 ? 42   SER A N   1 
ATOM   324  C CA  . SER A 1 42 ? -16.751 9.378   -11.355 1.00 47.37 ? 42   SER A CA  1 
ATOM   325  C C   . SER A 1 42 ? -16.794 10.835  -10.847 1.00 46.46 ? 42   SER A C   1 
ATOM   326  O O   . SER A 1 42 ? -16.856 11.781  -11.627 1.00 46.61 ? 42   SER A O   1 
ATOM   327  C CB  . SER A 1 42 ? -18.136 8.794   -11.535 1.00 46.86 ? 42   SER A CB  1 
ATOM   328  O OG  . SER A 1 42 ? -18.924 9.750   -12.221 1.00 53.22 ? 42   SER A OG  1 
ATOM   329  N N   . GLN A 1 43 ? -16.726 11.012  -9.531  1.00 46.25 ? 43   GLN A N   1 
ATOM   330  C CA  . GLN A 1 43 ? -16.634 12.364  -8.940  1.00 44.92 ? 43   GLN A CA  1 
ATOM   331  C C   . GLN A 1 43 ? -15.306 13.054  -9.299  1.00 44.89 ? 43   GLN A C   1 
ATOM   332  O O   . GLN A 1 43 ? -15.281 14.260  -9.546  1.00 45.14 ? 43   GLN A O   1 
ATOM   333  C CB  . GLN A 1 43 ? -16.797 12.319  -7.427  1.00 44.45 ? 43   GLN A CB  1 
ATOM   334  C CG  . GLN A 1 43 ? -18.193 11.989  -6.938  1.00 41.45 ? 43   GLN A CG  1 
ATOM   335  C CD  . GLN A 1 43 ? -18.262 11.939  -5.429  1.00 39.25 ? 43   GLN A CD  1 
ATOM   336  O OE1 . GLN A 1 43 ? -17.460 11.261  -4.790  1.00 40.51 ? 43   GLN A OE1 1 
ATOM   337  N NE2 . GLN A 1 43 ? -19.215 12.669  -4.844  1.00 36.01 ? 43   GLN A NE2 1 
ATOM   338  N N   . ILE A 1 44 ? -14.221 12.289  -9.345  1.00 44.60 ? 44   ILE A N   1 
ATOM   339  C CA  . ILE A 1 44 ? -12.910 12.819  -9.727  1.00 44.61 ? 44   ILE A CA  1 
ATOM   340  C C   . ILE A 1 44 ? -12.904 13.260  -11.190 1.00 44.51 ? 44   ILE A C   1 
ATOM   341  O O   . ILE A 1 44 ? -12.327 14.285  -11.517 1.00 44.88 ? 44   ILE A O   1 
ATOM   342  C CB  . ILE A 1 44 ? -11.728 11.786  -9.512  1.00 45.03 ? 44   ILE A CB  1 
ATOM   343  C CG1 . ILE A 1 44 ? -11.715 11.192  -8.100  1.00 44.45 ? 44   ILE A CG1 1 
ATOM   344  C CG2 . ILE A 1 44 ? -10.357 12.415  -9.811  1.00 43.94 ? 44   ILE A CG2 1 
ATOM   345  C CD1 . ILE A 1 44 ? -10.805 9.928   -7.981  1.00 44.39 ? 44   ILE A CD1 1 
ATOM   346  N N   . ILE A 1 45 ? -13.533 12.477  -12.064 1.00 44.28 ? 45   ILE A N   1 
ATOM   347  C CA  . ILE A 1 45 ? -13.645 12.822  -13.468 1.00 43.57 ? 45   ILE A CA  1 
ATOM   348  C C   . ILE A 1 45 ? -14.461 14.103  -13.627 1.00 43.41 ? 45   ILE A C   1 
ATOM   349  O O   . ILE A 1 45 ? -14.109 14.974  -14.438 1.00 43.77 ? 45   ILE A O   1 
ATOM   350  C CB  . ILE A 1 45 ? -14.267 11.668  -14.288 1.00 43.82 ? 45   ILE A CB  1 
ATOM   351  C CG1 . ILE A 1 45 ? -13.248 10.543  -14.469 1.00 44.16 ? 45   ILE A CG1 1 
ATOM   352  C CG2 . ILE A 1 45 ? -14.757 12.164  -15.671 1.00 43.12 ? 45   ILE A CG2 1 
ATOM   353  C CD1 . ILE A 1 45 ? -13.865 9.196   -14.802 1.00 44.84 ? 45   ILE A CD1 1 
ATOM   354  N N   . VAL A 1 46 ? -15.547 14.216  -12.855 1.00 42.53 ? 46   VAL A N   1 
ATOM   355  C CA  . VAL A 1 46 ? -16.362 15.428  -12.832 1.00 41.63 ? 46   VAL A CA  1 
ATOM   356  C C   . VAL A 1 46 ? -15.542 16.649  -12.416 1.00 41.09 ? 46   VAL A C   1 
ATOM   357  O O   . VAL A 1 46 ? -15.663 17.721  -13.013 1.00 41.32 ? 46   VAL A O   1 
ATOM   358  C CB  . VAL A 1 46 ? -17.641 15.263  -11.942 1.00 41.92 ? 46   VAL A CB  1 
ATOM   359  C CG1 . VAL A 1 46 ? -18.313 16.597  -11.671 1.00 40.60 ? 46   VAL A CG1 1 
ATOM   360  C CG2 . VAL A 1 46 ? -18.643 14.331  -12.619 1.00 41.75 ? 46   VAL A CG2 1 
ATOM   361  N N   . LEU A 1 47 ? -14.695 16.491  -11.403 1.00 40.52 ? 47   LEU A N   1 
ATOM   362  C CA  . LEU A 1 47 ? -13.927 17.627  -10.870 1.00 39.97 ? 47   LEU A CA  1 
ATOM   363  C C   . LEU A 1 47 ? -12.641 17.906  -11.642 1.00 39.90 ? 47   LEU A C   1 
ATOM   364  O O   . LEU A 1 47 ? -12.200 19.066  -11.731 1.00 39.71 ? 47   LEU A O   1 
ATOM   365  C CB  . LEU A 1 47 ? -13.592 17.419  -9.394  1.00 39.64 ? 47   LEU A CB  1 
ATOM   366  C CG  . LEU A 1 47 ? -14.726 17.312  -8.376  1.00 40.83 ? 47   LEU A CG  1 
ATOM   367  C CD1 . LEU A 1 47 ? -14.131 17.175  -6.976  1.00 41.17 ? 47   LEU A CD1 1 
ATOM   368  C CD2 . LEU A 1 47 ? -15.678 18.528  -8.452  1.00 37.85 ? 47   LEU A CD2 1 
ATOM   369  N N   . TYR A 1 48 ? -12.029 16.837  -12.158 1.00 39.54 ? 48   TYR A N   1 
ATOM   370  C CA  . TYR A 1 48 ? -10.771 16.914  -12.897 1.00 39.78 ? 48   TYR A CA  1 
ATOM   371  C C   . TYR A 1 48 ? -10.921 16.190  -14.230 1.00 40.31 ? 48   TYR A C   1 
ATOM   372  O O   . TYR A 1 48 ? -10.298 15.148  -14.440 1.00 40.36 ? 48   TYR A O   1 
ATOM   373  C CB  . TYR A 1 48 ? -9.616  16.334  -12.066 1.00 39.58 ? 48   TYR A CB  1 
ATOM   374  C CG  . TYR A 1 48 ? -9.470  17.043  -10.756 1.00 39.13 ? 48   TYR A CG  1 
ATOM   375  C CD1 . TYR A 1 48 ? -8.786  18.259  -10.678 1.00 39.82 ? 48   TYR A CD1 1 
ATOM   376  C CD2 . TYR A 1 48 ? -10.074 16.546  -9.596  1.00 38.29 ? 48   TYR A CD2 1 
ATOM   377  C CE1 . TYR A 1 48 ? -8.656  18.947  -9.471  1.00 37.07 ? 48   TYR A CE1 1 
ATOM   378  C CE2 . TYR A 1 48 ? -9.973  17.243  -8.378  1.00 36.63 ? 48   TYR A CE2 1 
ATOM   379  C CZ  . TYR A 1 48 ? -9.262  18.433  -8.331  1.00 37.73 ? 48   TYR A CZ  1 
ATOM   380  O OH  . TYR A 1 48 ? -9.147  19.123  -7.138  1.00 39.76 ? 48   TYR A OH  1 
ATOM   381  N N   . PRO A 1 49 ? -11.741 16.756  -15.146 1.00 40.58 ? 49   PRO A N   1 
ATOM   382  C CA  . PRO A 1 49 ? -11.995 16.059  -16.393 1.00 40.81 ? 49   PRO A CA  1 
ATOM   383  C C   . PRO A 1 49 ? -10.764 15.981  -17.308 1.00 41.23 ? 49   PRO A C   1 
ATOM   384  O O   . PRO A 1 49 ? -10.687 15.087  -18.135 1.00 41.31 ? 49   PRO A O   1 
ATOM   385  C CB  . PRO A 1 49 ? -13.141 16.864  -17.022 1.00 41.11 ? 49   PRO A CB  1 
ATOM   386  C CG  . PRO A 1 49 ? -13.050 18.239  -16.422 1.00 40.67 ? 49   PRO A CG  1 
ATOM   387  C CD  . PRO A 1 49 ? -12.418 18.077  -15.079 1.00 40.52 ? 49   PRO A CD  1 
ATOM   388  N N   . GLU A 1 50 ? -9.797  16.881  -17.156 1.00 41.61 ? 50   GLU A N   1 
ATOM   389  C CA  . GLU A 1 50 ? -8.582  16.747  -17.951 1.00 42.52 ? 50   GLU A CA  1 
ATOM   390  C C   . GLU A 1 50 ? -7.339  16.310  -17.167 1.00 42.09 ? 50   GLU A C   1 
ATOM   391  O O   . GLU A 1 50 ? -6.214  16.683  -17.494 1.00 41.99 ? 50   GLU A O   1 
ATOM   392  C CB  . GLU A 1 50 ? -8.355  17.955  -18.871 1.00 42.32 ? 50   GLU A CB  1 
ATOM   393  C CG  . GLU A 1 50 ? -8.133  19.271  -18.225 1.00 44.05 ? 50   GLU A CG  1 
ATOM   394  C CD  . GLU A 1 50 ? -8.166  20.416  -19.239 1.00 44.74 ? 50   GLU A CD  1 
ATOM   395  O OE1 . GLU A 1 50 ? -8.537  20.190  -20.420 1.00 46.77 ? 50   GLU A OE1 1 
ATOM   396  O OE2 . GLU A 1 50 ? -7.812  21.548  -18.847 1.00 48.28 ? 50   GLU A OE2 1 
ATOM   397  N N   . SER A 1 51 ? -7.560  15.496  -16.141 1.00 42.23 ? 51   SER A N   1 
ATOM   398  C CA  . SER A 1 51 ? -6.482  14.875  -15.382 1.00 42.28 ? 51   SER A CA  1 
ATOM   399  C C   . SER A 1 51 ? -5.783  13.879  -16.289 1.00 42.29 ? 51   SER A C   1 
ATOM   400  O O   . SER A 1 51 ? -6.442  13.182  -17.059 1.00 42.54 ? 51   SER A O   1 
ATOM   401  C CB  . SER A 1 51 ? -7.055  14.156  -14.149 1.00 42.19 ? 51   SER A CB  1 
ATOM   402  O OG  . SER A 1 51 ? -6.154  13.183  -13.649 1.00 42.72 ? 51   SER A OG  1 
ATOM   403  N N   . VAL A 1 52 ? -4.452  13.814  -16.209 1.00 42.51 ? 52   VAL A N   1 
ATOM   404  C CA  . VAL A 1 52 ? -3.671  12.798  -16.936 1.00 42.34 ? 52   VAL A CA  1 
ATOM   405  C C   . VAL A 1 52 ? -4.074  11.369  -16.585 1.00 42.92 ? 52   VAL A C   1 
ATOM   406  O O   . VAL A 1 52 ? -3.754  10.450  -17.316 1.00 43.55 ? 52   VAL A O   1 
ATOM   407  C CB  . VAL A 1 52 ? -2.125  12.958  -16.751 1.00 42.27 ? 52   VAL A CB  1 
ATOM   408  C CG1 . VAL A 1 52 ? -1.640  14.268  -17.349 1.00 41.61 ? 52   VAL A CG1 1 
ATOM   409  C CG2 . VAL A 1 52 ? -1.705  12.802  -15.269 1.00 41.50 ? 52   VAL A CG2 1 
ATOM   410  N N   . ALA A 1 53 ? -4.781  11.189  -15.476 1.00 44.00 ? 53   ALA A N   1 
ATOM   411  C CA  . ALA A 1 53 ? -5.165  9.864   -14.999 1.00 44.96 ? 53   ALA A CA  1 
ATOM   412  C C   . ALA A 1 53 ? -6.631  9.566   -15.309 1.00 45.73 ? 53   ALA A C   1 
ATOM   413  O O   . ALA A 1 53 ? -7.225  8.638   -14.757 1.00 46.26 ? 53   ALA A O   1 
ATOM   414  C CB  . ALA A 1 53 ? -4.917  9.759   -13.509 1.00 45.22 ? 53   ALA A CB  1 
ATOM   415  N N   . ARG A 1 54 ? -7.216  10.364  -16.192 1.00 46.10 ? 54   ARG A N   1 
ATOM   416  C CA  . ARG A 1 54 ? -8.612  10.197  -16.562 1.00 46.52 ? 54   ARG A CA  1 
ATOM   417  C C   . ARG A 1 54 ? -8.927  8.871   -17.274 1.00 47.09 ? 54   ARG A C   1 
ATOM   418  O O   . ARG A 1 54 ? -9.965  8.263   -17.011 1.00 46.94 ? 54   ARG A O   1 
ATOM   419  C CB  . ARG A 1 54 ? -9.081  11.393  -17.394 1.00 45.84 ? 54   ARG A CB  1 
ATOM   420  C CG  . ARG A 1 54 ? -10.300 11.099  -18.234 1.00 44.75 ? 54   ARG A CG  1 
ATOM   421  C CD  . ARG A 1 54 ? -11.344 12.103  -17.986 1.00 41.14 ? 54   ARG A CD  1 
ATOM   422  N NE  . ARG A 1 54 ? -12.482 11.900  -18.854 1.00 38.86 ? 54   ARG A NE  1 
ATOM   423  C CZ  . ARG A 1 54 ? -13.189 12.880  -19.397 1.00 37.63 ? 54   ARG A CZ  1 
ATOM   424  N NH1 . ARG A 1 54 ? -12.859 14.136  -19.193 1.00 37.10 ? 54   ARG A NH1 1 
ATOM   425  N NH2 . ARG A 1 54 ? -14.223 12.600  -20.162 1.00 38.30 ? 54   ARG A NH2 1 
ATOM   426  N N   . THR A 1 55 ? -8.051  8.436   -18.181 1.00 48.05 ? 55   THR A N   1 
ATOM   427  C CA  . THR A 1 55 ? -8.247  7.119   -18.815 1.00 48.84 ? 55   THR A CA  1 
ATOM   428  C C   . THR A 1 55 ? -8.018  5.944   -17.844 1.00 49.29 ? 55   THR A C   1 
ATOM   429  O O   . THR A 1 55 ? -8.630  4.902   -18.016 1.00 50.00 ? 55   THR A O   1 
ATOM   430  C CB  . THR A 1 55 ? -7.540  6.971   -20.182 1.00 48.84 ? 55   THR A CB  1 
ATOM   431  O OG1 . THR A 1 55 ? -7.680  8.190   -20.927 1.00 48.55 ? 55   THR A OG1 1 
ATOM   432  C CG2 . THR A 1 55 ? -8.177  5.817   -21.009 1.00 49.35 ? 55   THR A CG2 1 
ATOM   433  N N   . ALA A 1 56 ? -7.176  6.144   -16.825 1.00 49.72 ? 56   ALA A N   1 
ATOM   434  C CA  . ALA A 1 56 ? -7.001  5.206   -15.725 1.00 49.76 ? 56   ALA A CA  1 
ATOM   435  C C   . ALA A 1 56 ? -8.302  5.047   -14.933 1.00 49.92 ? 56   ALA A C   1 
ATOM   436  O O   . ALA A 1 56 ? -8.740  3.924   -14.687 1.00 50.01 ? 56   ALA A O   1 
ATOM   437  C CB  . ALA A 1 56 ? -5.871  5.678   -14.830 1.00 49.59 ? 56   ALA A CB  1 
ATOM   438  N N   . TYR A 1 57 ? -8.925  6.167   -14.556 1.00 50.21 ? 57   TYR A N   1 
ATOM   439  C CA  . TYR A 1 57 ? -10.136 6.123   -13.731 1.00 50.53 ? 57   TYR A CA  1 
ATOM   440  C C   . TYR A 1 57 ? -11.257 5.477   -14.526 1.00 50.79 ? 57   TYR A C   1 
ATOM   441  O O   . TYR A 1 57 ? -12.062 4.724   -13.989 1.00 51.22 ? 57   TYR A O   1 
ATOM   442  C CB  . TYR A 1 57 ? -10.601 7.517   -13.294 1.00 50.95 ? 57   TYR A CB  1 
ATOM   443  C CG  . TYR A 1 57 ? -9.613  8.383   -12.544 1.00 50.29 ? 57   TYR A CG  1 
ATOM   444  C CD1 . TYR A 1 57 ? -8.745  7.852   -11.590 1.00 51.91 ? 57   TYR A CD1 1 
ATOM   445  C CD2 . TYR A 1 57 ? -9.602  9.753   -12.753 1.00 49.75 ? 57   TYR A CD2 1 
ATOM   446  C CE1 . TYR A 1 57 ? -7.842  8.676   -10.887 1.00 51.08 ? 57   TYR A CE1 1 
ATOM   447  C CE2 . TYR A 1 57 ? -8.730  10.572  -12.076 1.00 51.46 ? 57   TYR A CE2 1 
ATOM   448  C CZ  . TYR A 1 57 ? -7.847  10.039  -11.145 1.00 51.33 ? 57   TYR A CZ  1 
ATOM   449  O OH  . TYR A 1 57 ? -7.000  10.902  -10.483 1.00 50.20 ? 57   TYR A OH  1 
ATOM   450  N N   . GLU A 1 58 ? -11.293 5.799   -15.816 1.00 50.99 ? 58   GLU A N   1 
ATOM   451  C CA  . GLU A 1 58 ? -12.288 5.292   -16.757 1.00 50.96 ? 58   GLU A CA  1 
ATOM   452  C C   . GLU A 1 58 ? -12.143 3.792   -16.964 1.00 51.15 ? 58   GLU A C   1 
ATOM   453  O O   . GLU A 1 58 ? -13.146 3.083   -17.082 1.00 51.26 ? 58   GLU A O   1 
ATOM   454  C CB  . GLU A 1 58 ? -12.180 6.031   -18.105 1.00 50.99 ? 58   GLU A CB  1 
ATOM   455  C CG  . GLU A 1 58 ? -12.719 7.494   -18.095 1.00 50.15 ? 58   GLU A CG  1 
ATOM   456  C CD  . GLU A 1 58 ? -12.531 8.262   -19.423 1.00 50.80 ? 58   GLU A CD  1 
ATOM   457  O OE1 . GLU A 1 58 ? -11.817 7.785   -20.336 1.00 48.28 ? 58   GLU A OE1 1 
ATOM   458  O OE2 . GLU A 1 58 ? -13.118 9.368   -19.557 1.00 53.06 ? 58   GLU A OE2 1 
ATOM   459  N N   . GLN A 1 59 ? -10.901 3.305   -17.006 1.00 51.00 ? 59   GLN A N   1 
ATOM   460  C CA  . GLN A 1 59 ? -10.669 1.860   -17.051 1.00 50.87 ? 59   GLN A CA  1 
ATOM   461  C C   . GLN A 1 59 ? -11.082 1.135   -15.760 1.00 49.96 ? 59   GLN A C   1 
ATOM   462  O O   . GLN A 1 59 ? -11.653 0.053   -15.831 1.00 49.61 ? 59   GLN A O   1 
ATOM   463  C CB  . GLN A 1 59 ? -9.243  1.549   -17.455 1.00 51.50 ? 59   GLN A CB  1 
ATOM   464  C CG  . GLN A 1 59 ? -9.138  1.279   -18.915 1.00 55.33 ? 59   GLN A CG  1 
ATOM   465  C CD  . GLN A 1 59 ? -9.500  -0.157  -19.244 1.00 60.05 ? 59   GLN A CD  1 
ATOM   466  O OE1 . GLN A 1 59 ? -8.753  -1.089  -18.910 1.00 61.65 ? 59   GLN A OE1 1 
ATOM   467  N NE2 . GLN A 1 59 ? -10.661 -0.351  -19.882 1.00 60.79 ? 59   GLN A NE2 1 
ATOM   468  N N   . MET A 1 60 ? -10.834 1.758   -14.599 1.00 49.24 ? 60   MET A N   1 
ATOM   469  C CA  . MET A 1 60 ? -11.202 1.174   -13.313 1.00 47.88 ? 60   MET A CA  1 
ATOM   470  C C   . MET A 1 60 ? -12.731 1.048   -13.205 1.00 49.17 ? 60   MET A C   1 
ATOM   471  O O   . MET A 1 60 ? -13.239 0.032   -12.761 1.00 49.65 ? 60   MET A O   1 
ATOM   472  C CB  . MET A 1 60 ? -10.576 1.976   -12.161 1.00 47.99 ? 60   MET A CB  1 
ATOM   473  C CG  . MET A 1 60 ? -9.081  1.617   -11.839 1.00 48.22 ? 60   MET A CG  1 
ATOM   474  S SD  . MET A 1 60 ? -8.281  2.794   -10.718 1.00 43.04 ? 60   MET A SD  1 
ATOM   475  C CE  . MET A 1 60 ? -8.637  2.079   -9.138  1.00 51.05 ? 60   MET A CE  1 
ATOM   476  N N   . ILE A 1 61 ? -13.446 2.068   -13.660 1.00 49.66 ? 61   ILE A N   1 
ATOM   477  C CA  . ILE A 1 61 ? -14.895 2.087   -13.658 1.00 50.80 ? 61   ILE A CA  1 
ATOM   478  C C   . ILE A 1 61 ? -15.435 0.945   -14.522 1.00 51.95 ? 61   ILE A C   1 
ATOM   479  O O   . ILE A 1 61 ? -16.284 0.162   -14.080 1.00 52.49 ? 61   ILE A O   1 
ATOM   480  C CB  . ILE A 1 61 ? -15.417 3.469   -14.201 1.00 50.72 ? 61   ILE A CB  1 
ATOM   481  C CG1 . ILE A 1 61 ? -15.346 4.543   -13.111 1.00 50.12 ? 61   ILE A CG1 1 
ATOM   482  C CG2 . ILE A 1 61 ? -16.827 3.352   -14.773 1.00 49.52 ? 61   ILE A CG2 1 
ATOM   483  C CD1 . ILE A 1 61 ? -15.383 5.976   -13.632 1.00 50.21 ? 61   ILE A CD1 1 
ATOM   484  N N   . ASN A 1 62 ? -14.946 0.880   -15.761 1.00 52.95 ? 62   ASN A N   1 
ATOM   485  C CA  . ASN A 1 62 ? -15.318 -0.138  -16.737 1.00 53.82 ? 62   ASN A CA  1 
ATOM   486  C C   . ASN A 1 62 ? -15.110 -1.528  -16.140 1.00 54.19 ? 62   ASN A C   1 
ATOM   487  O O   . ASN A 1 62 ? -16.001 -2.364  -16.170 1.00 54.40 ? 62   ASN A O   1 
ATOM   488  C CB  . ASN A 1 62 ? -14.481 0.070   -18.019 1.00 53.89 ? 62   ASN A CB  1 
ATOM   489  C CG  . ASN A 1 62 ? -14.710 -1.022  -19.088 1.00 55.73 ? 62   ASN A CG  1 
ATOM   490  O OD1 . ASN A 1 62 ? -15.855 -1.340  -19.444 1.00 57.19 ? 62   ASN A OD1 1 
ATOM   491  N ND2 . ASN A 1 62 ? -13.608 -1.588  -19.614 1.00 54.59 ? 62   ASN A ND2 1 
ATOM   492  N N   . GLU A 1 63 ? -13.938 -1.750  -15.559 1.00 54.91 ? 63   GLU A N   1 
ATOM   493  C CA  . GLU A 1 63 ? -13.610 -2.989  -14.857 1.00 55.84 ? 63   GLU A CA  1 
ATOM   494  C C   . GLU A 1 63 ? -14.572 -3.317  -13.713 1.00 55.21 ? 63   GLU A C   1 
ATOM   495  O O   . GLU A 1 63 ? -14.969 -4.458  -13.563 1.00 55.45 ? 63   GLU A O   1 
ATOM   496  C CB  . GLU A 1 63 ? -12.174 -2.917  -14.332 1.00 55.87 ? 63   GLU A CB  1 
ATOM   497  C CG  . GLU A 1 63 ? -11.638 -4.191  -13.668 1.00 58.33 ? 63   GLU A CG  1 
ATOM   498  C CD  . GLU A 1 63 ? -10.324 -3.960  -12.880 1.00 58.63 ? 63   GLU A CD  1 
ATOM   499  O OE1 . GLU A 1 63 ? -10.160 -2.873  -12.254 1.00 60.61 ? 63   GLU A OE1 1 
ATOM   500  O OE2 . GLU A 1 63 ? -9.463  -4.881  -12.888 1.00 62.39 ? 63   GLU A OE2 1 
ATOM   501  N N   . TYR A 1 64 ? -14.966 -2.326  -12.920 1.00 55.20 ? 64   TYR A N   1 
ATOM   502  C CA  . TYR A 1 64 ? -15.850 -2.600  -11.793 1.00 54.99 ? 64   TYR A CA  1 
ATOM   503  C C   . TYR A 1 64 ? -17.297 -2.810  -12.218 1.00 54.85 ? 64   TYR A C   1 
ATOM   504  O O   . TYR A 1 64 ? -18.003 -3.619  -11.615 1.00 54.69 ? 64   TYR A O   1 
ATOM   505  C CB  . TYR A 1 64 ? -15.761 -1.515  -10.725 1.00 55.42 ? 64   TYR A CB  1 
ATOM   506  C CG  . TYR A 1 64 ? -14.385 -1.282  -10.160 1.00 55.85 ? 64   TYR A CG  1 
ATOM   507  C CD1 . TYR A 1 64 ? -13.432 -2.304  -10.130 1.00 57.10 ? 64   TYR A CD1 1 
ATOM   508  C CD2 . TYR A 1 64 ? -14.044 -0.042  -9.616  1.00 56.56 ? 64   TYR A CD2 1 
ATOM   509  C CE1 . TYR A 1 64 ? -12.151 -2.087  -9.604  1.00 57.17 ? 64   TYR A CE1 1 
ATOM   510  C CE2 . TYR A 1 64 ? -12.763 0.190   -9.086  1.00 56.58 ? 64   TYR A CE2 1 
ATOM   511  C CZ  . TYR A 1 64 ? -11.833 -0.839  -9.079  1.00 56.63 ? 64   TYR A CZ  1 
ATOM   512  O OH  . TYR A 1 64 ? -10.571 -0.623  -8.565  1.00 57.58 ? 64   TYR A OH  1 
ATOM   513  N N   . LYS A 1 65 ? -17.728 -2.066  -13.241 1.00 54.86 ? 65   LYS A N   1 
ATOM   514  C CA  . LYS A 1 65 ? -19.027 -2.260  -13.880 1.00 54.97 ? 65   LYS A CA  1 
ATOM   515  C C   . LYS A 1 65 ? -19.156 -3.686  -14.435 1.00 55.01 ? 65   LYS A C   1 
ATOM   516  O O   . LYS A 1 65 ? -20.153 -4.348  -14.183 1.00 55.25 ? 65   LYS A O   1 
ATOM   517  C CB  . LYS A 1 65 ? -19.245 -1.226  -14.988 1.00 55.06 ? 65   LYS A CB  1 
ATOM   518  C CG  . LYS A 1 65 ? -19.958 0.053   -14.544 1.00 55.28 ? 65   LYS A CG  1 
ATOM   519  C CD  . LYS A 1 65 ? -19.957 1.088   -15.668 1.00 55.27 ? 65   LYS A CD  1 
ATOM   520  C CE  . LYS A 1 65 ? -21.237 1.917   -15.698 1.00 57.13 ? 65   LYS A CE  1 
ATOM   521  N NZ  . LYS A 1 65 ? -21.288 2.900   -14.593 1.00 57.73 ? 65   LYS A NZ  1 
ATOM   522  N N   . LYS A 1 66 ? -18.135 -4.146  -15.165 1.00 54.89 ? 66   LYS A N   1 
ATOM   523  C CA  . LYS A 1 66 ? -18.019 -5.547  -15.628 1.00 55.05 ? 66   LYS A CA  1 
ATOM   524  C C   . LYS A 1 66 ? -18.124 -6.564  -14.495 1.00 54.51 ? 66   LYS A C   1 
ATOM   525  O O   . LYS A 1 66 ? -18.712 -7.626  -14.634 1.00 54.57 ? 66   LYS A O   1 
ATOM   526  C CB  . LYS A 1 66 ? -16.668 -5.785  -16.322 1.00 55.11 ? 66   LYS A CB  1 
ATOM   527  C CG  . LYS A 1 66 ? -16.724 -5.986  -17.817 1.00 55.66 ? 66   LYS A CG  1 
ATOM   528  C CD  . LYS A 1 66 ? -16.497 -4.684  -18.572 1.00 57.82 ? 66   LYS A CD  1 
ATOM   529  C CE  . LYS A 1 66 ? -15.972 -4.933  -19.997 1.00 59.76 ? 66   LYS A CE  1 
ATOM   530  N NZ  . LYS A 1 66 ? -14.668 -5.686  -20.006 1.00 60.03 ? 66   LYS A NZ  1 
ATOM   531  N N   . ARG A 1 67 ? -17.519 -6.226  -13.375 1.00 54.22 ? 67   ARG A N   1 
ATOM   532  C CA  . ARG A 1 67 ? -17.499 -7.084  -12.215 1.00 54.13 ? 67   ARG A CA  1 
ATOM   533  C C   . ARG A 1 67 ? -18.892 -7.150  -11.583 1.00 53.99 ? 67   ARG A C   1 
ATOM   534  O O   . ARG A 1 67 ? -19.351 -8.232  -11.216 1.00 54.04 ? 67   ARG A O   1 
ATOM   535  C CB  . ARG A 1 67 ? -16.418 -6.574  -11.248 1.00 54.32 ? 67   ARG A CB  1 
ATOM   536  C CG  . ARG A 1 67 ? -15.831 -7.577  -10.267 1.00 54.97 ? 67   ARG A CG  1 
ATOM   537  C CD  . ARG A 1 67 ? -15.508 -8.921  -10.893 1.00 56.69 ? 67   ARG A CD  1 
ATOM   538  N NE  . ARG A 1 67 ? -15.739 -9.974  -9.917  1.00 57.75 ? 67   ARG A NE  1 
ATOM   539  C CZ  . ARG A 1 67 ? -15.603 -11.269 -10.152 1.00 59.41 ? 67   ARG A CZ  1 
ATOM   540  N NH1 . ARG A 1 67 ? -15.229 -11.696 -11.349 1.00 61.42 ? 67   ARG A NH1 1 
ATOM   541  N NH2 . ARG A 1 67 ? -15.839 -12.141 -9.180  1.00 59.95 ? 67   ARG A NH2 1 
ATOM   542  N N   . ILE A 1 68 ? -19.568 -5.997  -11.520 1.00 53.62 ? 68   ILE A N   1 
ATOM   543  C CA  . ILE A 1 68 ? -20.926 -5.884  -11.005 1.00 53.24 ? 68   ILE A CA  1 
ATOM   544  C C   . ILE A 1 68 ? -21.919 -6.682  -11.854 1.00 53.32 ? 68   ILE A C   1 
ATOM   545  O O   . ILE A 1 68 ? -22.746 -7.406  -11.310 1.00 53.06 ? 68   ILE A O   1 
ATOM   546  C CB  . ILE A 1 68 ? -21.382 -4.376  -10.899 1.00 53.22 ? 68   ILE A CB  1 
ATOM   547  C CG1 . ILE A 1 68 ? -20.766 -3.706  -9.676  1.00 52.40 ? 68   ILE A CG1 1 
ATOM   548  C CG2 . ILE A 1 68 ? -22.914 -4.237  -10.842 1.00 51.43 ? 68   ILE A CG2 1 
ATOM   549  C CD1 . ILE A 1 68 ? -20.910 -2.215  -9.706  1.00 49.85 ? 68   ILE A CD1 1 
ATOM   550  N N   . SER A 1 69 ? -21.834 -6.532  -13.176 1.00 53.51 ? 69   SER A N   1 
ATOM   551  C CA  . SER A 1 69 ? -22.688 -7.269  -14.110 1.00 54.14 ? 69   SER A CA  1 
ATOM   552  C C   . SER A 1 69 ? -22.686 -8.759  -13.811 1.00 54.06 ? 69   SER A C   1 
ATOM   553  O O   . SER A 1 69 ? -23.735 -9.387  -13.819 1.00 54.13 ? 69   SER A O   1 
ATOM   554  C CB  . SER A 1 69 ? -22.247 -7.057  -15.561 1.00 54.41 ? 69   SER A CB  1 
ATOM   555  O OG  . SER A 1 69 ? -22.689 -5.805  -16.056 1.00 55.55 ? 69   SER A OG  1 
ATOM   556  N N   . TYR A 1 70 ? -21.492 -9.303  -13.557 1.00 54.20 ? 70   TYR A N   1 
ATOM   557  C CA  . TYR A 1 70 ? -21.298 -10.701 -13.194 1.00 54.16 ? 70   TYR A CA  1 
ATOM   558  C C   . TYR A 1 70 ? -21.929 -11.039 -11.849 1.00 54.35 ? 70   TYR A C   1 
ATOM   559  O O   . TYR A 1 70 ? -22.666 -12.006 -11.730 1.00 54.61 ? 70   TYR A O   1 
ATOM   560  C CB  . TYR A 1 70 ? -19.796 -11.056 -13.173 1.00 53.70 ? 70   TYR A CB  1 
ATOM   561  C CG  . TYR A 1 70 ? -19.492 -12.430 -12.585 1.00 53.00 ? 70   TYR A CG  1 
ATOM   562  C CD1 . TYR A 1 70 ? -19.798 -13.596 -13.296 1.00 53.02 ? 70   TYR A CD1 1 
ATOM   563  C CD2 . TYR A 1 70 ? -18.922 -12.566 -11.318 1.00 51.50 ? 70   TYR A CD2 1 
ATOM   564  C CE1 . TYR A 1 70 ? -19.549 -14.852 -12.766 1.00 52.60 ? 70   TYR A CE1 1 
ATOM   565  C CE2 . TYR A 1 70 ? -18.672 -13.821 -10.775 1.00 51.63 ? 70   TYR A CE2 1 
ATOM   566  C CZ  . TYR A 1 70 ? -18.988 -14.962 -11.509 1.00 52.66 ? 70   TYR A CZ  1 
ATOM   567  O OH  . TYR A 1 70 ? -18.737 -16.222 -11.011 1.00 52.80 ? 70   TYR A OH  1 
ATOM   568  N N   . LEU A 1 71 ? -21.621 -10.240 -10.838 1.00 54.80 ? 71   LEU A N   1 
ATOM   569  C CA  . LEU A 1 71 ? -22.028 -10.533 -9.462  1.00 54.91 ? 71   LEU A CA  1 
ATOM   570  C C   . LEU A 1 71 ? -23.544 -10.500 -9.241  1.00 55.15 ? 71   LEU A C   1 
ATOM   571  O O   . LEU A 1 71 ? -24.051 -11.152 -8.327  1.00 55.21 ? 71   LEU A O   1 
ATOM   572  C CB  . LEU A 1 71 ? -21.300 -9.604  -8.475  1.00 54.58 ? 71   LEU A CB  1 
ATOM   573  C CG  . LEU A 1 71 ? -19.809 -9.830  -8.252  1.00 53.32 ? 71   LEU A CG  1 
ATOM   574  C CD1 . LEU A 1 71 ? -19.169 -8.574  -7.690  1.00 52.98 ? 71   LEU A CD1 1 
ATOM   575  C CD2 . LEU A 1 71 ? -19.561 -11.020 -7.336  1.00 53.07 ? 71   LEU A CD2 1 
ATOM   576  N N   . GLU A 1 72 ? -24.255 -9.751  -10.084 1.00 55.46 ? 72   GLU A N   1 
ATOM   577  C CA  . GLU A 1 72 ? -25.717 -9.739  -10.081 1.00 55.94 ? 72   GLU A CA  1 
ATOM   578  C C   . GLU A 1 72 ? -26.281 -11.135 -10.357 1.00 55.68 ? 72   GLU A C   1 
ATOM   579  O O   . GLU A 1 72 ? -27.376 -11.465 -9.904  1.00 55.59 ? 72   GLU A O   1 
ATOM   580  C CB  . GLU A 1 72 ? -26.269 -8.780  -11.153 1.00 56.33 ? 72   GLU A CB  1 
ATOM   581  C CG  . GLU A 1 72 ? -25.656 -7.378  -11.194 1.00 57.83 ? 72   GLU A CG  1 
ATOM   582  C CD  . GLU A 1 72 ? -26.290 -6.400  -10.225 1.00 60.58 ? 72   GLU A CD  1 
ATOM   583  O OE1 . GLU A 1 72 ? -27.215 -6.795  -9.482  1.00 61.96 ? 72   GLU A OE1 1 
ATOM   584  O OE2 . GLU A 1 72 ? -25.866 -5.220  -10.214 1.00 61.69 ? 72   GLU A OE2 1 
ATOM   585  N N   . LYS A 1 73 ? -25.521 -11.950 -11.090 1.00 55.38 ? 73   LYS A N   1 
ATOM   586  C CA  . LYS A 1 73 ? -26.033 -13.209 -11.653 1.00 55.23 ? 73   LYS A CA  1 
ATOM   587  C C   . LYS A 1 73 ? -26.162 -14.361 -10.665 1.00 55.33 ? 73   LYS A C   1 
ATOM   588  O O   . LYS A 1 73 ? -26.741 -15.405 -10.986 1.00 55.60 ? 73   LYS A O   1 
ATOM   589  C CB  . LYS A 1 73 ? -25.195 -13.645 -12.850 1.00 54.79 ? 73   LYS A CB  1 
ATOM   590  C CG  . LYS A 1 73 ? -25.368 -12.771 -14.067 1.00 54.38 ? 73   LYS A CG  1 
ATOM   591  C CD  . LYS A 1 73 ? -24.403 -13.189 -15.145 1.00 54.27 ? 73   LYS A CD  1 
ATOM   592  C CE  . LYS A 1 73 ? -24.185 -12.089 -16.160 1.00 54.51 ? 73   LYS A CE  1 
ATOM   593  N NZ  . LYS A 1 73 ? -25.129 -12.211 -17.290 1.00 53.68 ? 73   LYS A NZ  1 
ATOM   594  N N   . VAL A 1 74 ? -25.665 -14.100 -9.460  1.00 55.40 ? 74   VAL A N   1 
ATOM   595  C CA  . VAL A 1 74 ? -25.214 -15.063 -8.476  1.00 55.46 ? 74   VAL A CA  1 
ATOM   596  C C   . VAL A 1 74 ? -25.396 -14.419 -7.090  1.00 55.83 ? 74   VAL A C   1 
ATOM   597  O O   . VAL A 1 74 ? -24.409 -14.177 -6.373  1.00 56.28 ? 74   VAL A O   1 
ATOM   598  C CB  . VAL A 1 74 ? -23.683 -15.483 -8.696  1.00 55.48 ? 74   VAL A CB  1 
ATOM   599  C CG1 . VAL A 1 74 ? -23.428 -15.988 -10.087 1.00 55.68 ? 74   VAL A CG1 1 
ATOM   600  C CG2 . VAL A 1 74 ? -22.697 -14.351 -8.433  1.00 55.27 ? 74   VAL A CG2 1 
ATOM   601  N N   . LEU A 1 75 ? -26.644 -14.110 -6.720  1.00 55.63 ? 75   LEU A N   1 
ATOM   602  C CA  . LEU A 1 75 ? -26.933 -13.500 -5.418  1.00 55.50 ? 75   LEU A CA  1 
ATOM   603  C C   . LEU A 1 75 ? -28.282 -13.946 -4.844  1.00 55.55 ? 75   LEU A C   1 
ATOM   604  O O   . LEU A 1 75 ? -28.738 -15.066 -5.079  1.00 55.50 ? 75   LEU A O   1 
ATOM   605  C CB  . LEU A 1 75 ? -26.860 -11.968 -5.513  1.00 55.51 ? 75   LEU A CB  1 
ATOM   606  N N   . SER B 2 2  ? 15.115  10.374  -7.552  1.00 52.96 ? 2    SER B N   1 
ATOM   607  C CA  . SER B 2 2  ? 15.335  8.939   -7.909  1.00 52.33 ? 2    SER B CA  1 
ATOM   608  C C   . SER B 2 2  ? 14.501  8.075   -6.969  1.00 51.40 ? 2    SER B C   1 
ATOM   609  O O   . SER B 2 2  ? 14.441  8.359   -5.779  1.00 51.31 ? 2    SER B O   1 
ATOM   610  C CB  . SER B 2 2  ? 16.836  8.614   -7.780  1.00 52.32 ? 2    SER B CB  1 
ATOM   611  O OG  . SER B 2 2  ? 17.106  7.223   -7.686  1.00 53.15 ? 2    SER B OG  1 
ATOM   612  N N   . ALA B 2 3  ? 13.856  7.035   -7.495  1.00 50.54 ? 3    ALA B N   1 
ATOM   613  C CA  . ALA B 2 3  ? 13.087  6.106   -6.661  1.00 49.91 ? 3    ALA B CA  1 
ATOM   614  C C   . ALA B 2 3  ? 13.952  5.367   -5.622  1.00 50.00 ? 3    ALA B C   1 
ATOM   615  O O   . ALA B 2 3  ? 13.499  5.079   -4.514  1.00 49.85 ? 3    ALA B O   1 
ATOM   616  C CB  . ALA B 2 3  ? 12.347  5.114   -7.527  1.00 49.99 ? 3    ALA B CB  1 
ATOM   617  N N   . GLN B 2 4  ? 15.197  5.070   -5.974  1.00 49.76 ? 4    GLN B N   1 
ATOM   618  C CA  . GLN B 2 4  ? 16.082  4.389   -5.060  1.00 49.59 ? 4    GLN B CA  1 
ATOM   619  C C   . GLN B 2 4  ? 16.403  5.274   -3.860  1.00 49.84 ? 4    GLN B C   1 
ATOM   620  O O   . GLN B 2 4  ? 16.348  4.814   -2.727  1.00 49.84 ? 4    GLN B O   1 
ATOM   621  C CB  . GLN B 2 4  ? 17.349  3.944   -5.772  1.00 48.90 ? 4    GLN B CB  1 
ATOM   622  C CG  . GLN B 2 4  ? 18.200  3.008   -4.952  1.00 48.05 ? 4    GLN B CG  1 
ATOM   623  C CD  . GLN B 2 4  ? 19.538  2.728   -5.591  1.00 46.16 ? 4    GLN B CD  1 
ATOM   624  O OE1 . GLN B 2 4  ? 20.227  1.796   -5.205  1.00 45.63 ? 4    GLN B OE1 1 
ATOM   625  N NE2 . GLN B 2 4  ? 19.916  3.537   -6.563  1.00 45.83 ? 4    GLN B NE2 1 
ATOM   626  N N   . VAL B 2 5  ? 16.714  6.544   -4.105  1.00 50.32 ? 5    VAL B N   1 
ATOM   627  C CA  . VAL B 2 5  ? 17.106  7.421   -3.015  1.00 50.83 ? 5    VAL B CA  1 
ATOM   628  C C   . VAL B 2 5  ? 15.906  7.739   -2.104  1.00 50.91 ? 5    VAL B C   1 
ATOM   629  O O   . VAL B 2 5  ? 16.057  7.788   -0.879  1.00 51.13 ? 5    VAL B O   1 
ATOM   630  C CB  . VAL B 2 5  ? 17.899  8.700   -3.470  1.00 50.71 ? 5    VAL B CB  1 
ATOM   631  C CG1 . VAL B 2 5  ? 18.850  8.390   -4.615  1.00 50.80 ? 5    VAL B CG1 1 
ATOM   632  C CG2 . VAL B 2 5  ? 16.975  9.853   -3.804  1.00 52.09 ? 5    VAL B CG2 1 
ATOM   633  N N   . MET B 2 6  ? 14.724  7.915   -2.696  1.00 50.35 ? 6    MET B N   1 
ATOM   634  C CA  . MET B 2 6  ? 13.515  8.138   -1.912  1.00 50.14 ? 6    MET B CA  1 
ATOM   635  C C   . MET B 2 6  ? 13.196  6.970   -0.980  1.00 49.47 ? 6    MET B C   1 
ATOM   636  O O   . MET B 2 6  ? 12.783  7.179   0.162   1.00 48.95 ? 6    MET B O   1 
ATOM   637  C CB  . MET B 2 6  ? 12.313  8.450   -2.810  1.00 50.39 ? 6    MET B CB  1 
ATOM   638  C CG  . MET B 2 6  ? 12.373  9.848   -3.509  1.00 52.64 ? 6    MET B CG  1 
ATOM   639  S SD  . MET B 2 6  ? 12.779  11.298  -2.457  1.00 52.89 ? 6    MET B SD  1 
ATOM   640  C CE  . MET B 2 6  ? 13.686  12.305  -3.638  1.00 53.98 ? 6    MET B CE  1 
ATOM   641  N N   . LEU B 2 7  ? 13.379  5.747   -1.477  1.00 49.11 ? 7    LEU B N   1 
ATOM   642  C CA  . LEU B 2 7  ? 13.147  4.544   -0.700  1.00 48.83 ? 7    LEU B CA  1 
ATOM   643  C C   . LEU B 2 7  ? 14.227  4.348   0.372   1.00 48.92 ? 7    LEU B C   1 
ATOM   644  O O   . LEU B 2 7  ? 13.931  3.882   1.457   1.00 49.27 ? 7    LEU B O   1 
ATOM   645  C CB  . LEU B 2 7  ? 13.061  3.313   -1.610  1.00 48.85 ? 7    LEU B CB  1 
ATOM   646  C CG  . LEU B 2 7  ? 11.846  3.056   -2.518  1.00 50.01 ? 7    LEU B CG  1 
ATOM   647  C CD1 . LEU B 2 7  ? 12.130  1.926   -3.489  1.00 49.78 ? 7    LEU B CD1 1 
ATOM   648  C CD2 . LEU B 2 7  ? 10.591  2.728   -1.725  1.00 51.95 ? 7    LEU B CD2 1 
ATOM   649  N N   . GLU B 2 8  ? 15.465  4.711   0.076   1.00 48.98 ? 8    GLU B N   1 
ATOM   650  C CA  . GLU B 2 8  ? 16.529  4.673   1.067   1.00 49.63 ? 8    GLU B CA  1 
ATOM   651  C C   . GLU B 2 8  ? 16.225  5.643   2.190   1.00 49.49 ? 8    GLU B C   1 
ATOM   652  O O   . GLU B 2 8  ? 16.466  5.328   3.355   1.00 49.77 ? 8    GLU B O   1 
ATOM   653  C CB  . GLU B 2 8  ? 17.874  5.039   0.456   1.00 49.78 ? 8    GLU B CB  1 
ATOM   654  C CG  . GLU B 2 8  ? 18.383  4.046   -0.543  1.00 50.92 ? 8    GLU B CG  1 
ATOM   655  C CD  . GLU B 2 8  ? 19.680  4.498   -1.191  1.00 53.69 ? 8    GLU B CD  1 
ATOM   656  O OE1 . GLU B 2 8  ? 19.929  5.722   -1.297  1.00 54.31 ? 8    GLU B OE1 1 
ATOM   657  O OE2 . GLU B 2 8  ? 20.460  3.615   -1.600  1.00 55.07 ? 8    GLU B OE2 1 
ATOM   658  N N   . ASP B 2 9  ? 15.702  6.811   1.830   1.00 48.76 ? 9    ASP B N   1 
ATOM   659  C CA  . ASP B 2 9  ? 15.285  7.805   2.803   1.00 49.00 ? 9    ASP B CA  1 
ATOM   660  C C   . ASP B 2 9  ? 14.147  7.315   3.723   1.00 48.03 ? 9    ASP B C   1 
ATOM   661  O O   . ASP B 2 9  ? 14.204  7.548   4.939   1.00 48.07 ? 9    ASP B O   1 
ATOM   662  C CB  . ASP B 2 9  ? 14.938  9.145   2.123   1.00 49.53 ? 9    ASP B CB  1 
ATOM   663  C CG  . ASP B 2 9  ? 16.132  9.737   1.317   1.00 53.80 ? 9    ASP B CG  1 
ATOM   664  O OD1 . ASP B 2 9  ? 17.172  9.045   1.159   1.00 58.36 ? 9    ASP B OD1 1 
ATOM   665  O OD2 . ASP B 2 9  ? 16.037  10.893  0.814   1.00 57.66 ? 9    ASP B OD2 1 
ATOM   666  N N   . MET B 2 10 ? 13.136  6.647   3.154   1.00 46.62 ? 10   MET B N   1 
ATOM   667  C CA  . MET B 2 10 ? 12.092  5.975   3.941   1.00 44.95 ? 10   MET B CA  1 
ATOM   668  C C   . MET B 2 10 ? 12.704  4.960   4.894   1.00 45.74 ? 10   MET B C   1 
ATOM   669  O O   . MET B 2 10 ? 12.361  4.919   6.071   1.00 45.98 ? 10   MET B O   1 
ATOM   670  C CB  . MET B 2 10 ? 11.143  5.191   3.057   1.00 45.05 ? 10   MET B CB  1 
ATOM   671  C CG  . MET B 2 10 ? 9.842   5.853   2.685   1.00 47.09 ? 10   MET B CG  1 
ATOM   672  S SD  . MET B 2 10 ? 8.712   4.724   1.811   1.00 39.62 ? 10   MET B SD  1 
ATOM   673  C CE  . MET B 2 10 ? 8.260   3.776   3.179   1.00 39.54 ? 10   MET B CE  1 
ATOM   674  N N   . ALA B 2 11 ? 13.576  4.109   4.363   1.00 46.23 ? 11   ALA B N   1 
ATOM   675  C CA  . ALA B 2 11 ? 14.194  3.028   5.129   1.00 46.57 ? 11   ALA B CA  1 
ATOM   676  C C   . ALA B 2 11 ? 15.038  3.571   6.279   1.00 47.16 ? 11   ALA B C   1 
ATOM   677  O O   . ALA B 2 11 ? 15.004  3.037   7.379   1.00 48.33 ? 11   ALA B O   1 
ATOM   678  C CB  . ALA B 2 11 ? 15.006  2.152   4.218   1.00 45.15 ? 11   ALA B CB  1 
ATOM   679  N N   . ARG B 2 12 ? 15.779  4.640   6.023   1.00 47.85 ? 12   ARG B N   1 
ATOM   680  C CA  . ARG B 2 12 ? 16.598  5.302   7.026   1.00 48.78 ? 12   ARG B CA  1 
ATOM   681  C C   . ARG B 2 12 ? 15.756  5.913   8.150   1.00 48.48 ? 12   ARG B C   1 
ATOM   682  O O   . ARG B 2 12 ? 16.062  5.730   9.339   1.00 48.66 ? 12   ARG B O   1 
ATOM   683  C CB  . ARG B 2 12 ? 17.443  6.386   6.363   1.00 49.17 ? 12   ARG B CB  1 
ATOM   684  C CG  . ARG B 2 12 ? 18.230  7.217   7.350   1.00 53.47 ? 12   ARG B CG  1 
ATOM   685  C CD  . ARG B 2 12 ? 19.432  7.849   6.694   1.00 59.79 ? 12   ARG B CD  1 
ATOM   686  N NE  . ARG B 2 12 ? 20.355  6.809   6.234   1.00 64.37 ? 12   ARG B NE  1 
ATOM   687  C CZ  . ARG B 2 12 ? 21.578  7.038   5.766   1.00 66.03 ? 12   ARG B CZ  1 
ATOM   688  N NH1 . ARG B 2 12 ? 22.052  8.283   5.702   1.00 66.99 ? 12   ARG B NH1 1 
ATOM   689  N NH2 . ARG B 2 12 ? 22.323  6.015   5.354   1.00 65.60 ? 12   ARG B NH2 1 
ATOM   690  N N   . LYS B 2 13 ? 14.719  6.644   7.760   1.00 47.95 ? 13   LYS B N   1 
ATOM   691  C CA  . LYS B 2 13 ? 13.734  7.215   8.660   1.00 48.37 ? 13   LYS B CA  1 
ATOM   692  C C   . LYS B 2 13 ? 13.165  6.154   9.638   1.00 48.01 ? 13   LYS B C   1 
ATOM   693  O O   . LYS B 2 13 ? 13.080  6.391   10.858  1.00 48.20 ? 13   LYS B O   1 
ATOM   694  C CB  . LYS B 2 13 ? 12.627  7.872   7.816   1.00 48.14 ? 13   LYS B CB  1 
ATOM   695  C CG  . LYS B 2 13 ? 11.282  8.116   8.523   1.00 49.53 ? 13   LYS B CG  1 
ATOM   696  C CD  . LYS B 2 13 ? 10.175  8.671   7.573   1.00 50.40 ? 13   LYS B CD  1 
ATOM   697  C CE  . LYS B 2 13 ? 9.673   7.615   6.529   1.00 51.18 ? 13   LYS B CE  1 
ATOM   698  N NZ  . LYS B 2 13 ? 8.554   8.131   5.680   1.00 48.37 ? 13   LYS B NZ  1 
ATOM   699  N N   . TYR B 2 14 ? 12.789  4.994   9.104   1.00 47.42 ? 14   TYR B N   1 
ATOM   700  C CA  . TYR B 2 14 ? 12.214  3.927   9.911   1.00 46.97 ? 14   TYR B CA  1 
ATOM   701  C C   . TYR B 2 14 ? 13.229  3.299   10.846  1.00 46.55 ? 14   TYR B C   1 
ATOM   702  O O   . TYR B 2 14 ? 12.901  2.932   11.976  1.00 46.74 ? 14   TYR B O   1 
ATOM   703  C CB  . TYR B 2 14 ? 11.602  2.851   9.026   1.00 47.71 ? 14   TYR B CB  1 
ATOM   704  C CG  . TYR B 2 14 ? 10.261  3.234   8.484   1.00 48.32 ? 14   TYR B CG  1 
ATOM   705  C CD1 . TYR B 2 14 ? 9.272   3.749   9.323   1.00 49.58 ? 14   TYR B CD1 1 
ATOM   706  C CD2 . TYR B 2 14 ? 9.972   3.080   7.135   1.00 49.70 ? 14   TYR B CD2 1 
ATOM   707  C CE1 . TYR B 2 14 ? 8.018   4.110   8.826   1.00 50.78 ? 14   TYR B CE1 1 
ATOM   708  C CE2 . TYR B 2 14 ? 8.723   3.432   6.619   1.00 49.92 ? 14   TYR B CE2 1 
ATOM   709  C CZ  . TYR B 2 14 ? 7.758   3.944   7.467   1.00 50.55 ? 14   TYR B CZ  1 
ATOM   710  O OH  . TYR B 2 14 ? 6.537   4.286   6.960   1.00 50.35 ? 14   TYR B OH  1 
ATOM   711  N N   . ALA B 2 15 ? 14.460  3.163   10.364  1.00 45.79 ? 15   ALA B N   1 
ATOM   712  C CA  . ALA B 2 15 ? 15.550  2.611   11.159  1.00 45.36 ? 15   ALA B CA  1 
ATOM   713  C C   . ALA B 2 15 ? 15.894  3.513   12.360  1.00 44.80 ? 15   ALA B C   1 
ATOM   714  O O   . ALA B 2 15 ? 16.127  3.030   13.459  1.00 44.96 ? 15   ALA B O   1 
ATOM   715  C CB  . ALA B 2 15 ? 16.774  2.383   10.285  1.00 44.94 ? 15   ALA B CB  1 
ATOM   716  N N   . ILE B 2 16 ? 15.901  4.822   12.125  1.00 44.51 ? 16   ILE B N   1 
ATOM   717  C CA  . ILE B 2 16 ? 16.116  5.815   13.160  1.00 43.68 ? 16   ILE B CA  1 
ATOM   718  C C   . ILE B 2 16 ? 15.015  5.750   14.235  1.00 44.41 ? 16   ILE B C   1 
ATOM   719  O O   . ILE B 2 16 ? 15.316  5.740   15.429  1.00 44.31 ? 16   ILE B O   1 
ATOM   720  C CB  . ILE B 2 16 ? 16.281  7.217   12.524  1.00 43.28 ? 16   ILE B CB  1 
ATOM   721  C CG1 . ILE B 2 16 ? 17.600  7.270   11.731  1.00 42.17 ? 16   ILE B CG1 1 
ATOM   722  C CG2 . ILE B 2 16 ? 16.205  8.324   13.578  1.00 41.98 ? 16   ILE B CG2 1 
ATOM   723  C CD1 . ILE B 2 16 ? 17.801  8.546   10.865  1.00 42.12 ? 16   ILE B CD1 1 
ATOM   724  N N   . LEU B 2 17 ? 13.757  5.671   13.800  1.00 44.76 ? 17   LEU B N   1 
ATOM   725  C CA  . LEU B 2 17 ? 12.621  5.509   14.715  1.00 44.89 ? 17   LEU B CA  1 
ATOM   726  C C   . LEU B 2 17 ? 12.680  4.201   15.507  1.00 44.94 ? 17   LEU B C   1 
ATOM   727  O O   . LEU B 2 17 ? 12.328  4.171   16.683  1.00 45.58 ? 17   LEU B O   1 
ATOM   728  C CB  . LEU B 2 17 ? 11.301  5.615   13.950  1.00 44.64 ? 17   LEU B CB  1 
ATOM   729  C CG  . LEU B 2 17 ? 10.985  6.974   13.346  1.00 43.32 ? 17   LEU B CG  1 
ATOM   730  C CD1 . LEU B 2 17 ? 9.906   6.818   12.311  1.00 42.85 ? 17   LEU B CD1 1 
ATOM   731  C CD2 . LEU B 2 17 ? 10.583  7.964   14.423  1.00 42.85 ? 17   LEU B CD2 1 
ATOM   732  N N   . ALA B 2 18 ? 13.128  3.129   14.858  1.00 45.08 ? 18   ALA B N   1 
ATOM   733  C CA  . ALA B 2 18 ? 13.203  1.791   15.470  1.00 44.77 ? 18   ALA B CA  1 
ATOM   734  C C   . ALA B 2 18 ? 14.249  1.752   16.553  1.00 44.79 ? 18   ALA B C   1 
ATOM   735  O O   . ALA B 2 18 ? 14.045  1.144   17.588  1.00 45.22 ? 18   ALA B O   1 
ATOM   736  C CB  . ALA B 2 18 ? 13.531  0.754   14.417  1.00 44.50 ? 18   ALA B CB  1 
ATOM   737  N N   . VAL B 2 19 ? 15.387  2.383   16.290  1.00 45.08 ? 19   VAL B N   1 
ATOM   738  C CA  . VAL B 2 19 ? 16.478  2.448   17.241  1.00 45.53 ? 19   VAL B CA  1 
ATOM   739  C C   . VAL B 2 19 ? 16.129  3.349   18.440  1.00 46.53 ? 19   VAL B C   1 
ATOM   740  O O   . VAL B 2 19 ? 16.514  3.047   19.571  1.00 46.81 ? 19   VAL B O   1 
ATOM   741  C CB  . VAL B 2 19 ? 17.814  2.862   16.556  1.00 45.42 ? 19   VAL B CB  1 
ATOM   742  C CG1 . VAL B 2 19 ? 18.960  2.958   17.578  1.00 44.15 ? 19   VAL B CG1 1 
ATOM   743  C CG2 . VAL B 2 19 ? 18.183  1.875   15.454  1.00 44.21 ? 19   VAL B CG2 1 
ATOM   744  N N   . LYS B 2 20 ? 15.395  4.436   18.200  1.00 47.28 ? 20   LYS B N   1 
ATOM   745  C CA  . LYS B 2 20 ? 14.932  5.296   19.284  1.00 48.19 ? 20   LYS B CA  1 
ATOM   746  C C   . LYS B 2 20 ? 13.921  4.565   20.179  1.00 48.41 ? 20   LYS B C   1 
ATOM   747  O O   . LYS B 2 20 ? 14.056  4.586   21.400  1.00 48.84 ? 20   LYS B O   1 
ATOM   748  C CB  . LYS B 2 20 ? 14.366  6.617   18.751  1.00 48.04 ? 20   LYS B CB  1 
ATOM   749  C CG  . LYS B 2 20 ? 14.153  7.655   19.850  1.00 48.74 ? 20   LYS B CG  1 
ATOM   750  C CD  . LYS B 2 20 ? 13.518  8.937   19.320  1.00 48.94 ? 20   LYS B CD  1 
ATOM   751  C CE  . LYS B 2 20 ? 13.302  9.942   20.442  1.00 48.87 ? 20   LYS B CE  1 
ATOM   752  N NZ  . LYS B 2 20 ? 12.889  11.259  19.882  1.00 49.45 ? 20   LYS B NZ  1 
ATOM   753  N N   . ALA B 2 21 ? 12.933  3.904   19.574  1.00 48.77 ? 21   ALA B N   1 
ATOM   754  C CA  . ALA B 2 21 ? 11.946  3.114   20.314  1.00 49.15 ? 21   ALA B CA  1 
ATOM   755  C C   . ALA B 2 21 ? 12.621  1.977   21.058  1.00 49.68 ? 21   ALA B C   1 
ATOM   756  O O   . ALA B 2 21 ? 12.201  1.608   22.166  1.00 49.94 ? 21   ALA B O   1 
ATOM   757  C CB  . ALA B 2 21 ? 10.892  2.565   19.375  1.00 49.04 ? 21   ALA B CB  1 
ATOM   758  N N   . ASP B 2 22 ? 13.657  1.420   20.429  1.00 50.28 ? 22   ASP B N   1 
ATOM   759  C CA  . ASP B 2 22 ? 14.481  0.372   21.021  1.00 51.06 ? 22   ASP B CA  1 
ATOM   760  C C   . ASP B 2 22 ? 15.063  0.855   22.342  1.00 51.48 ? 22   ASP B C   1 
ATOM   761  O O   . ASP B 2 22 ? 14.826  0.240   23.385  1.00 51.68 ? 22   ASP B O   1 
ATOM   762  C CB  . ASP B 2 22 ? 15.612  -0.038  20.057  1.00 51.00 ? 22   ASP B CB  1 
ATOM   763  C CG  . ASP B 2 22 ? 16.289  -1.371  20.439  1.00 50.80 ? 22   ASP B CG  1 
ATOM   764  O OD1 . ASP B 2 22 ? 16.337  -1.746  21.642  1.00 50.59 ? 22   ASP B OD1 1 
ATOM   765  O OD2 . ASP B 2 22 ? 16.790  -2.047  19.512  1.00 49.09 ? 22   ASP B OD2 1 
ATOM   766  N N   . LYS B 2 23 ? 15.810  1.958   22.299  1.00 52.20 ? 23   LYS B N   1 
ATOM   767  C CA  . LYS B 2 23 ? 16.431  2.515   23.508  1.00 53.19 ? 23   LYS B CA  1 
ATOM   768  C C   . LYS B 2 23 ? 15.415  2.911   24.582  1.00 53.53 ? 23   LYS B C   1 
ATOM   769  O O   . LYS B 2 23 ? 15.620  2.621   25.747  1.00 53.47 ? 23   LYS B O   1 
ATOM   770  C CB  . LYS B 2 23 ? 17.347  3.698   23.192  1.00 53.25 ? 23   LYS B CB  1 
ATOM   771  C CG  . LYS B 2 23 ? 18.650  3.322   22.448  1.00 54.50 ? 23   LYS B CG  1 
ATOM   772  C CD  . LYS B 2 23 ? 19.439  4.633   22.267  1.00 57.30 ? 23   LYS B CD  1 
ATOM   773  C CE  . LYS B 2 23 ? 20.317  4.584   21.022  1.00 59.99 ? 23   LYS B CE  1 
ATOM   774  N NZ  . LYS B 2 23 ? 20.824  5.969   20.697  1.00 62.15 ? 23   LYS B NZ  1 
ATOM   775  N N   . GLU B 2 24 ? 14.319  3.557   24.185  1.00 54.26 ? 24   GLU B N   1 
ATOM   776  C CA  . GLU B 2 24 ? 13.253  3.918   25.122  1.00 54.74 ? 24   GLU B CA  1 
ATOM   777  C C   . GLU B 2 24 ? 12.533  2.696   25.708  1.00 54.90 ? 24   GLU B C   1 
ATOM   778  O O   . GLU B 2 24 ? 11.727  2.830   26.631  1.00 54.94 ? 24   GLU B O   1 
ATOM   779  C CB  . GLU B 2 24 ? 12.257  4.891   24.473  1.00 54.78 ? 24   GLU B CB  1 
ATOM   780  C CG  . GLU B 2 24 ? 12.513  6.390   24.786  1.00 55.73 ? 24   GLU B CG  1 
ATOM   781  C CD  . GLU B 2 24 ? 12.128  6.834   26.244  1.00 56.33 ? 24   GLU B CD  1 
ATOM   782  O OE1 . GLU B 2 24 ? 11.884  8.048   26.442  1.00 55.44 ? 24   GLU B OE1 1 
ATOM   783  O OE2 . GLU B 2 24 ? 12.078  5.998   27.188  1.00 55.24 ? 24   GLU B OE2 1 
ATOM   784  N N   . GLY B 2 25 ? 12.841  1.513   25.182  1.00 55.06 ? 25   GLY B N   1 
ATOM   785  C CA  . GLY B 2 25 ? 12.252  0.270   25.666  1.00 55.27 ? 25   GLY B CA  1 
ATOM   786  C C   . GLY B 2 25 ? 10.833  0.075   25.173  1.00 55.45 ? 25   GLY B C   1 
ATOM   787  O O   . GLY B 2 25 ? 10.127  -0.817  25.644  1.00 55.56 ? 25   GLY B O   1 
ATOM   788  N N   . ASP B 2 28 ? 7.217   -4.053  20.480  1.00 57.74 ? 28   ASP B N   1 
ATOM   789  C CA  . ASP B 2 28 ? 6.433   -2.841  20.646  1.00 57.60 ? 28   ASP B CA  1 
ATOM   790  C C   . ASP B 2 28 ? 6.563   -1.991  19.382  1.00 57.52 ? 28   ASP B C   1 
ATOM   791  O O   . ASP B 2 28 ? 6.512   -2.524  18.265  1.00 57.68 ? 28   ASP B O   1 
ATOM   792  C CB  . ASP B 2 28 ? 6.877   -2.076  21.907  1.00 57.69 ? 28   ASP B CB  1 
ATOM   793  C CG  . ASP B 2 28 ? 8.400   -1.893  21.998  1.00 58.14 ? 28   ASP B CG  1 
ATOM   794  O OD1 . ASP B 2 28 ? 9.151   -2.598  21.284  1.00 57.15 ? 28   ASP B OD1 1 
ATOM   795  O OD2 . ASP B 2 28 ? 8.843   -1.036  22.797  1.00 58.90 ? 28   ASP B OD2 1 
ATOM   796  N N   . ASP B 2 29 ? 6.721   -0.678  19.562  1.00 57.08 ? 29   ASP B N   1 
ATOM   797  C CA  . ASP B 2 29 ? 6.960   0.260   18.463  1.00 56.63 ? 29   ASP B CA  1 
ATOM   798  C C   . ASP B 2 29 ? 8.231   -0.083  17.691  1.00 56.33 ? 29   ASP B C   1 
ATOM   799  O O   . ASP B 2 29 ? 8.252   -0.002  16.463  1.00 56.44 ? 29   ASP B O   1 
ATOM   800  C CB  . ASP B 2 29 ? 7.061   1.694   18.991  1.00 56.60 ? 29   ASP B CB  1 
ATOM   801  C CG  . ASP B 2 29 ? 5.739   2.223   19.504  1.00 57.11 ? 29   ASP B CG  1 
ATOM   802  O OD1 . ASP B 2 29 ? 4.714   2.062   18.810  1.00 58.18 ? 29   ASP B OD1 1 
ATOM   803  O OD2 . ASP B 2 29 ? 5.720   2.809   20.604  1.00 57.12 ? 29   ASP B OD2 1 
ATOM   804  N N   . ALA B 2 30 ? 9.280   -0.462  18.421  1.00 55.74 ? 30   ALA B N   1 
ATOM   805  C CA  . ALA B 2 30 ? 10.562  -0.831  17.831  1.00 55.09 ? 30   ALA B CA  1 
ATOM   806  C C   . ALA B 2 30 ? 10.407  -1.974  16.839  1.00 54.78 ? 30   ALA B C   1 
ATOM   807  O O   . ALA B 2 30 ? 10.910  -1.889  15.719  1.00 54.83 ? 30   ALA B O   1 
ATOM   808  C CB  . ALA B 2 30 ? 11.564  -1.184  18.909  1.00 54.98 ? 30   ALA B CB  1 
ATOM   809  N N   . ILE B 2 31 ? 9.694   -3.026  17.239  1.00 54.46 ? 31   ILE B N   1 
ATOM   810  C CA  . ILE B 2 31 ? 9.439   -4.163  16.353  1.00 54.10 ? 31   ILE B CA  1 
ATOM   811  C C   . ILE B 2 31 ? 8.765   -3.710  15.053  1.00 53.95 ? 31   ILE B C   1 
ATOM   812  O O   . ILE B 2 31 ? 9.225   -4.058  13.966  1.00 53.98 ? 31   ILE B O   1 
ATOM   813  C CB  . ILE B 2 31 ? 8.619   -5.286  17.039  1.00 54.11 ? 31   ILE B CB  1 
ATOM   814  C CG1 . ILE B 2 31 ? 9.453   -5.955  18.140  1.00 54.36 ? 31   ILE B CG1 1 
ATOM   815  C CG2 . ILE B 2 31 ? 8.165   -6.333  16.010  1.00 53.98 ? 31   ILE B CG2 1 
ATOM   816  C CD1 . ILE B 2 31 ? 8.677   -6.914  19.028  1.00 53.76 ? 31   ILE B CD1 1 
ATOM   817  N N   . THR B 2 32 ? 7.695   -2.928  15.166  1.00 53.81 ? 32   THR B N   1 
ATOM   818  C CA  . THR B 2 32 ? 6.948   -2.459  13.990  1.00 53.80 ? 32   THR B CA  1 
ATOM   819  C C   . THR B 2 32 ? 7.820   -1.604  13.065  1.00 53.24 ? 32   THR B C   1 
ATOM   820  O O   . THR B 2 32 ? 7.809   -1.787  11.845  1.00 53.41 ? 32   THR B O   1 
ATOM   821  C CB  . THR B 2 32 ? 5.660   -1.672  14.364  1.00 54.01 ? 32   THR B CB  1 
ATOM   822  O OG1 . THR B 2 32 ? 5.995   -0.559  15.199  1.00 54.52 ? 32   THR B OG1 1 
ATOM   823  C CG2 . THR B 2 32 ? 4.638   -2.573  15.092  1.00 54.01 ? 32   THR B CG2 1 
ATOM   824  N N   . TYR B 2 33 ? 8.589   -0.695  13.658  1.00 52.36 ? 33   TYR B N   1 
ATOM   825  C CA  . TYR B 2 33 ? 9.502   0.164   12.906  1.00 51.68 ? 33   TYR B CA  1 
ATOM   826  C C   . TYR B 2 33 ? 10.655  -0.590  12.231  1.00 51.27 ? 33   TYR B C   1 
ATOM   827  O O   . TYR B 2 33 ? 11.055  -0.236  11.123  1.00 51.04 ? 33   TYR B O   1 
ATOM   828  C CB  . TYR B 2 33 ? 10.073  1.277   13.790  1.00 51.69 ? 33   TYR B CB  1 
ATOM   829  C CG  . TYR B 2 33 ? 9.136   2.424   14.122  1.00 51.75 ? 33   TYR B CG  1 
ATOM   830  C CD1 . TYR B 2 33 ? 8.361   3.038   13.141  1.00 51.07 ? 33   TYR B CD1 1 
ATOM   831  C CD2 . TYR B 2 33 ? 9.058   2.921   15.425  1.00 52.25 ? 33   TYR B CD2 1 
ATOM   832  C CE1 . TYR B 2 33 ? 7.509   4.097   13.461  1.00 51.68 ? 33   TYR B CE1 1 
ATOM   833  C CE2 . TYR B 2 33 ? 8.213   3.978   15.751  1.00 51.74 ? 33   TYR B CE2 1 
ATOM   834  C CZ  . TYR B 2 33 ? 7.448   4.560   14.766  1.00 52.00 ? 33   TYR B CZ  1 
ATOM   835  O OH  . TYR B 2 33 ? 6.622   5.610   15.092  1.00 52.77 ? 33   TYR B OH  1 
ATOM   836  N N   . TYR B 2 34 ? 11.193  -1.609  12.904  1.00 50.80 ? 34   TYR B N   1 
ATOM   837  C CA  . TYR B 2 34 ? 12.224  -2.476  12.318  1.00 50.38 ? 34   TYR B CA  1 
ATOM   838  C C   . TYR B 2 34 ? 11.696  -3.265  11.124  1.00 50.56 ? 34   TYR B C   1 
ATOM   839  O O   . TYR B 2 34 ? 12.398  -3.423  10.128  1.00 50.43 ? 34   TYR B O   1 
ATOM   840  C CB  . TYR B 2 34 ? 12.765  -3.469  13.342  1.00 49.67 ? 34   TYR B CB  1 
ATOM   841  C CG  . TYR B 2 34 ? 13.834  -2.963  14.269  1.00 48.54 ? 34   TYR B CG  1 
ATOM   842  C CD1 . TYR B 2 34 ? 15.015  -2.434  13.782  1.00 48.17 ? 34   TYR B CD1 1 
ATOM   843  C CD2 . TYR B 2 34 ? 13.684  -3.072  15.653  1.00 48.64 ? 34   TYR B CD2 1 
ATOM   844  C CE1 . TYR B 2 34 ? 16.018  -1.988  14.650  1.00 47.79 ? 34   TYR B CE1 1 
ATOM   845  C CE2 . TYR B 2 34 ? 14.666  -2.629  16.523  1.00 47.47 ? 34   TYR B CE2 1 
ATOM   846  C CZ  . TYR B 2 34 ? 15.830  -2.087  16.013  1.00 48.04 ? 34   TYR B CZ  1 
ATOM   847  O OH  . TYR B 2 34 ? 16.811  -1.649  16.869  1.00 48.62 ? 34   TYR B OH  1 
ATOM   848  N N   . LYS B 2 35 ? 10.466  -3.764  11.252  1.00 50.76 ? 35   LYS B N   1 
ATOM   849  C CA  . LYS B 2 35 ? 9.781   -4.475  10.180  1.00 51.04 ? 35   LYS B CA  1 
ATOM   850  C C   . LYS B 2 35 ? 9.547   -3.563  8.986   1.00 51.23 ? 35   LYS B C   1 
ATOM   851  O O   . LYS B 2 35 ? 9.697   -3.988  7.848   1.00 51.64 ? 35   LYS B O   1 
ATOM   852  C CB  . LYS B 2 35 ? 8.454   -5.047  10.686  1.00 51.13 ? 35   LYS B CB  1 
ATOM   853  C CG  . LYS B 2 35 ? 8.618   -6.237  11.614  1.00 51.36 ? 35   LYS B CG  1 
ATOM   854  C CD  . LYS B 2 35 ? 7.290   -6.708  12.169  1.00 51.71 ? 35   LYS B CD  1 
ATOM   855  C CE  . LYS B 2 35 ? 7.403   -8.112  12.738  1.00 51.69 ? 35   LYS B CE  1 
ATOM   856  N NZ  . LYS B 2 35 ? 6.051   -8.706  12.946  1.00 51.40 ? 35   LYS B NZ  1 
ATOM   857  N N   . LYS B 2 36 ? 9.192   -2.311  9.259   1.00 51.35 ? 36   LYS B N   1 
ATOM   858  C CA  . LYS B 2 36 ? 9.009   -1.299  8.230   1.00 51.41 ? 36   LYS B CA  1 
ATOM   859  C C   . LYS B 2 36 ? 10.312  -1.071  7.470   1.00 51.20 ? 36   LYS B C   1 
ATOM   860  O O   . LYS B 2 36 ? 10.321  -1.046  6.242   1.00 51.66 ? 36   LYS B O   1 
ATOM   861  C CB  . LYS B 2 36 ? 8.553   0.008   8.859   1.00 51.26 ? 36   LYS B CB  1 
ATOM   862  C CG  . LYS B 2 36 ? 7.272   0.529   8.294   1.00 53.05 ? 36   LYS B CG  1 
ATOM   863  C CD  . LYS B 2 36 ? 6.086   -0.157  8.947   1.00 54.21 ? 36   LYS B CD  1 
ATOM   864  C CE  . LYS B 2 36 ? 4.757   0.257   8.317   1.00 56.14 ? 36   LYS B CE  1 
ATOM   865  N NZ  . LYS B 2 36 ? 3.619   -0.425  9.014   1.00 56.09 ? 36   LYS B NZ  1 
ATOM   866  N N   . ALA B 2 37 ? 11.412  -0.902  8.201   1.00 50.46 ? 37   ALA B N   1 
ATOM   867  C CA  . ALA B 2 37 ? 12.720  -0.747  7.575   1.00 50.03 ? 37   ALA B CA  1 
ATOM   868  C C   . ALA B 2 37 ? 13.084  -1.964  6.727   1.00 50.05 ? 37   ALA B C   1 
ATOM   869  O O   . ALA B 2 37 ? 13.563  -1.808  5.622   1.00 50.28 ? 37   ALA B O   1 
ATOM   870  C CB  . ALA B 2 37 ? 13.796  -0.468  8.617   1.00 49.77 ? 37   ALA B CB  1 
ATOM   871  N N   . ILE B 2 38 ? 12.855  -3.177  7.245   1.00 50.31 ? 38   ILE B N   1 
ATOM   872  C CA  . ILE B 2 38 ? 13.117  -4.421  6.496   1.00 49.89 ? 38   ILE B CA  1 
ATOM   873  C C   . ILE B 2 38 ? 12.318  -4.432  5.194   1.00 50.42 ? 38   ILE B C   1 
ATOM   874  O O   . ILE B 2 38 ? 12.858  -4.735  4.127   1.00 50.69 ? 38   ILE B O   1 
ATOM   875  C CB  . ILE B 2 38 ? 12.794  -5.691  7.327   1.00 49.45 ? 38   ILE B CB  1 
ATOM   876  C CG1 . ILE B 2 38 ? 13.795  -5.846  8.470   1.00 48.81 ? 38   ILE B CG1 1 
ATOM   877  C CG2 . ILE B 2 38 ? 12.787  -6.952  6.444   1.00 48.18 ? 38   ILE B CG2 1 
ATOM   878  C CD1 . ILE B 2 38 ? 13.246  -6.614  9.654   1.00 46.64 ? 38   ILE B CD1 1 
ATOM   879  N N   . GLU B 2 39 ? 11.041  -4.073  5.295   1.00 50.43 ? 39   GLU B N   1 
ATOM   880  C CA  . GLU B 2 39 ? 10.130  -4.090  4.166   1.00 50.69 ? 39   GLU B CA  1 
ATOM   881  C C   . GLU B 2 39 ? 10.622  -3.171  3.054   1.00 50.13 ? 39   GLU B C   1 
ATOM   882  O O   . GLU B 2 39 ? 10.715  -3.597  1.911   1.00 50.10 ? 39   GLU B O   1 
ATOM   883  C CB  . GLU B 2 39 ? 8.729   -3.712  4.634   1.00 50.97 ? 39   GLU B CB  1 
ATOM   884  C CG  . GLU B 2 39 ? 7.709   -3.522  3.535   1.00 53.54 ? 39   GLU B CG  1 
ATOM   885  C CD  . GLU B 2 39 ? 6.523   -2.727  4.033   1.00 57.59 ? 39   GLU B CD  1 
ATOM   886  O OE1 . GLU B 2 39 ? 6.526   -1.490  3.849   1.00 59.92 ? 39   GLU B OE1 1 
ATOM   887  O OE2 . GLU B 2 39 ? 5.611   -3.329  4.644   1.00 58.01 ? 39   GLU B OE2 1 
ATOM   888  N N   . VAL B 2 40 ? 10.962  -1.929  3.398   1.00 49.83 ? 40   VAL B N   1 
ATOM   889  C CA  . VAL B 2 40 ? 11.428  -0.958  2.421   1.00 49.37 ? 40   VAL B CA  1 
ATOM   890  C C   . VAL B 2 40 ? 12.792  -1.353  1.846   1.00 49.41 ? 40   VAL B C   1 
ATOM   891  O O   . VAL B 2 40 ? 13.024  -1.213  0.648   1.00 50.13 ? 40   VAL B O   1 
ATOM   892  C CB  . VAL B 2 40 ? 11.443  0.507   2.966   1.00 49.48 ? 40   VAL B CB  1 
ATOM   893  C CG1 . VAL B 2 40 ? 11.669  1.495   1.820   1.00 49.82 ? 40   VAL B CG1 1 
ATOM   894  C CG2 . VAL B 2 40 ? 10.131  0.855   3.675   1.00 47.37 ? 40   VAL B CG2 1 
ATOM   895  N N   . LEU B 2 41 ? 13.687  -1.864  2.682   1.00 48.85 ? 41   LEU B N   1 
ATOM   896  C CA  . LEU B 2 41 ? 14.997  -2.290  2.211   1.00 48.29 ? 41   LEU B CA  1 
ATOM   897  C C   . LEU B 2 41 ? 14.899  -3.466  1.241   1.00 47.82 ? 41   LEU B C   1 
ATOM   898  O O   . LEU B 2 41 ? 15.688  -3.570  0.309   1.00 47.69 ? 41   LEU B O   1 
ATOM   899  C CB  . LEU B 2 41 ? 15.899  -2.650  3.386   1.00 48.70 ? 41   LEU B CB  1 
ATOM   900  C CG  . LEU B 2 41 ? 16.481  -1.516  4.228   1.00 48.86 ? 41   LEU B CG  1 
ATOM   901  C CD1 . LEU B 2 41 ? 17.252  -2.113  5.405   1.00 46.40 ? 41   LEU B CD1 1 
ATOM   902  C CD2 . LEU B 2 41 ? 17.365  -0.593  3.390   1.00 49.46 ? 41   LEU B CD2 1 
ATOM   903  N N   . SER B 2 42 ? 13.926  -4.342  1.464   1.00 47.20 ? 42   SER B N   1 
ATOM   904  C CA  . SER B 2 42 ? 13.687  -5.476  0.576   1.00 47.11 ? 42   SER B CA  1 
ATOM   905  C C   . SER B 2 42 ? 13.106  -5.039  -0.760  1.00 46.53 ? 42   SER B C   1 
ATOM   906  O O   . SER B 2 42 ? 13.316  -5.696  -1.777  1.00 46.88 ? 42   SER B O   1 
ATOM   907  C CB  . SER B 2 42 ? 12.707  -6.465  1.198   1.00 47.04 ? 42   SER B CB  1 
ATOM   908  O OG  . SER B 2 42 ? 13.058  -6.761  2.524   1.00 49.49 ? 42   SER B OG  1 
ATOM   909  N N   . GLN B 2 43 ? 12.344  -3.951  -0.747  1.00 46.11 ? 43   GLN B N   1 
ATOM   910  C CA  . GLN B 2 43 ? 11.722  -3.421  -1.943  1.00 44.73 ? 43   GLN B CA  1 
ATOM   911  C C   . GLN B 2 43 ? 12.812  -2.862  -2.834  1.00 44.84 ? 43   GLN B C   1 
ATOM   912  O O   . GLN B 2 43 ? 12.759  -3.055  -4.030  1.00 44.93 ? 43   GLN B O   1 
ATOM   913  C CB  . GLN B 2 43 ? 10.695  -2.351  -1.571  1.00 44.87 ? 43   GLN B CB  1 
ATOM   914  C CG  . GLN B 2 43 ? 9.389   -2.918  -1.002  1.00 43.62 ? 43   GLN B CG  1 
ATOM   915  C CD  . GLN B 2 43 ? 8.342   -1.837  -0.702  1.00 44.07 ? 43   GLN B CD  1 
ATOM   916  O OE1 . GLN B 2 43 ? 8.630   -0.857  -0.020  1.00 42.30 ? 43   GLN B OE1 1 
ATOM   917  N NE2 . GLN B 2 43 ? 7.113   -2.035  -1.195  1.00 42.60 ? 43   GLN B NE2 1 
ATOM   918  N N   . ILE B 2 44 ? 13.821  -2.216  -2.236  1.00 44.91 ? 44   ILE B N   1 
ATOM   919  C CA  . ILE B 2 44 ? 14.972  -1.659  -2.970  1.00 44.85 ? 44   ILE B CA  1 
ATOM   920  C C   . ILE B 2 44 ? 15.796  -2.741  -3.669  1.00 44.72 ? 44   ILE B C   1 
ATOM   921  O O   . ILE B 2 44 ? 16.198  -2.576  -4.811  1.00 45.03 ? 44   ILE B O   1 
ATOM   922  C CB  . ILE B 2 44 ? 15.926  -0.843  -2.054  1.00 45.43 ? 44   ILE B CB  1 
ATOM   923  C CG1 . ILE B 2 44 ? 15.167  0.212   -1.234  1.00 44.86 ? 44   ILE B CG1 1 
ATOM   924  C CG2 . ILE B 2 44 ? 16.981  -0.152  -2.905  1.00 45.77 ? 44   ILE B CG2 1 
ATOM   925  C CD1 . ILE B 2 44 ? 16.056  1.038   -0.327  1.00 44.08 ? 44   ILE B CD1 1 
ATOM   926  N N   . ILE B 2 45 ? 16.049  -3.836  -2.952  1.00 44.59 ? 45   ILE B N   1 
ATOM   927  C CA  . ILE B 2 45 ? 16.708  -5.026  -3.477  1.00 43.80 ? 45   ILE B CA  1 
ATOM   928  C C   . ILE B 2 45 ? 15.896  -5.641  -4.624  1.00 43.48 ? 45   ILE B C   1 
ATOM   929  O O   . ILE B 2 45 ? 16.476  -6.080  -5.623  1.00 43.68 ? 45   ILE B O   1 
ATOM   930  C CB  . ILE B 2 45 ? 16.956  -6.069  -2.337  1.00 44.39 ? 45   ILE B CB  1 
ATOM   931  C CG1 . ILE B 2 45 ? 18.020  -5.542  -1.357  1.00 43.91 ? 45   ILE B CG1 1 
ATOM   932  C CG2 . ILE B 2 45 ? 17.348  -7.448  -2.892  1.00 43.21 ? 45   ILE B CG2 1 
ATOM   933  C CD1 . ILE B 2 45 ? 18.072  -6.290  -0.052  1.00 44.61 ? 45   ILE B CD1 1 
ATOM   934  N N   . VAL B 2 46 ? 14.567  -5.668  -4.493  1.00 42.37 ? 46   VAL B N   1 
ATOM   935  C CA  . VAL B 2 46 ? 13.720  -6.138  -5.593  1.00 41.67 ? 46   VAL B CA  1 
ATOM   936  C C   . VAL B 2 46 ? 13.844  -5.251  -6.849  1.00 41.01 ? 46   VAL B C   1 
ATOM   937  O O   . VAL B 2 46 ? 13.884  -5.766  -7.967  1.00 41.13 ? 46   VAL B O   1 
ATOM   938  C CB  . VAL B 2 46 ? 12.218  -6.337  -5.174  1.00 41.98 ? 46   VAL B CB  1 
ATOM   939  C CG1 . VAL B 2 46 ? 11.338  -6.498  -6.394  1.00 41.32 ? 46   VAL B CG1 1 
ATOM   940  C CG2 . VAL B 2 46 ? 12.046  -7.572  -4.287  1.00 41.85 ? 46   VAL B CG2 1 
ATOM   941  N N   . LEU B 2 47 ? 13.918  -3.935  -6.661  1.00 40.47 ? 47   LEU B N   1 
ATOM   942  C CA  . LEU B 2 47 ? 13.938  -2.987  -7.787  1.00 39.99 ? 47   LEU B CA  1 
ATOM   943  C C   . LEU B 2 47 ? 15.336  -2.799  -8.371  1.00 39.79 ? 47   LEU B C   1 
ATOM   944  O O   . LEU B 2 47 ? 15.506  -2.628  -9.585  1.00 39.39 ? 47   LEU B O   1 
ATOM   945  C CB  . LEU B 2 47 ? 13.353  -1.634  -7.375  1.00 39.28 ? 47   LEU B CB  1 
ATOM   946  C CG  . LEU B 2 47 ? 11.859  -1.545  -7.106  1.00 39.72 ? 47   LEU B CG  1 
ATOM   947  C CD1 . LEU B 2 47 ? 11.468  -0.102  -6.808  1.00 39.26 ? 47   LEU B CD1 1 
ATOM   948  C CD2 . LEU B 2 47 ? 11.038  -2.099  -8.291  1.00 38.67 ? 47   LEU B CD2 1 
ATOM   949  N N   . TYR B 2 48 ? 16.328  -2.842  -7.487  1.00 39.63 ? 48   TYR B N   1 
ATOM   950  C CA  . TYR B 2 48 ? 17.727  -2.628  -7.842  1.00 39.95 ? 48   TYR B CA  1 
ATOM   951  C C   . TYR B 2 48 ? 18.588  -3.783  -7.325  1.00 40.43 ? 48   TYR B C   1 
ATOM   952  O O   . TYR B 2 48 ? 19.417  -3.580  -6.436  1.00 40.39 ? 48   TYR B O   1 
ATOM   953  C CB  . TYR B 2 48 ? 18.192  -1.292  -7.264  1.00 39.92 ? 48   TYR B CB  1 
ATOM   954  C CG  . TYR B 2 48 ? 17.334  -0.141  -7.728  1.00 39.83 ? 48   TYR B CG  1 
ATOM   955  C CD1 . TYR B 2 48 ? 17.539  0.437   -8.980  1.00 38.10 ? 48   TYR B CD1 1 
ATOM   956  C CD2 . TYR B 2 48 ? 16.281  0.334   -6.943  1.00 40.35 ? 48   TYR B CD2 1 
ATOM   957  C CE1 . TYR B 2 48 ? 16.754  1.473   -9.424  1.00 38.57 ? 48   TYR B CE1 1 
ATOM   958  C CE2 . TYR B 2 48 ? 15.464  1.390   -7.394  1.00 39.55 ? 48   TYR B CE2 1 
ATOM   959  C CZ  . TYR B 2 48 ? 15.722  1.947   -8.628  1.00 39.49 ? 48   TYR B CZ  1 
ATOM   960  O OH  . TYR B 2 48 ? 14.954  2.980   -9.087  1.00 41.00 ? 48   TYR B OH  1 
ATOM   961  N N   . PRO B 2 49 ? 18.375  -5.011  -7.866  1.00 40.54 ? 49   PRO B N   1 
ATOM   962  C CA  . PRO B 2 49 ? 19.122  -6.171  -7.378  1.00 40.68 ? 49   PRO B CA  1 
ATOM   963  C C   . PRO B 2 49 ? 20.633  -6.099  -7.603  1.00 41.24 ? 49   PRO B C   1 
ATOM   964  O O   . PRO B 2 49 ? 21.383  -6.759  -6.885  1.00 41.26 ? 49   PRO B O   1 
ATOM   965  C CB  . PRO B 2 49 ? 18.526  -7.345  -8.188  1.00 40.63 ? 49   PRO B CB  1 
ATOM   966  C CG  . PRO B 2 49 ? 17.938  -6.706  -9.412  1.00 39.59 ? 49   PRO B CG  1 
ATOM   967  C CD  . PRO B 2 49 ? 17.433  -5.388  -8.948  1.00 39.99 ? 49   PRO B CD  1 
ATOM   968  N N   . GLU B 2 50 ? 21.096  -5.345  -8.595  1.00 41.70 ? 50   GLU B N   1 
ATOM   969  C CA  . GLU B 2 50 ? 22.546  -5.222  -8.761  1.00 42.34 ? 50   GLU B CA  1 
ATOM   970  C C   . GLU B 2 50 ? 23.103  -3.852  -8.353  1.00 41.88 ? 50   GLU B C   1 
ATOM   971  O O   . GLU B 2 50 ? 24.079  -3.364  -8.903  1.00 41.66 ? 50   GLU B O   1 
ATOM   972  C CB  . GLU B 2 50 ? 23.017  -5.705  -10.140 1.00 42.29 ? 50   GLU B CB  1 
ATOM   973  C CG  . GLU B 2 50 ? 22.459  -4.969  -11.326 1.00 43.65 ? 50   GLU B CG  1 
ATOM   974  C CD  . GLU B 2 50 ? 23.041  -5.479  -12.649 1.00 44.42 ? 50   GLU B CD  1 
ATOM   975  O OE1 . GLU B 2 50 ? 23.452  -6.663  -12.715 1.00 46.16 ? 50   GLU B OE1 1 
ATOM   976  O OE2 . GLU B 2 50 ? 23.092  -4.690  -13.625 1.00 46.88 ? 50   GLU B OE2 1 
ATOM   977  N N   . SER B 2 51 ? 22.468  -3.260  -7.348  1.00 42.01 ? 51   SER B N   1 
ATOM   978  C CA  . SER B 2 51 ? 22.935  -2.028  -6.739  1.00 42.16 ? 51   SER B CA  1 
ATOM   979  C C   . SER B 2 51 ? 24.236  -2.289  -5.984  1.00 42.04 ? 51   SER B C   1 
ATOM   980  O O   . SER B 2 51 ? 24.357  -3.293  -5.295  1.00 42.08 ? 51   SER B O   1 
ATOM   981  C CB  . SER B 2 51 ? 21.877  -1.463  -5.794  1.00 41.42 ? 51   SER B CB  1 
ATOM   982  O OG  . SER B 2 51 ? 22.402  -0.361  -5.085  1.00 42.59 ? 51   SER B OG  1 
ATOM   983  N N   . VAL B 2 52 ? 25.200  -1.383  -6.135  1.00 42.29 ? 52   VAL B N   1 
ATOM   984  C CA  . VAL B 2 52 ? 26.469  -1.420  -5.383  1.00 42.32 ? 52   VAL B CA  1 
ATOM   985  C C   . VAL B 2 52 ? 26.235  -1.438  -3.866  1.00 42.98 ? 52   VAL B C   1 
ATOM   986  O O   . VAL B 2 52 ? 27.078  -1.879  -3.091  1.00 43.34 ? 52   VAL B O   1 
ATOM   987  C CB  . VAL B 2 52 ? 27.378  -0.229  -5.748  1.00 41.74 ? 52   VAL B CB  1 
ATOM   988  C CG1 . VAL B 2 52 ? 27.894  -0.371  -7.165  1.00 41.21 ? 52   VAL B CG1 1 
ATOM   989  C CG2 . VAL B 2 52 ? 26.649  1.097   -5.564  1.00 40.53 ? 52   VAL B CG2 1 
ATOM   990  N N   . ALA B 2 53 ? 25.061  -0.970  -3.474  1.00 43.93 ? 53   ALA B N   1 
ATOM   991  C CA  . ALA B 2 53 ? 24.659  -0.873  -2.081  1.00 44.93 ? 53   ALA B CA  1 
ATOM   992  C C   . ALA B 2 53 ? 23.848  -2.080  -1.574  1.00 45.59 ? 53   ALA B C   1 
ATOM   993  O O   . ALA B 2 53 ? 23.369  -2.045  -0.444  1.00 46.10 ? 53   ALA B O   1 
ATOM   994  C CB  . ALA B 2 53 ? 23.861  0.430   -1.874  1.00 44.44 ? 53   ALA B CB  1 
ATOM   995  N N   . ARG B 2 54 ? 23.694  -3.128  -2.392  1.00 46.15 ? 54   ARG B N   1 
ATOM   996  C CA  . ARG B 2 54 ? 22.930  -4.316  -1.980  1.00 46.99 ? 54   ARG B CA  1 
ATOM   997  C C   . ARG B 2 54 ? 23.477  -5.026  -0.729  1.00 47.40 ? 54   ARG B C   1 
ATOM   998  O O   . ARG B 2 54 ? 22.707  -5.456  0.136   1.00 47.43 ? 54   ARG B O   1 
ATOM   999  C CB  . ARG B 2 54 ? 22.777  -5.325  -3.105  1.00 47.16 ? 54   ARG B CB  1 
ATOM   1000 C CG  . ARG B 2 54 ? 21.918  -6.488  -2.675  1.00 47.46 ? 54   ARG B CG  1 
ATOM   1001 C CD  . ARG B 2 54 ? 21.610  -7.371  -3.832  1.00 49.06 ? 54   ARG B CD  1 
ATOM   1002 N NE  . ARG B 2 54 ? 20.938  -8.585  -3.405  1.00 48.92 ? 54   ARG B NE  1 
ATOM   1003 C CZ  . ARG B 2 54 ? 20.183  -9.320  -4.202  1.00 48.85 ? 54   ARG B CZ  1 
ATOM   1004 N NH1 . ARG B 2 54 ? 19.998  -8.962  -5.461  1.00 48.87 ? 54   ARG B NH1 1 
ATOM   1005 N NH2 . ARG B 2 54 ? 19.607  -10.408 -3.733  1.00 49.99 ? 54   ARG B NH2 1 
ATOM   1006 N N   . THR B 2 55 ? 24.799  -5.142  -0.658  1.00 48.30 ? 55   THR B N   1 
ATOM   1007 C CA  . THR B 2 55 ? 25.527  -5.648  0.518   1.00 49.27 ? 55   THR B CA  1 
ATOM   1008 C C   . THR B 2 55 ? 25.104  -4.922  1.793   1.00 49.55 ? 55   THR B C   1 
ATOM   1009 O O   . THR B 2 55 ? 24.811  -5.535  2.827   1.00 49.94 ? 55   THR B O   1 
ATOM   1010 C CB  . THR B 2 55 ? 27.028  -5.359  0.335   1.00 49.15 ? 55   THR B CB  1 
ATOM   1011 O OG1 . THR B 2 55 ? 27.515  -6.086  -0.797  1.00 50.41 ? 55   THR B OG1 1 
ATOM   1012 C CG2 . THR B 2 55 ? 27.842  -5.731  1.580   1.00 50.11 ? 55   THR B CG2 1 
ATOM   1013 N N   . ALA B 2 56 ? 25.118  -3.595  1.699   1.00 49.84 ? 56   ALA B N   1 
ATOM   1014 C CA  . ALA B 2 56 ? 24.684  -2.697  2.770   1.00 49.87 ? 56   ALA B CA  1 
ATOM   1015 C C   . ALA B 2 56 ? 23.225  -2.868  3.184   1.00 50.03 ? 56   ALA B C   1 
ATOM   1016 O O   . ALA B 2 56 ? 22.922  -2.871  4.382   1.00 50.12 ? 56   ALA B O   1 
ATOM   1017 C CB  . ALA B 2 56 ? 24.931  -1.228  2.382   1.00 49.83 ? 56   ALA B CB  1 
ATOM   1018 N N   . TYR B 2 57 ? 22.316  -2.974  2.215   1.00 50.17 ? 57   TYR B N   1 
ATOM   1019 C CA  . TYR B 2 57 ? 20.904  -3.192  2.527   1.00 50.20 ? 57   TYR B CA  1 
ATOM   1020 C C   . TYR B 2 57 ? 20.714  -4.524  3.230   1.00 50.49 ? 57   TYR B C   1 
ATOM   1021 O O   . TYR B 2 57 ? 19.976  -4.611  4.206   1.00 50.67 ? 57   TYR B O   1 
ATOM   1022 C CB  . TYR B 2 57 ? 20.042  -3.194  1.269   1.00 49.97 ? 57   TYR B CB  1 
ATOM   1023 C CG  . TYR B 2 57 ? 20.168  -2.004  0.343   1.00 49.95 ? 57   TYR B CG  1 
ATOM   1024 C CD1 . TYR B 2 57 ? 20.274  -0.690  0.835   1.00 51.27 ? 57   TYR B CD1 1 
ATOM   1025 C CD2 . TYR B 2 57 ? 20.104  -2.191  -1.036  1.00 50.17 ? 57   TYR B CD2 1 
ATOM   1026 C CE1 . TYR B 2 57 ? 20.361  0.408   -0.044  1.00 52.49 ? 57   TYR B CE1 1 
ATOM   1027 C CE2 . TYR B 2 57 ? 20.173  -1.121  -1.920  1.00 51.09 ? 57   TYR B CE2 1 
ATOM   1028 C CZ  . TYR B 2 57 ? 20.305  0.175   -1.429  1.00 51.51 ? 57   TYR B CZ  1 
ATOM   1029 O OH  . TYR B 2 57 ? 20.378  1.203   -2.331  1.00 49.34 ? 57   TYR B OH  1 
ATOM   1030 N N   . GLU B 2 58 ? 21.374  -5.559  2.707   1.00 50.85 ? 58   GLU B N   1 
ATOM   1031 C CA  . GLU B 2 58 ? 21.283  -6.918  3.241   1.00 51.15 ? 58   GLU B CA  1 
ATOM   1032 C C   . GLU B 2 58 ? 21.848  -7.021  4.650   1.00 51.15 ? 58   GLU B C   1 
ATOM   1033 O O   . GLU B 2 58 ? 21.283  -7.716  5.492   1.00 51.65 ? 58   GLU B O   1 
ATOM   1034 C CB  . GLU B 2 58 ? 21.926  -7.927  2.286   1.00 51.30 ? 58   GLU B CB  1 
ATOM   1035 C CG  . GLU B 2 58 ? 20.893  -8.443  1.275   1.00 53.31 ? 58   GLU B CG  1 
ATOM   1036 C CD  . GLU B 2 58 ? 21.473  -9.129  0.049   1.00 55.30 ? 58   GLU B CD  1 
ATOM   1037 O OE1 . GLU B 2 58 ? 22.669  -9.501  0.043   1.00 55.79 ? 58   GLU B OE1 1 
ATOM   1038 O OE2 . GLU B 2 58 ? 20.698  -9.311  -0.920  1.00 57.28 ? 58   GLU B OE2 1 
ATOM   1039 N N   . GLN B 2 59 ? 22.938  -6.306  4.908   1.00 50.72 ? 59   GLN B N   1 
ATOM   1040 C CA  . GLN B 2 59 ? 23.479  -6.149  6.253   1.00 50.51 ? 59   GLN B CA  1 
ATOM   1041 C C   . GLN B 2 59 ? 22.454  -5.591  7.227   1.00 49.88 ? 59   GLN B C   1 
ATOM   1042 O O   . GLN B 2 59 ? 22.316  -6.100  8.347   1.00 50.01 ? 59   GLN B O   1 
ATOM   1043 C CB  . GLN B 2 59 ? 24.687  -5.197  6.243   1.00 51.03 ? 59   GLN B CB  1 
ATOM   1044 C CG  . GLN B 2 59 ? 25.238  -4.798  7.638   1.00 51.74 ? 59   GLN B CG  1 
ATOM   1045 C CD  . GLN B 2 59 ? 25.849  -5.984  8.400   1.00 56.12 ? 59   GLN B CD  1 
ATOM   1046 O OE1 . GLN B 2 59 ? 26.640  -6.764  7.849   1.00 56.31 ? 59   GLN B OE1 1 
ATOM   1047 N NE2 . GLN B 2 59 ? 25.481  -6.121  9.677   1.00 56.97 ? 59   GLN B NE2 1 
ATOM   1048 N N   . MET B 2 60 ? 21.773  -4.523  6.820   1.00 49.01 ? 60   MET B N   1 
ATOM   1049 C CA  . MET B 2 60 ? 20.799  -3.842  7.687   1.00 47.46 ? 60   MET B CA  1 
ATOM   1050 C C   . MET B 2 60 ? 19.588  -4.728  7.976   1.00 49.11 ? 60   MET B C   1 
ATOM   1051 O O   . MET B 2 60 ? 19.129  -4.784  9.116   1.00 49.46 ? 60   MET B O   1 
ATOM   1052 C CB  . MET B 2 60 ? 20.355  -2.478  7.135   1.00 47.24 ? 60   MET B CB  1 
ATOM   1053 C CG  . MET B 2 60 ? 21.463  -1.399  7.101   1.00 46.78 ? 60   MET B CG  1 
ATOM   1054 S SD  . MET B 2 60 ? 21.002  0.181   6.326   1.00 39.96 ? 60   MET B SD  1 
ATOM   1055 C CE  . MET B 2 60 ? 21.206  1.205   7.727   1.00 41.72 ? 60   MET B CE  1 
ATOM   1056 N N   . ILE B 2 61 ? 19.082  -5.422  6.956   1.00 50.06 ? 61   ILE B N   1 
ATOM   1057 C CA  . ILE B 2 61 ? 17.959  -6.366  7.117   1.00 50.93 ? 61   ILE B CA  1 
ATOM   1058 C C   . ILE B 2 61 ? 18.324  -7.450  8.116   1.00 51.72 ? 61   ILE B C   1 
ATOM   1059 O O   . ILE B 2 61 ? 17.592  -7.690  9.073   1.00 52.09 ? 61   ILE B O   1 
ATOM   1060 C CB  . ILE B 2 61 ? 17.511  -7.009  5.756   1.00 50.98 ? 61   ILE B CB  1 
ATOM   1061 C CG1 . ILE B 2 61 ? 16.887  -5.954  4.846   1.00 50.42 ? 61   ILE B CG1 1 
ATOM   1062 C CG2 . ILE B 2 61 ? 16.550  -8.202  5.964   1.00 50.37 ? 61   ILE B CG2 1 
ATOM   1063 C CD1 . ILE B 2 61 ? 16.904  -6.323  3.367   1.00 50.42 ? 61   ILE B CD1 1 
ATOM   1064 N N   . ASN B 2 62 ? 19.459  -8.099  7.901   1.00 52.78 ? 62   ASN B N   1 
ATOM   1065 C CA  . ASN B 2 62 ? 19.910  -9.139  8.822   1.00 53.84 ? 62   ASN B CA  1 
ATOM   1066 C C   . ASN B 2 62 ? 20.079  -8.633  10.251  1.00 54.24 ? 62   ASN B C   1 
ATOM   1067 O O   . ASN B 2 62 ? 19.661  -9.292  11.193  1.00 54.56 ? 62   ASN B O   1 
ATOM   1068 C CB  . ASN B 2 62 ? 21.171  -9.821  8.298   1.00 54.39 ? 62   ASN B CB  1 
ATOM   1069 C CG  . ASN B 2 62 ? 20.934  -10.549 6.966   1.00 56.06 ? 62   ASN B CG  1 
ATOM   1070 O OD1 . ASN B 2 62 ? 19.818  -10.545 6.412   1.00 58.28 ? 62   ASN B OD1 1 
ATOM   1071 N ND2 . ASN B 2 62 ? 21.985  -11.164 6.445   1.00 56.56 ? 62   ASN B ND2 1 
ATOM   1072 N N   . GLU B 2 63 ? 20.651  -7.447  10.404  1.00 54.86 ? 63   GLU B N   1 
ATOM   1073 C CA  . GLU B 2 63 ? 20.795  -6.831  11.715  1.00 55.57 ? 63   GLU B CA  1 
ATOM   1074 C C   . GLU B 2 63 ? 19.439  -6.532  12.370  1.00 55.16 ? 63   GLU B C   1 
ATOM   1075 O O   . GLU B 2 63 ? 19.291  -6.711  13.572  1.00 55.35 ? 63   GLU B O   1 
ATOM   1076 C CB  . GLU B 2 63 ? 21.662  -5.569  11.616  1.00 55.57 ? 63   GLU B CB  1 
ATOM   1077 C CG  . GLU B 2 63 ? 21.854  -4.808  12.915  1.00 56.36 ? 63   GLU B CG  1 
ATOM   1078 C CD  . GLU B 2 63 ? 22.753  -3.594  12.751  1.00 57.01 ? 63   GLU B CD  1 
ATOM   1079 O OE1 . GLU B 2 63 ? 22.392  -2.667  11.981  1.00 56.33 ? 63   GLU B OE1 1 
ATOM   1080 O OE2 . GLU B 2 63 ? 23.828  -3.577  13.403  1.00 59.74 ? 63   GLU B OE2 1 
ATOM   1081 N N   . TYR B 2 64 ? 18.455  -6.080  11.591  1.00 55.20 ? 64   TYR B N   1 
ATOM   1082 C CA  . TYR B 2 64 ? 17.132  -5.747  12.158  1.00 54.77 ? 64   TYR B CA  1 
ATOM   1083 C C   . TYR B 2 64 ? 16.312  -6.995  12.441  1.00 54.63 ? 64   TYR B C   1 
ATOM   1084 O O   . TYR B 2 64 ? 15.548  -7.017  13.398  1.00 54.60 ? 64   TYR B O   1 
ATOM   1085 C CB  . TYR B 2 64 ? 16.331  -4.742  11.300  1.00 54.49 ? 64   TYR B CB  1 
ATOM   1086 C CG  . TYR B 2 64 ? 17.046  -3.427  11.034  1.00 53.77 ? 64   TYR B CG  1 
ATOM   1087 C CD1 . TYR B 2 64 ? 17.995  -2.922  11.936  1.00 53.42 ? 64   TYR B CD1 1 
ATOM   1088 C CD2 . TYR B 2 64 ? 16.780  -2.692  9.879   1.00 53.07 ? 64   TYR B CD2 1 
ATOM   1089 C CE1 . TYR B 2 64 ? 18.667  -1.728  11.689  1.00 53.32 ? 64   TYR B CE1 1 
ATOM   1090 C CE2 . TYR B 2 64 ? 17.448  -1.485  9.619   1.00 52.76 ? 64   TYR B CE2 1 
ATOM   1091 C CZ  . TYR B 2 64 ? 18.381  -1.012  10.535  1.00 53.63 ? 64   TYR B CZ  1 
ATOM   1092 O OH  . TYR B 2 64 ? 19.046  0.165   10.297  1.00 54.05 ? 64   TYR B OH  1 
ATOM   1093 N N   . LYS B 2 65 ? 16.478  -8.023  11.612  1.00 54.64 ? 65   LYS B N   1 
ATOM   1094 C CA  . LYS B 2 65 ? 15.889  -9.340  11.864  1.00 54.95 ? 65   LYS B CA  1 
ATOM   1095 C C   . LYS B 2 65 ? 16.389  -9.932  13.174  1.00 54.98 ? 65   LYS B C   1 
ATOM   1096 O O   . LYS B 2 65 ? 15.594  -10.392 13.986  1.00 55.20 ? 65   LYS B O   1 
ATOM   1097 C CB  . LYS B 2 65 ? 16.178  -10.303 10.712  1.00 54.97 ? 65   LYS B CB  1 
ATOM   1098 C CG  . LYS B 2 65 ? 15.206  -10.181 9.554   1.00 55.87 ? 65   LYS B CG  1 
ATOM   1099 C CD  . LYS B 2 65 ? 15.568  -11.118 8.414   1.00 57.25 ? 65   LYS B CD  1 
ATOM   1100 C CE  . LYS B 2 65 ? 14.328  -11.599 7.669   1.00 58.25 ? 65   LYS B CE  1 
ATOM   1101 N NZ  . LYS B 2 65 ? 13.262  -10.556 7.567   1.00 58.71 ? 65   LYS B NZ  1 
ATOM   1102 N N   . LYS B 2 66 ? 17.707  -9.902  13.374  1.00 54.97 ? 66   LYS B N   1 
ATOM   1103 C CA  . LYS B 2 66 ? 18.323  -10.326 14.622  1.00 54.96 ? 66   LYS B CA  1 
ATOM   1104 C C   . LYS B 2 66 ? 17.816  -9.523  15.815  1.00 54.64 ? 66   LYS B C   1 
ATOM   1105 O O   . LYS B 2 66 ? 17.658  -10.066 16.909  1.00 54.94 ? 66   LYS B O   1 
ATOM   1106 C CB  . LYS B 2 66 ? 19.846  -10.246 14.522  1.00 55.24 ? 66   LYS B CB  1 
ATOM   1107 C CG  . LYS B 2 66 ? 20.469  -11.403 13.735  1.00 56.41 ? 66   LYS B CG  1 
ATOM   1108 C CD  . LYS B 2 66 ? 21.747  -10.962 13.018  1.00 57.64 ? 66   LYS B CD  1 
ATOM   1109 C CE  . LYS B 2 66 ? 21.952  -11.729 11.709  1.00 57.95 ? 66   LYS B CE  1 
ATOM   1110 N NZ  . LYS B 2 66 ? 22.460  -13.118 11.938  1.00 55.06 ? 66   LYS B NZ  1 
ATOM   1111 N N   . ARG B 2 67 ? 17.550  -8.242  15.607  1.00 54.21 ? 67   ARG B N   1 
ATOM   1112 C CA  . ARG B 2 67 ? 17.046  -7.395  16.679  1.00 53.93 ? 67   ARG B CA  1 
ATOM   1113 C C   . ARG B 2 67 ? 15.600  -7.744  17.034  1.00 53.96 ? 67   ARG B C   1 
ATOM   1114 O O   . ARG B 2 67 ? 15.223  -7.800  18.214  1.00 53.85 ? 67   ARG B O   1 
ATOM   1115 C CB  . ARG B 2 67 ? 17.176  -5.924  16.299  1.00 53.44 ? 67   ARG B CB  1 
ATOM   1116 C CG  . ARG B 2 67 ? 17.109  -5.000  17.471  1.00 52.43 ? 67   ARG B CG  1 
ATOM   1117 C CD  . ARG B 2 67 ? 18.036  -5.434  18.588  1.00 51.24 ? 67   ARG B CD  1 
ATOM   1118 N NE  . ARG B 2 67 ? 17.579  -4.863  19.847  1.00 50.60 ? 67   ARG B NE  1 
ATOM   1119 C CZ  . ARG B 2 67 ? 18.002  -5.232  21.043  1.00 48.97 ? 67   ARG B CZ  1 
ATOM   1120 N NH1 . ARG B 2 67 ? 18.908  -6.188  21.167  1.00 49.21 ? 67   ARG B NH1 1 
ATOM   1121 N NH2 . ARG B 2 67 ? 17.507  -4.640  22.113  1.00 48.96 ? 67   ARG B NH2 1 
ATOM   1122 N N   . ILE B 2 68 ? 14.798  -7.992  16.002  1.00 53.76 ? 68   ILE B N   1 
ATOM   1123 C CA  . ILE B 2 68 ? 13.403  -8.373  16.193  1.00 53.40 ? 68   ILE B CA  1 
ATOM   1124 C C   . ILE B 2 68 ? 13.324  -9.712  16.911  1.00 53.49 ? 68   ILE B C   1 
ATOM   1125 O O   . ILE B 2 68 ? 12.531  -9.858  17.834  1.00 53.35 ? 68   ILE B O   1 
ATOM   1126 C CB  . ILE B 2 68 ? 12.619  -8.404  14.865  1.00 53.25 ? 68   ILE B CB  1 
ATOM   1127 C CG1 . ILE B 2 68 ? 12.420  -6.987  14.331  1.00 52.65 ? 68   ILE B CG1 1 
ATOM   1128 C CG2 . ILE B 2 68 ? 11.264  -9.053  15.050  1.00 53.23 ? 68   ILE B CG2 1 
ATOM   1129 C CD1 . ILE B 2 68 ? 11.929  -6.962  12.922  1.00 51.50 ? 68   ILE B CD1 1 
ATOM   1130 N N   . SER B 2 69 ? 14.153  -10.671 16.489  1.00 53.76 ? 69   SER B N   1 
ATOM   1131 C CA  . SER B 2 69 ? 14.281  -11.966 17.167  1.00 54.14 ? 69   SER B CA  1 
ATOM   1132 C C   . SER B 2 69 ? 14.405  -11.815 18.679  1.00 54.11 ? 69   SER B C   1 
ATOM   1133 O O   . SER B 2 69 ? 13.636  -12.424 19.417  1.00 54.15 ? 69   SER B O   1 
ATOM   1134 C CB  . SER B 2 69 ? 15.456  -12.773 16.607  1.00 54.26 ? 69   SER B CB  1 
ATOM   1135 O OG  . SER B 2 69 ? 15.043  -13.592 15.523  1.00 54.74 ? 69   SER B OG  1 
ATOM   1136 N N   . TYR B 2 70 ? 15.342  -10.985 19.140  1.00 54.25 ? 70   TYR B N   1 
ATOM   1137 C CA  . TYR B 2 70 ? 15.401  -10.711 20.566  1.00 54.40 ? 70   TYR B CA  1 
ATOM   1138 C C   . TYR B 2 70 ? 14.161  -9.993  21.123  1.00 54.53 ? 70   TYR B C   1 
ATOM   1139 O O   . TYR B 2 70 ? 13.645  -10.395 22.154  1.00 54.78 ? 70   TYR B O   1 
ATOM   1140 C CB  . TYR B 2 70 ? 16.652  -9.959  21.038  1.00 54.66 ? 70   TYR B CB  1 
ATOM   1141 C CG  . TYR B 2 70 ? 16.348  -9.492  22.440  1.00 55.34 ? 70   TYR B CG  1 
ATOM   1142 C CD1 . TYR B 2 70 ? 16.426  -10.385 23.519  1.00 55.74 ? 70   TYR B CD1 1 
ATOM   1143 C CD2 . TYR B 2 70 ? 15.838  -8.208  22.676  1.00 55.44 ? 70   TYR B CD2 1 
ATOM   1144 C CE1 . TYR B 2 70 ? 16.065  -9.992  24.791  1.00 56.00 ? 70   TYR B CE1 1 
ATOM   1145 C CE2 . TYR B 2 70 ? 15.475  -7.806  23.944  1.00 55.46 ? 70   TYR B CE2 1 
ATOM   1146 C CZ  . TYR B 2 70 ? 15.590  -8.699  24.997  1.00 55.61 ? 70   TYR B CZ  1 
ATOM   1147 O OH  . TYR B 2 70 ? 15.248  -8.296  26.268  1.00 55.83 ? 70   TYR B OH  1 
ATOM   1148 N N   . LEU B 2 71 ? 13.709  -8.920  20.475  1.00 54.94 ? 71   LEU B N   1 
ATOM   1149 C CA  . LEU B 2 71 ? 12.642  -8.082  21.046  1.00 55.03 ? 71   LEU B CA  1 
ATOM   1150 C C   . LEU B 2 71 ? 11.307  -8.803  21.240  1.00 55.16 ? 71   LEU B C   1 
ATOM   1151 O O   . LEU B 2 71 ? 10.502  -8.414  22.088  1.00 55.13 ? 71   LEU B O   1 
ATOM   1152 C CB  . LEU B 2 71 ? 12.475  -6.781  20.253  1.00 54.97 ? 71   LEU B CB  1 
ATOM   1153 C CG  . LEU B 2 71 ? 13.552  -5.723  20.526  1.00 55.01 ? 71   LEU B CG  1 
ATOM   1154 C CD1 . LEU B 2 71 ? 13.497  -4.620  19.489  1.00 54.76 ? 71   LEU B CD1 1 
ATOM   1155 C CD2 . LEU B 2 71 ? 13.422  -5.135  21.929  1.00 55.19 ? 71   LEU B CD2 1 
ATOM   1156 N N   . GLU B 2 72 ? 11.085  -9.859  20.467  1.00 55.42 ? 72   GLU B N   1 
ATOM   1157 C CA  . GLU B 2 72 ? 9.961   -10.756 20.700  1.00 55.94 ? 72   GLU B CA  1 
ATOM   1158 C C   . GLU B 2 72 ? 10.015  -11.377 22.111  1.00 55.71 ? 72   GLU B C   1 
ATOM   1159 O O   . GLU B 2 72 ? 8.996   -11.824 22.630  1.00 55.66 ? 72   GLU B O   1 
ATOM   1160 C CB  . GLU B 2 72 ? 9.923   -11.860 19.635  1.00 56.24 ? 72   GLU B CB  1 
ATOM   1161 C CG  . GLU B 2 72 ? 8.792   -11.742 18.612  1.00 57.39 ? 72   GLU B CG  1 
ATOM   1162 C CD  . GLU B 2 72 ? 9.178   -10.959 17.374  1.00 59.56 ? 72   GLU B CD  1 
ATOM   1163 O OE1 . GLU B 2 72 ? 9.258   -11.565 16.281  1.00 60.06 ? 72   GLU B OE1 1 
ATOM   1164 O OE2 . GLU B 2 72 ? 9.397   -9.735  17.484  1.00 61.24 ? 72   GLU B OE2 1 
ATOM   1165 N N   . LYS B 2 73 ? 11.196  -11.338 22.731  1.00 55.51 ? 73   LYS B N   1 
ATOM   1166 C CA  . LYS B 2 73 ? 11.517  -12.117 23.934  1.00 55.38 ? 73   LYS B CA  1 
ATOM   1167 C C   . LYS B 2 73 ? 10.756  -11.941 25.259  1.00 55.42 ? 73   LYS B C   1 
ATOM   1168 O O   . LYS B 2 73 ? 10.891  -12.815 26.097  1.00 55.65 ? 73   LYS B O   1 
ATOM   1169 C CB  . LYS B 2 73 ? 13.030  -12.231 24.136  1.00 55.37 ? 73   LYS B CB  1 
ATOM   1170 C CG  . LYS B 2 73 ? 13.592  -13.587 23.722  1.00 55.12 ? 73   LYS B CG  1 
ATOM   1171 C CD  . LYS B 2 73 ? 12.612  -14.421 22.890  1.00 54.47 ? 73   LYS B CD  1 
ATOM   1172 C CE  . LYS B 2 73 ? 12.941  -14.385 21.391  1.00 53.87 ? 73   LYS B CE  1 
ATOM   1173 N NZ  . LYS B 2 73 ? 14.211  -15.160 21.040  1.00 54.22 ? 73   LYS B NZ  1 
ATOM   1174 N N   . VAL B 2 74 ? 10.057  -10.853 25.584  1.00 55.48 ? 74   VAL B N   1 
ATOM   1175 C CA  . VAL B 2 74 ? 10.491  -9.514  25.998  1.00 55.55 ? 74   VAL B CA  1 
ATOM   1176 C C   . VAL B 2 74 ? 9.450   -8.439  25.657  1.00 55.73 ? 74   VAL B C   1 
ATOM   1177 O O   . VAL B 2 74 ? 9.754   -7.256  25.495  1.00 56.00 ? 74   VAL B O   1 
ATOM   1178 C CB  . VAL B 2 74 ? 11.984  -9.173  25.780  1.00 55.66 ? 74   VAL B CB  1 
ATOM   1179 C CG1 . VAL B 2 74 ? 12.180  -8.110  24.698  1.00 55.88 ? 74   VAL B CG1 1 
ATOM   1180 C CG2 . VAL B 2 74 ? 12.566  -8.714  27.116  1.00 55.56 ? 74   VAL B CG2 1 
ATOM   1181 N N   . LEU B 2 75 ? 8.195   -8.881  25.610  1.00 55.61 ? 75   LEU B N   1 
ATOM   1182 C CA  . LEU B 2 75 ? 7.057   -8.004  25.339  1.00 55.51 ? 75   LEU B CA  1 
ATOM   1183 C C   . LEU B 2 75 ? 5.781   -8.488  26.037  1.00 55.50 ? 75   LEU B C   1 
ATOM   1184 O O   . LEU B 2 75 ? 5.817   -8.993  27.165  1.00 55.45 ? 75   LEU B O   1 
ATOM   1185 C CB  . LEU B 2 75 ? 6.833   -7.865  23.827  1.00 55.32 ? 75   LEU B CB  1 
HETATM 1186 O O1  . SRT C 3 .  ? -5.392  19.128  -10.314 1.00 62.63 ? 1076 SRT A O1  1 
HETATM 1187 O O11 . SRT C 3 .  ? -3.659  19.581  -11.602 1.00 62.61 ? 1076 SRT A O11 1 
HETATM 1188 C C1  . SRT C 3 .  ? -4.599  18.823  -11.250 1.00 61.73 ? 1076 SRT A C1  1 
HETATM 1189 C C2  . SRT C 3 .  ? -4.801  17.509  -11.982 1.00 59.39 ? 1076 SRT A C2  1 
HETATM 1190 O O2  . SRT C 3 .  ? -5.559  17.796  -13.165 1.00 59.42 ? 1076 SRT A O2  1 
HETATM 1191 C C3  . SRT C 3 .  ? -3.458  16.815  -12.297 1.00 58.21 ? 1076 SRT A C3  1 
HETATM 1192 O O3  . SRT C 3 .  ? -2.854  16.323  -11.087 1.00 57.57 ? 1076 SRT A O3  1 
HETATM 1193 C C4  . SRT C 3 .  ? -3.581  15.660  -13.277 1.00 56.54 ? 1076 SRT A C4  1 
HETATM 1194 O O4  . SRT C 3 .  ? -3.958  14.533  -12.872 1.00 53.94 ? 1076 SRT A O4  1 
HETATM 1195 O O41 . SRT C 3 .  ? -3.277  15.879  -14.477 1.00 55.12 ? 1076 SRT A O41 1 
HETATM 1196 H H2  . SRT C 3 .  ? -5.394  16.842  -11.346 1.00 59.62 ? 1076 SRT A H2  1 
HETATM 1197 H HA  . SRT C 3 .  ? -6.289  17.166  -13.241 1.00 59.42 ? 1076 SRT A HA  1 
HETATM 1198 H H3  . SRT C 3 .  ? -2.787  17.559  -12.748 1.00 58.00 ? 1076 SRT A H3  1 
HETATM 1199 H HB  . SRT C 3 .  ? -2.267  16.999  -10.721 1.00 57.77 ? 1076 SRT A HB  1 
HETATM 1200 O O1  . SRT D 3 .  ? 19.734  2.831   -10.546 1.00 57.95 ? 1076 SRT B O1  1 
HETATM 1201 O O11 . SRT D 3 .  ? 21.832  2.772   -11.200 1.00 59.49 ? 1076 SRT B O11 1 
HETATM 1202 C C1  . SRT D 3 .  ? 20.947  2.574   -10.328 1.00 57.76 ? 1076 SRT B C1  1 
HETATM 1203 C C2  . SRT D 3 .  ? 21.341  2.033   -8.965  1.00 55.30 ? 1076 SRT B C2  1 
HETATM 1204 O O2  . SRT D 3 .  ? 21.275  0.602   -8.950  1.00 54.34 ? 1076 SRT B O2  1 
HETATM 1205 C C3  . SRT D 3 .  ? 22.720  2.564   -8.527  1.00 53.77 ? 1076 SRT B C3  1 
HETATM 1206 O O3  . SRT D 3 .  ? 22.550  3.868   -7.944  1.00 53.59 ? 1076 SRT B O3  1 
HETATM 1207 C C4  . SRT D 3 .  ? 23.425  1.672   -7.528  1.00 52.64 ? 1076 SRT B C4  1 
HETATM 1208 O O4  . SRT D 3 .  ? 23.180  1.838   -6.303  1.00 50.54 ? 1076 SRT B O4  1 
HETATM 1209 O O41 . SRT D 3 .  ? 24.249  0.820   -7.962  1.00 49.95 ? 1076 SRT B O41 1 
HETATM 1210 H H2  . SRT D 3 .  ? 20.601  2.403   -8.252  1.00 55.30 ? 1076 SRT B H2  1 
HETATM 1211 H HA  . SRT D 3 .  ? 21.904  0.242   -9.591  1.00 54.64 ? 1076 SRT B HA  1 
HETATM 1212 H H3  . SRT D 3 .  ? 23.369  2.649   -9.410  1.00 53.81 ? 1076 SRT B H3  1 
HETATM 1213 H HB  . SRT D 3 .  ? 23.111  4.504   -8.408  1.00 53.65 ? 1076 SRT B HB  1 
HETATM 1214 O O   . HOH E 4 .  ? -17.640 9.001   -15.179 1.00 38.64 ? 2001 HOH A O   1 
HETATM 1215 O O   . HOH E 4 .  ? -15.605 20.494  -12.757 1.00 48.60 ? 2002 HOH A O   1 
HETATM 1216 O O   . HOH E 4 .  ? -12.811 21.085  -9.901  1.00 39.38 ? 2003 HOH A O   1 
HETATM 1217 O O   . HOH F 4 .  ? 18.904  6.477   15.752  1.00 30.51 ? 2001 HOH B O   1 
HETATM 1218 O O   . HOH F 4 .  ? 19.840  -2.026  15.779  1.00 51.88 ? 2002 HOH B O   1 
HETATM 1219 O O   . HOH F 4 .  ? 6.990   -0.059  1.694   1.00 43.02 ? 2003 HOH B O   1 
HETATM 1220 O O   . HOH F 4 .  ? 13.174  -5.431  -10.881 1.00 39.91 ? 2004 HOH B O   1 
HETATM 1221 O O   . HOH F 4 .  ? 19.966  -3.238  -10.483 1.00 40.39 ? 2005 HOH B O   1 
# 
